data_8JFA
#
_entry.id   8JFA
#
_cell.length_a   139.093
_cell.length_b   79.435
_cell.length_c   151.951
_cell.angle_alpha   90.00
_cell.angle_beta   106.92
_cell.angle_gamma   90.00
#
_symmetry.space_group_name_H-M   'C 1 2 1'
#
loop_
_entity.id
_entity.type
_entity.pdbx_description
1 polymer '3-oxoacyl-[acyl-carrier-protein] reductase'
2 non-polymer 'NADP NICOTINAMIDE-ADENINE-DINUCLEOTIDE PHOSPHATE'
3 water water
#
_entity_poly.entity_id   1
_entity_poly.type   'polypeptide(L)'
_entity_poly.pdbx_seq_one_letter_code
;MQFTGKNVLITGASKGIGAEIARTLASMGLKVWINYRSNAEVADALKNELEEKGYKAAVIKFDAASESDFVEAIQAIVQS
DGGLSYLVNNAGVVRDKLAIKMKTEDFHHVIDNNLTSAFIGCREALKVMSKSRFGSVVNIASIIGERGNMGQTNYSASKG
GMIAMSKSFAYEGALRNIRFNSVTPGFIETDMNANLKDELKADYVKNIPLNRLGAAKEVAEAVAFLLSDHSSYITGETLK
VNGGLYM
;
_entity_poly.pdbx_strand_id   A,B,C,D,E,F
#
# COMPACT_ATOMS: atom_id res chain seq x y z
N MET A 1 5.66 14.40 -8.60
CA MET A 1 5.52 13.53 -9.78
C MET A 1 4.13 13.74 -10.36
N GLN A 2 3.98 13.67 -11.67
CA GLN A 2 2.62 13.79 -12.19
C GLN A 2 1.83 12.49 -12.21
N PHE A 3 0.50 12.64 -12.11
CA PHE A 3 -0.47 11.55 -12.15
C PHE A 3 -1.62 12.00 -13.04
N THR A 4 -1.86 11.26 -14.13
CA THR A 4 -3.09 11.45 -14.89
C THR A 4 -4.32 10.99 -14.11
N GLY A 5 -4.18 9.97 -13.29
CA GLY A 5 -5.31 9.48 -12.53
C GLY A 5 -5.58 10.30 -11.29
N LYS A 6 -6.74 10.03 -10.67
CA LYS A 6 -7.24 10.89 -9.62
C LYS A 6 -7.25 10.26 -8.24
N ASN A 7 -7.28 8.93 -8.16
CA ASN A 7 -7.45 8.30 -6.87
C ASN A 7 -6.73 6.95 -6.82
N VAL A 8 -6.55 6.47 -5.59
CA VAL A 8 -5.73 5.32 -5.33
C VAL A 8 -6.25 4.64 -4.07
N LEU A 9 -6.41 3.32 -4.15
CA LEU A 9 -6.72 2.53 -2.96
C LEU A 9 -5.45 1.87 -2.47
N ILE A 10 -5.27 1.79 -1.15
CA ILE A 10 -4.12 1.17 -0.54
C ILE A 10 -4.62 0.21 0.53
N THR A 11 -4.34 -1.08 0.37
CA THR A 11 -4.75 -2.03 1.38
C THR A 11 -3.79 -2.00 2.56
N GLY A 12 -4.32 -2.24 3.76
CA GLY A 12 -3.51 -2.29 4.96
C GLY A 12 -2.73 -1.01 5.21
N ALA A 13 -3.40 0.14 5.06
CA ALA A 13 -2.73 1.43 4.99
C ALA A 13 -2.84 2.26 6.28
N SER A 14 -3.29 1.66 7.38
CA SER A 14 -3.49 2.44 8.59
C SER A 14 -2.19 2.77 9.33
N LYS A 15 -1.13 1.99 9.15
CA LYS A 15 0.12 2.29 9.81
C LYS A 15 1.29 1.80 8.97
N GLY A 16 2.50 2.17 9.40
CA GLY A 16 3.71 1.70 8.76
C GLY A 16 3.89 2.17 7.33
N ILE A 17 4.31 1.23 6.48
CA ILE A 17 4.63 1.55 5.10
C ILE A 17 3.39 1.98 4.34
N GLY A 18 2.25 1.32 4.60
CA GLY A 18 1.01 1.71 3.94
C GLY A 18 0.54 3.10 4.32
N ALA A 19 0.68 3.47 5.61
CA ALA A 19 0.37 4.84 6.01
C ALA A 19 1.26 5.82 5.28
N GLU A 20 2.56 5.54 5.24
CA GLU A 20 3.46 6.46 4.55
C GLU A 20 3.13 6.54 3.06
N ILE A 21 2.69 5.44 2.45
CA ILE A 21 2.32 5.49 1.04
C ILE A 21 1.10 6.38 0.86
N ALA A 22 0.12 6.27 1.77
CA ALA A 22 -1.05 7.15 1.75
C ALA A 22 -0.63 8.63 1.87
N ARG A 23 0.26 8.93 2.84
CA ARG A 23 0.79 10.28 3.15
C ARG A 23 1.47 10.88 1.91
N THR A 24 2.25 10.04 1.22
CA THR A 24 3.06 10.49 0.10
C THR A 24 2.19 10.72 -1.12
N LEU A 25 1.26 9.80 -1.39
CA LEU A 25 0.41 9.96 -2.56
C LEU A 25 -0.61 11.07 -2.34
N ALA A 26 -0.97 11.33 -1.08
CA ALA A 26 -1.85 12.45 -0.78
C ALA A 26 -1.17 13.78 -1.06
N SER A 27 0.08 13.95 -0.61
CA SER A 27 0.73 15.23 -0.83
C SER A 27 0.95 15.52 -2.32
N MET A 28 0.93 14.50 -3.17
CA MET A 28 1.15 14.72 -4.60
C MET A 28 -0.15 14.92 -5.36
N GLY A 29 -1.29 14.99 -4.67
CA GLY A 29 -2.55 15.36 -5.30
C GLY A 29 -3.57 14.25 -5.46
N LEU A 30 -3.29 13.02 -5.05
CA LEU A 30 -4.22 11.92 -5.23
C LEU A 30 -5.19 11.82 -4.05
N LYS A 31 -6.44 11.45 -4.33
CA LYS A 31 -7.38 11.16 -3.25
C LYS A 31 -7.13 9.75 -2.76
N VAL A 32 -6.76 9.60 -1.50
CA VAL A 32 -6.27 8.32 -1.00
C VAL A 32 -7.38 7.62 -0.23
N TRP A 33 -7.51 6.32 -0.45
CA TRP A 33 -8.45 5.49 0.29
C TRP A 33 -7.66 4.58 1.20
N ILE A 34 -7.85 4.76 2.51
CA ILE A 34 -7.07 4.10 3.55
C ILE A 34 -7.83 2.87 4.01
N ASN A 35 -7.40 1.69 3.57
CA ASN A 35 -8.07 0.45 3.96
C ASN A 35 -7.62 0.01 5.35
N TYR A 36 -8.57 -0.55 6.10
CA TYR A 36 -8.24 -1.15 7.39
C TYR A 36 -9.23 -2.28 7.67
N ARG A 37 -8.86 -3.18 8.58
CA ARG A 37 -9.78 -4.26 9.00
C ARG A 37 -10.33 -4.00 10.38
N SER A 38 -9.44 -3.86 11.37
CA SER A 38 -9.86 -3.91 12.76
C SER A 38 -10.19 -2.53 13.29
N ASN A 39 -9.45 -2.06 14.29
CA ASN A 39 -9.83 -0.79 14.92
C ASN A 39 -9.72 0.35 13.91
N ALA A 40 -10.65 1.29 14.01
CA ALA A 40 -10.68 2.40 13.07
C ALA A 40 -10.03 3.66 13.62
N GLU A 41 -9.79 3.70 14.94
CA GLU A 41 -8.98 4.77 15.56
C GLU A 41 -7.84 5.24 14.63
N VAL A 42 -6.88 4.33 14.39
CA VAL A 42 -5.59 4.71 13.82
C VAL A 42 -5.77 5.16 12.38
N ALA A 43 -6.70 4.52 11.65
CA ALA A 43 -7.00 4.91 10.29
C ALA A 43 -7.68 6.27 10.24
N ASP A 44 -8.63 6.53 11.15
CA ASP A 44 -9.20 7.87 11.22
C ASP A 44 -8.14 8.91 11.57
N ALA A 45 -7.21 8.56 12.45
CA ALA A 45 -6.13 9.48 12.77
C ALA A 45 -5.32 9.83 11.53
N LEU A 46 -4.97 8.82 10.74
CA LEU A 46 -4.30 9.06 9.46
C LEU A 46 -5.11 9.97 8.54
N LYS A 47 -6.40 9.66 8.38
CA LYS A 47 -7.30 10.45 7.53
C LYS A 47 -7.33 11.91 7.95
N ASN A 48 -7.50 12.13 9.26
CA ASN A 48 -7.58 13.46 9.82
C ASN A 48 -6.27 14.20 9.65
N GLU A 49 -5.14 13.50 9.74
CA GLU A 49 -3.86 14.17 9.51
C GLU A 49 -3.72 14.60 8.05
N LEU A 50 -4.26 13.81 7.11
CA LEU A 50 -4.05 14.15 5.70
C LEU A 50 -4.99 15.26 5.23
N GLU A 51 -6.30 15.09 5.39
CA GLU A 51 -7.19 16.26 5.48
C GLU A 51 -6.69 17.42 6.36
N GLU A 52 -5.90 17.26 7.39
CA GLU A 52 -5.42 18.52 8.02
C GLU A 52 -4.44 19.19 7.06
N LYS A 53 -3.66 18.40 6.29
CA LYS A 53 -2.53 18.93 5.56
C LYS A 53 -3.04 19.46 4.22
N GLY A 54 -4.35 19.67 4.11
CA GLY A 54 -5.00 20.15 2.90
C GLY A 54 -5.41 19.07 1.91
N TYR A 55 -5.38 17.80 2.29
CA TYR A 55 -5.59 16.77 1.24
C TYR A 55 -6.90 16.02 1.31
N LYS A 56 -7.25 15.35 0.23
CA LYS A 56 -8.47 14.54 0.14
C LYS A 56 -8.07 13.16 0.65
N ALA A 57 -8.88 12.57 1.49
CA ALA A 57 -8.53 11.27 2.07
C ALA A 57 -9.79 10.67 2.66
N ALA A 58 -9.94 9.39 2.51
CA ALA A 58 -11.13 8.71 3.02
C ALA A 58 -10.72 7.34 3.52
N VAL A 59 -11.33 6.90 4.61
CA VAL A 59 -11.07 5.56 5.13
C VAL A 59 -12.09 4.60 4.54
N ILE A 60 -11.72 3.31 4.52
CA ILE A 60 -12.63 2.26 4.08
C ILE A 60 -12.24 0.96 4.77
N LYS A 61 -13.25 0.26 5.27
CA LYS A 61 -13.06 -0.92 6.10
C LYS A 61 -13.35 -2.15 5.27
N PHE A 62 -12.38 -3.05 5.18
CA PHE A 62 -12.62 -4.32 4.52
C PHE A 62 -11.44 -5.23 4.79
N ASP A 63 -11.70 -6.53 4.72
CA ASP A 63 -10.66 -7.55 4.85
C ASP A 63 -10.20 -7.86 3.42
N ALA A 64 -8.91 -7.57 3.15
CA ALA A 64 -8.36 -7.71 1.80
C ALA A 64 -8.31 -9.17 1.36
N ALA A 65 -8.28 -10.10 2.29
CA ALA A 65 -8.25 -11.52 1.96
C ALA A 65 -9.64 -12.08 1.66
N SER A 66 -10.70 -11.29 1.80
CA SER A 66 -12.07 -11.75 1.55
C SER A 66 -12.55 -11.24 0.21
N GLU A 67 -12.93 -12.15 -0.69
CA GLU A 67 -13.26 -11.78 -2.06
C GLU A 67 -14.46 -10.85 -2.11
N SER A 68 -15.58 -11.23 -1.48
CA SER A 68 -16.78 -10.41 -1.56
C SER A 68 -16.54 -9.03 -0.99
N ASP A 69 -15.75 -8.97 0.08
CA ASP A 69 -15.67 -7.76 0.92
C ASP A 69 -14.71 -6.72 0.29
N PHE A 70 -13.71 -7.19 -0.41
CA PHE A 70 -12.86 -6.29 -1.15
C PHE A 70 -13.36 -6.05 -2.57
N VAL A 71 -14.21 -6.94 -3.14
CA VAL A 71 -14.89 -6.58 -4.39
C VAL A 71 -15.91 -5.46 -4.14
N GLU A 72 -16.64 -5.59 -3.04
CA GLU A 72 -17.66 -4.58 -2.72
C GLU A 72 -16.97 -3.25 -2.43
N ALA A 73 -15.88 -3.29 -1.66
CA ALA A 73 -15.18 -2.03 -1.39
C ALA A 73 -14.80 -1.32 -2.70
N ILE A 74 -14.21 -2.07 -3.66
CA ILE A 74 -13.86 -1.41 -4.92
C ILE A 74 -15.10 -0.82 -5.56
N GLN A 75 -16.23 -1.54 -5.51
CA GLN A 75 -17.45 -1.05 -6.15
C GLN A 75 -17.95 0.25 -5.50
N ALA A 76 -17.93 0.30 -4.17
CA ALA A 76 -18.31 1.52 -3.48
C ALA A 76 -17.38 2.68 -3.83
N ILE A 77 -16.07 2.44 -3.96
CA ILE A 77 -15.20 3.54 -4.38
C ILE A 77 -15.56 3.98 -5.79
N VAL A 78 -15.86 3.03 -6.68
CA VAL A 78 -16.19 3.39 -8.06
C VAL A 78 -17.43 4.27 -8.08
N GLN A 79 -18.39 3.98 -7.19
CA GLN A 79 -19.60 4.77 -7.17
C GLN A 79 -19.37 6.16 -6.57
N SER A 80 -18.48 6.26 -5.57
CA SER A 80 -18.23 7.57 -4.97
C SER A 80 -17.44 8.48 -5.89
N ASP A 81 -16.34 7.98 -6.46
CA ASP A 81 -15.42 8.80 -7.22
C ASP A 81 -15.64 8.73 -8.73
N GLY A 82 -16.41 7.75 -9.22
CA GLY A 82 -16.58 7.52 -10.64
C GLY A 82 -15.60 6.53 -11.25
N GLY A 83 -14.64 6.04 -10.48
CA GLY A 83 -13.61 5.17 -11.00
C GLY A 83 -12.47 5.04 -10.01
N LEU A 84 -11.47 4.26 -10.42
CA LEU A 84 -10.30 4.03 -9.57
C LEU A 84 -9.07 3.95 -10.49
N SER A 85 -8.17 4.92 -10.36
CA SER A 85 -7.04 4.93 -11.27
C SER A 85 -5.92 4.03 -10.79
N TYR A 86 -5.76 3.88 -9.48
CA TYR A 86 -4.56 3.31 -8.93
C TYR A 86 -4.84 2.36 -7.78
N LEU A 87 -4.03 1.31 -7.69
CA LEU A 87 -4.15 0.40 -6.56
C LEU A 87 -2.77 0.04 -6.03
N VAL A 88 -2.68 -0.13 -4.72
CA VAL A 88 -1.47 -0.56 -4.06
C VAL A 88 -1.83 -1.73 -3.15
N ASN A 89 -1.41 -2.93 -3.51
CA ASN A 89 -1.60 -4.09 -2.65
C ASN A 89 -0.49 -4.10 -1.61
N ASN A 90 -0.83 -3.70 -0.39
CA ASN A 90 0.14 -3.55 0.69
C ASN A 90 -0.18 -4.42 1.88
N ALA A 91 -1.43 -4.89 2.00
CA ALA A 91 -1.82 -5.76 3.11
C ALA A 91 -0.86 -6.94 3.23
N GLY A 92 -0.43 -7.21 4.45
CA GLY A 92 0.59 -8.21 4.67
C GLY A 92 0.78 -8.53 6.13
N VAL A 93 1.08 -9.79 6.42
CA VAL A 93 1.36 -10.25 7.77
C VAL A 93 2.59 -11.13 7.71
N VAL A 94 3.24 -11.31 8.86
CA VAL A 94 4.31 -12.27 9.03
C VAL A 94 3.96 -13.19 10.19
N ARG A 95 4.44 -14.44 10.11
CA ARG A 95 4.35 -15.45 11.17
C ARG A 95 5.63 -16.29 11.03
N ASP A 96 6.75 -15.68 11.41
CA ASP A 96 8.05 -16.32 11.23
C ASP A 96 8.23 -17.49 12.17
N LYS A 97 8.72 -18.60 11.63
CA LYS A 97 9.03 -19.75 12.48
C LYS A 97 9.82 -20.74 11.66
N LEU A 98 10.66 -21.53 12.32
CA LEU A 98 11.37 -22.58 11.60
C LEU A 98 10.39 -23.59 11.01
N ALA A 99 10.75 -24.11 9.83
CA ALA A 99 9.80 -24.90 9.04
C ALA A 99 9.34 -26.14 9.79
N ILE A 100 10.24 -26.82 10.50
CA ILE A 100 9.85 -28.01 11.24
C ILE A 100 8.88 -27.72 12.38
N LYS A 101 8.80 -26.47 12.83
CA LYS A 101 7.87 -26.06 13.87
C LYS A 101 6.57 -25.48 13.33
N MET A 102 6.40 -25.46 12.02
CA MET A 102 5.35 -24.70 11.36
C MET A 102 4.24 -25.63 10.90
N LYS A 103 3.06 -25.51 11.49
CA LYS A 103 1.91 -26.26 11.00
C LYS A 103 1.50 -25.71 9.64
N THR A 104 0.79 -26.53 8.86
CA THR A 104 0.28 -26.00 7.59
C THR A 104 -0.78 -24.95 7.80
N GLU A 105 -1.39 -24.91 8.98
CA GLU A 105 -2.21 -23.76 9.38
C GLU A 105 -1.38 -22.48 9.33
N ASP A 106 -0.18 -22.51 9.93
CA ASP A 106 0.71 -21.35 9.95
C ASP A 106 1.10 -20.92 8.54
N PHE A 107 1.25 -21.88 7.63
CA PHE A 107 1.63 -21.58 6.24
C PHE A 107 0.43 -21.03 5.46
N HIS A 108 -0.73 -21.68 5.61
CA HIS A 108 -1.93 -21.28 4.89
C HIS A 108 -2.34 -19.87 5.28
N HIS A 109 -2.22 -19.51 6.57
CA HIS A 109 -2.66 -18.19 7.00
C HIS A 109 -1.90 -17.10 6.25
N VAL A 110 -0.58 -17.18 6.24
CA VAL A 110 0.25 -16.18 5.58
C VAL A 110 0.06 -16.20 4.06
N ILE A 111 -0.07 -17.39 3.47
CA ILE A 111 -0.34 -17.47 2.04
C ILE A 111 -1.65 -16.76 1.72
N ASP A 112 -2.72 -17.22 2.34
CA ASP A 112 -4.08 -16.72 2.05
C ASP A 112 -4.14 -15.22 2.27
N ASN A 113 -3.38 -14.76 3.22
CA ASN A 113 -3.52 -13.37 3.63
C ASN A 113 -2.60 -12.44 2.85
N ASN A 114 -1.47 -12.93 2.37
CA ASN A 114 -0.53 -12.09 1.64
C ASN A 114 -0.67 -12.20 0.13
N LEU A 115 -0.98 -13.38 -0.39
CA LEU A 115 -1.01 -13.56 -1.84
C LEU A 115 -2.41 -13.56 -2.43
N THR A 116 -3.38 -14.15 -1.74
CA THR A 116 -4.75 -14.11 -2.25
C THR A 116 -5.28 -12.68 -2.26
N SER A 117 -4.97 -11.89 -1.23
CA SER A 117 -5.40 -10.49 -1.20
C SER A 117 -4.88 -9.72 -2.41
N ALA A 118 -3.61 -9.90 -2.73
CA ALA A 118 -3.06 -9.27 -3.93
C ALA A 118 -3.77 -9.76 -5.19
N PHE A 119 -4.12 -11.06 -5.23
CA PHE A 119 -4.85 -11.54 -6.40
C PHE A 119 -6.20 -10.84 -6.52
N ILE A 120 -6.93 -10.71 -5.40
CA ILE A 120 -8.25 -10.08 -5.44
C ILE A 120 -8.12 -8.62 -5.85
N GLY A 121 -7.04 -7.95 -5.40
CA GLY A 121 -6.80 -6.57 -5.79
C GLY A 121 -6.49 -6.39 -7.27
N CYS A 122 -5.65 -7.26 -7.81
CA CYS A 122 -5.20 -7.11 -9.19
C CYS A 122 -6.28 -7.49 -10.22
N ARG A 123 -7.04 -8.57 -9.98
CA ARG A 123 -8.22 -8.87 -10.80
C ARG A 123 -9.24 -7.74 -10.76
N GLU A 124 -9.64 -7.28 -9.55
CA GLU A 124 -10.62 -6.20 -9.52
C GLU A 124 -10.09 -4.94 -10.21
N ALA A 125 -8.78 -4.68 -10.09
CA ALA A 125 -8.16 -3.58 -10.84
C ALA A 125 -8.32 -3.78 -12.34
N LEU A 126 -8.05 -4.99 -12.82
CA LEU A 126 -8.30 -5.32 -14.23
C LEU A 126 -9.72 -4.96 -14.62
N LYS A 127 -10.68 -5.28 -13.74
CA LYS A 127 -12.08 -5.07 -14.09
C LYS A 127 -12.40 -3.59 -14.18
N VAL A 128 -12.00 -2.83 -13.17
CA VAL A 128 -12.47 -1.44 -13.07
C VAL A 128 -11.67 -0.48 -13.92
N MET A 129 -10.45 -0.85 -14.32
CA MET A 129 -9.58 0.05 -15.05
C MET A 129 -9.64 -0.16 -16.55
N SER A 130 -10.26 -1.26 -16.98
CA SER A 130 -10.18 -1.68 -18.38
C SER A 130 -10.93 -0.71 -19.29
N LYS A 131 -12.11 -0.25 -18.87
CA LYS A 131 -12.92 0.60 -19.74
C LYS A 131 -12.21 1.90 -20.07
N SER A 132 -11.62 2.53 -19.06
CA SER A 132 -10.93 3.81 -19.25
C SER A 132 -9.58 3.65 -19.95
N ARG A 133 -9.10 2.42 -20.10
CA ARG A 133 -7.79 2.14 -20.70
C ARG A 133 -6.70 2.92 -19.99
N PHE A 134 -6.76 2.91 -18.66
CA PHE A 134 -5.74 3.57 -17.87
C PHE A 134 -5.71 2.99 -16.46
N GLY A 135 -4.50 2.71 -15.95
CA GLY A 135 -4.39 2.28 -14.57
C GLY A 135 -2.99 1.87 -14.16
N SER A 136 -2.72 1.84 -12.87
CA SER A 136 -1.41 1.40 -12.40
C SER A 136 -1.59 0.75 -11.04
N VAL A 137 -0.95 -0.41 -10.89
CA VAL A 137 -1.04 -1.20 -9.68
C VAL A 137 0.36 -1.52 -9.22
N VAL A 138 0.59 -1.38 -7.94
CA VAL A 138 1.90 -1.71 -7.37
C VAL A 138 1.68 -2.72 -6.27
N ASN A 139 2.45 -3.76 -6.31
CA ASN A 139 2.35 -4.81 -5.30
C ASN A 139 3.59 -4.64 -4.46
N ILE A 140 3.40 -4.55 -3.16
CA ILE A 140 4.55 -4.35 -2.26
C ILE A 140 4.98 -5.75 -1.93
N ALA A 141 6.13 -6.17 -2.41
CA ALA A 141 6.64 -7.50 -2.09
C ALA A 141 7.71 -7.34 -1.06
N SER A 142 8.76 -8.09 -1.20
CA SER A 142 9.88 -8.06 -0.25
C SER A 142 11.12 -8.62 -0.90
N ILE A 143 12.27 -8.39 -0.29
CA ILE A 143 13.57 -8.98 -0.70
C ILE A 143 13.51 -10.47 -0.41
N ILE A 144 12.81 -10.87 0.64
CA ILE A 144 12.62 -12.29 0.97
C ILE A 144 11.95 -13.01 -0.20
N GLY A 145 11.02 -12.41 -0.91
CA GLY A 145 10.47 -13.07 -2.08
C GLY A 145 11.52 -13.22 -3.15
N GLU A 146 12.60 -12.48 -3.08
CA GLU A 146 13.64 -12.68 -4.10
C GLU A 146 14.75 -13.61 -3.63
N ARG A 147 15.14 -13.59 -2.38
CA ARG A 147 16.26 -14.50 -2.07
C ARG A 147 15.89 -15.54 -1.04
N GLY A 148 14.76 -15.41 -0.35
CA GLY A 148 14.45 -16.35 0.71
C GLY A 148 15.12 -15.94 2.01
N ASN A 149 14.72 -16.61 3.09
CA ASN A 149 15.26 -16.34 4.40
C ASN A 149 14.92 -17.51 5.32
N MET A 150 15.81 -17.76 6.28
CA MET A 150 15.57 -18.84 7.22
C MET A 150 14.51 -18.42 8.22
N GLY A 151 13.58 -19.35 8.50
CA GLY A 151 12.43 -19.07 9.33
C GLY A 151 11.24 -18.48 8.60
N GLN A 152 11.36 -18.24 7.29
CA GLN A 152 10.37 -17.47 6.54
C GLN A 152 9.94 -18.19 5.26
N THR A 153 9.86 -19.52 5.31
CA THR A 153 9.32 -20.28 4.18
C THR A 153 7.95 -19.76 3.76
N ASN A 154 7.06 -19.49 4.72
CA ASN A 154 5.72 -19.04 4.36
C ASN A 154 5.76 -17.63 3.76
N TYR A 155 6.36 -16.67 4.46
CA TYR A 155 6.42 -15.31 3.96
C TYR A 155 7.08 -15.25 2.59
N SER A 156 8.21 -15.94 2.44
CA SER A 156 8.92 -15.93 1.16
C SER A 156 8.07 -16.54 0.06
N ALA A 157 7.36 -17.64 0.35
CA ALA A 157 6.46 -18.22 -0.64
C ALA A 157 5.42 -17.20 -1.09
N SER A 158 4.77 -16.54 -0.13
CA SER A 158 3.74 -15.57 -0.48
C SER A 158 4.31 -14.43 -1.32
N LYS A 159 5.48 -13.92 -0.94
CA LYS A 159 6.00 -12.74 -1.61
C LYS A 159 6.60 -13.07 -2.99
N GLY A 160 7.25 -14.21 -3.14
CA GLY A 160 7.73 -14.61 -4.47
C GLY A 160 6.61 -14.98 -5.42
N GLY A 161 5.55 -15.64 -4.90
CA GLY A 161 4.35 -15.79 -5.68
C GLY A 161 3.71 -14.47 -6.07
N MET A 162 3.74 -13.49 -5.16
CA MET A 162 3.24 -12.16 -5.51
C MET A 162 4.04 -11.59 -6.68
N ILE A 163 5.36 -11.75 -6.64
CA ILE A 163 6.23 -11.17 -7.68
C ILE A 163 5.94 -11.80 -9.04
N ALA A 164 5.73 -13.12 -9.10
CA ALA A 164 5.44 -13.75 -10.40
C ALA A 164 4.01 -13.49 -10.87
N MET A 165 3.05 -13.54 -9.94
CA MET A 165 1.67 -13.25 -10.32
C MET A 165 1.56 -11.84 -10.89
N SER A 166 2.36 -10.90 -10.38
CA SER A 166 2.29 -9.52 -10.87
C SER A 166 2.73 -9.42 -12.32
N LYS A 167 3.77 -10.17 -12.71
CA LYS A 167 4.10 -10.21 -14.13
C LYS A 167 2.95 -10.83 -14.93
N SER A 168 2.26 -11.82 -14.37
CA SER A 168 1.15 -12.40 -15.13
C SER A 168 0.04 -11.38 -15.35
N PHE A 169 -0.29 -10.63 -14.30
CA PHE A 169 -1.25 -9.55 -14.42
C PHE A 169 -0.77 -8.47 -15.39
N ALA A 170 0.54 -8.21 -15.41
CA ALA A 170 1.05 -7.21 -16.35
C ALA A 170 0.78 -7.64 -17.78
N TYR A 171 1.01 -8.93 -18.08
CA TYR A 171 0.67 -9.47 -19.40
C TYR A 171 -0.80 -9.27 -19.70
N GLU A 172 -1.67 -9.54 -18.70
CA GLU A 172 -3.09 -9.49 -18.99
C GLU A 172 -3.61 -8.08 -19.15
N GLY A 173 -3.03 -7.12 -18.42
CA GLY A 173 -3.49 -5.75 -18.52
C GLY A 173 -2.78 -4.86 -19.53
N ALA A 174 -1.74 -5.39 -20.19
CA ALA A 174 -0.90 -4.52 -21.02
C ALA A 174 -1.69 -3.85 -22.13
N LEU A 175 -2.53 -4.61 -22.83
CA LEU A 175 -3.19 -4.09 -24.03
C LEU A 175 -4.15 -2.94 -23.71
N ARG A 176 -4.72 -2.91 -22.52
CA ARG A 176 -5.61 -1.87 -22.07
C ARG A 176 -4.87 -0.72 -21.40
N ASN A 177 -3.52 -0.76 -21.37
CA ASN A 177 -2.67 0.22 -20.65
C ASN A 177 -2.94 0.22 -19.15
N ILE A 178 -3.12 -0.97 -18.57
CA ILE A 178 -3.09 -1.14 -17.13
C ILE A 178 -1.78 -1.81 -16.77
N ARG A 179 -0.95 -1.11 -16.03
CA ARG A 179 0.40 -1.55 -15.70
C ARG A 179 0.42 -2.19 -14.33
N PHE A 180 1.24 -3.23 -14.18
CA PHE A 180 1.46 -3.89 -12.91
C PHE A 180 2.96 -3.96 -12.66
N ASN A 181 3.36 -3.69 -11.42
CA ASN A 181 4.75 -3.66 -11.02
C ASN A 181 4.84 -3.97 -9.54
N SER A 182 5.94 -4.59 -9.15
CA SER A 182 6.23 -4.87 -7.75
C SER A 182 7.34 -3.99 -7.21
N VAL A 183 7.31 -3.83 -5.89
CA VAL A 183 8.40 -3.25 -5.11
C VAL A 183 8.90 -4.30 -4.13
N THR A 184 10.21 -4.40 -4.00
CA THR A 184 10.79 -5.33 -3.03
C THR A 184 11.63 -4.51 -2.07
N PRO A 185 11.03 -4.04 -0.98
CA PRO A 185 11.83 -3.37 0.04
C PRO A 185 12.76 -4.36 0.73
N GLY A 186 13.84 -3.82 1.28
CA GLY A 186 14.71 -4.60 2.14
C GLY A 186 14.31 -4.43 3.60
N PHE A 187 15.24 -4.01 4.44
CA PHE A 187 14.97 -3.74 5.84
C PHE A 187 14.51 -2.29 5.97
N ILE A 188 13.30 -2.08 6.46
CA ILE A 188 12.69 -0.75 6.57
C ILE A 188 12.41 -0.45 8.03
N GLU A 189 12.73 0.77 8.46
CA GLU A 189 12.50 1.18 9.85
C GLU A 189 11.02 1.03 10.20
N ASP A 203 24.25 -4.37 13.04
CA ASP A 203 24.18 -5.83 12.98
C ASP A 203 23.63 -6.31 11.65
N TYR A 204 22.33 -6.07 11.57
CA TYR A 204 21.50 -6.17 10.37
C TYR A 204 22.11 -5.16 9.39
N VAL A 205 22.25 -3.90 9.84
CA VAL A 205 22.65 -2.78 9.00
C VAL A 205 23.94 -3.13 8.28
N LYS A 206 24.77 -3.95 8.93
CA LYS A 206 26.10 -4.34 8.51
C LYS A 206 26.17 -4.69 7.04
N ASN A 207 25.24 -5.53 6.60
CA ASN A 207 25.17 -6.10 5.27
C ASN A 207 24.56 -5.15 4.26
N ILE A 208 24.07 -3.99 4.66
CA ILE A 208 23.53 -2.99 3.78
C ILE A 208 24.60 -2.08 3.34
N PRO A 209 25.04 -2.04 2.08
CA PRO A 209 26.01 -1.07 1.61
C PRO A 209 25.72 0.36 2.04
N LEU A 210 24.49 0.85 1.89
CA LEU A 210 24.16 2.20 2.33
C LEU A 210 24.26 2.37 3.85
N ASN A 211 24.49 1.28 4.58
CA ASN A 211 24.84 1.33 6.00
C ASN A 211 23.74 1.92 6.87
N ARG A 212 22.50 1.93 6.40
CA ARG A 212 21.38 2.37 7.23
C ARG A 212 20.12 1.63 6.83
N LEU A 213 19.16 1.57 7.76
CA LEU A 213 17.84 1.10 7.43
C LEU A 213 17.14 2.07 6.50
N GLY A 214 16.15 1.56 5.78
CA GLY A 214 15.37 2.38 4.89
C GLY A 214 14.21 3.04 5.61
N ALA A 215 13.94 4.27 5.23
CA ALA A 215 12.76 4.96 5.69
C ALA A 215 11.55 4.43 4.92
N ALA A 216 10.42 4.25 5.63
CA ALA A 216 9.17 3.94 4.94
C ALA A 216 8.94 4.92 3.81
N LYS A 217 9.57 6.07 3.92
CA LYS A 217 9.35 7.20 3.06
C LYS A 217 9.98 6.94 1.68
N GLU A 218 11.13 6.24 1.64
CA GLU A 218 11.79 5.89 0.39
C GLU A 218 11.04 4.78 -0.34
N VAL A 219 10.54 3.77 0.40
CA VAL A 219 9.61 2.81 -0.19
C VAL A 219 8.43 3.54 -0.82
N ALA A 220 7.81 4.45 -0.07
CA ALA A 220 6.59 5.10 -0.56
C ALA A 220 6.85 5.89 -1.83
N GLU A 221 8.01 6.54 -1.92
CA GLU A 221 8.32 7.29 -3.13
C GLU A 221 8.63 6.38 -4.33
N ALA A 222 9.24 5.21 -4.09
CA ALA A 222 9.38 4.24 -5.18
C ALA A 222 8.01 3.81 -5.70
N VAL A 223 7.08 3.50 -4.78
CA VAL A 223 5.72 3.19 -5.18
C VAL A 223 5.13 4.33 -6.00
N ALA A 224 5.34 5.57 -5.55
CA ALA A 224 4.75 6.72 -6.24
C ALA A 224 5.24 6.81 -7.67
N PHE A 225 6.56 6.68 -7.87
CA PHE A 225 7.14 6.61 -9.21
C PHE A 225 6.45 5.54 -10.06
N LEU A 226 6.25 4.34 -9.51
CA LEU A 226 5.65 3.29 -10.34
C LEU A 226 4.19 3.60 -10.69
N LEU A 227 3.43 4.18 -9.77
CA LEU A 227 2.07 4.62 -10.11
C LEU A 227 2.08 5.79 -11.10
N SER A 228 3.09 6.65 -11.05
CA SER A 228 3.08 7.92 -11.76
C SER A 228 3.17 7.71 -13.28
N ASP A 229 2.92 8.80 -14.02
CA ASP A 229 3.07 8.84 -15.46
C ASP A 229 4.53 8.74 -15.91
N HIS A 230 5.49 8.90 -14.99
CA HIS A 230 6.90 8.85 -15.36
C HIS A 230 7.37 7.44 -15.68
N SER A 231 6.65 6.42 -15.20
CA SER A 231 6.97 5.02 -15.48
C SER A 231 6.04 4.43 -16.54
N SER A 232 5.58 5.24 -17.50
CA SER A 232 4.47 4.82 -18.36
C SER A 232 4.85 3.71 -19.34
N TYR A 233 6.13 3.46 -19.53
CA TYR A 233 6.63 2.37 -20.37
C TYR A 233 7.22 1.23 -19.54
N ILE A 234 6.88 1.16 -18.25
CA ILE A 234 7.39 0.15 -17.33
C ILE A 234 6.22 -0.69 -16.81
N THR A 235 6.23 -1.98 -17.14
CA THR A 235 5.28 -2.91 -16.57
C THR A 235 5.96 -4.27 -16.45
N GLY A 236 5.56 -5.04 -15.45
CA GLY A 236 6.20 -6.32 -15.21
C GLY A 236 7.54 -6.25 -14.52
N GLU A 237 7.86 -5.13 -13.90
CA GLU A 237 9.16 -4.92 -13.27
C GLU A 237 9.07 -5.22 -11.78
N THR A 238 10.23 -5.54 -11.18
CA THR A 238 10.37 -5.75 -9.75
C THR A 238 11.42 -4.74 -9.31
N LEU A 239 11.01 -3.59 -8.77
CA LEU A 239 11.93 -2.53 -8.38
C LEU A 239 12.43 -2.74 -6.95
N LYS A 240 13.74 -2.92 -6.80
CA LYS A 240 14.35 -3.20 -5.50
C LYS A 240 14.59 -1.91 -4.73
N VAL A 241 14.19 -1.90 -3.46
CA VAL A 241 14.39 -0.78 -2.56
C VAL A 241 15.03 -1.31 -1.30
N ASN A 242 16.35 -1.55 -1.34
CA ASN A 242 17.00 -2.29 -0.26
C ASN A 242 18.40 -1.78 0.06
N GLY A 243 18.81 -0.63 -0.46
CA GLY A 243 20.08 -0.06 -0.06
C GLY A 243 21.29 -0.87 -0.46
N GLY A 244 21.20 -1.60 -1.58
CA GLY A 244 22.25 -2.49 -1.99
C GLY A 244 22.26 -3.85 -1.34
N LEU A 245 21.33 -4.12 -0.40
CA LEU A 245 21.38 -5.38 0.35
C LEU A 245 21.31 -6.59 -0.56
N TYR A 246 20.73 -6.44 -1.74
CA TYR A 246 20.57 -7.53 -2.70
C TYR A 246 20.51 -6.92 -4.10
N MET A 247 21.39 -7.39 -4.98
CA MET A 247 21.53 -6.86 -6.33
C MET A 247 21.45 -7.99 -7.37
N MET B 1 24.56 -41.42 -13.92
CA MET B 1 25.03 -40.51 -12.88
C MET B 1 25.20 -41.28 -11.58
N GLN B 2 26.05 -40.75 -10.71
CA GLN B 2 26.31 -41.36 -9.42
C GLN B 2 25.34 -40.85 -8.36
N PHE B 3 24.84 -41.76 -7.53
CA PHE B 3 24.00 -41.43 -6.39
C PHE B 3 24.55 -42.08 -5.14
N THR B 4 24.83 -41.28 -4.12
CA THR B 4 25.13 -41.81 -2.80
C THR B 4 23.87 -42.36 -2.13
N GLY B 5 22.73 -41.71 -2.36
CA GLY B 5 21.50 -42.14 -1.75
C GLY B 5 20.83 -43.28 -2.49
N LYS B 6 19.87 -43.91 -1.80
CA LYS B 6 19.34 -45.18 -2.26
C LYS B 6 17.91 -45.15 -2.78
N ASN B 7 17.07 -44.24 -2.31
CA ASN B 7 15.69 -44.23 -2.77
C ASN B 7 15.17 -42.80 -2.89
N VAL B 8 14.07 -42.68 -3.62
CA VAL B 8 13.50 -41.40 -4.01
C VAL B 8 11.97 -41.51 -4.02
N LEU B 9 11.31 -40.49 -3.50
CA LEU B 9 9.86 -40.36 -3.64
C LEU B 9 9.54 -39.26 -4.65
N ILE B 10 8.81 -39.60 -5.70
CA ILE B 10 8.33 -38.63 -6.68
C ILE B 10 6.82 -38.49 -6.52
N THR B 11 6.35 -37.27 -6.22
CA THR B 11 4.91 -37.04 -6.11
C THR B 11 4.33 -36.80 -7.49
N GLY B 12 3.12 -37.34 -7.72
CA GLY B 12 2.45 -37.14 -8.98
C GLY B 12 3.12 -37.84 -10.15
N ALA B 13 3.65 -39.04 -9.90
CA ALA B 13 4.57 -39.71 -10.79
C ALA B 13 3.94 -40.73 -11.73
N SER B 14 2.61 -40.84 -11.78
CA SER B 14 2.00 -41.94 -12.53
C SER B 14 2.02 -41.72 -14.04
N LYS B 15 2.23 -40.48 -14.46
CA LYS B 15 2.19 -40.22 -15.91
C LYS B 15 2.88 -38.90 -16.28
N GLY B 16 3.23 -38.71 -17.53
CA GLY B 16 3.91 -37.51 -17.98
C GLY B 16 5.31 -37.36 -17.41
N ILE B 17 5.66 -36.11 -17.11
CA ILE B 17 7.00 -35.79 -16.65
C ILE B 17 7.36 -36.59 -15.40
N GLY B 18 6.43 -36.70 -14.45
CA GLY B 18 6.71 -37.47 -13.25
C GLY B 18 7.02 -38.93 -13.53
N ALA B 19 6.26 -39.55 -14.45
CA ALA B 19 6.57 -40.91 -14.85
C ALA B 19 7.96 -41.00 -15.47
N GLU B 20 8.33 -40.00 -16.27
CA GLU B 20 9.66 -40.03 -16.85
C GLU B 20 10.76 -39.80 -15.82
N ILE B 21 10.54 -38.95 -14.80
CA ILE B 21 11.52 -38.88 -13.72
C ILE B 21 11.68 -40.25 -13.05
N ALA B 22 10.55 -40.93 -12.80
CA ALA B 22 10.62 -42.25 -12.17
C ALA B 22 11.43 -43.22 -13.03
N ARG B 23 11.15 -43.24 -14.32
CA ARG B 23 11.85 -44.13 -15.25
C ARG B 23 13.35 -43.83 -15.26
N THR B 24 13.72 -42.54 -15.36
CA THR B 24 15.13 -42.17 -15.44
C THR B 24 15.88 -42.50 -14.15
N LEU B 25 15.30 -42.13 -13.01
CA LEU B 25 15.94 -42.41 -11.73
C LEU B 25 16.01 -43.90 -11.45
N ALA B 26 14.97 -44.66 -11.86
CA ALA B 26 15.02 -46.11 -11.76
C ALA B 26 16.18 -46.68 -12.57
N SER B 27 16.36 -46.19 -13.80
CA SER B 27 17.42 -46.71 -14.65
C SER B 27 18.79 -46.35 -14.14
N MET B 28 18.88 -45.47 -13.16
CA MET B 28 20.18 -45.08 -12.55
C MET B 28 20.33 -45.78 -11.22
N GLY B 29 19.56 -46.83 -11.00
CA GLY B 29 19.72 -47.65 -9.83
C GLY B 29 19.06 -47.16 -8.54
N LEU B 30 18.18 -46.17 -8.60
CA LEU B 30 17.46 -45.76 -7.41
C LEU B 30 16.15 -46.54 -7.31
N LYS B 31 15.77 -46.87 -6.08
CA LYS B 31 14.43 -47.42 -5.86
C LYS B 31 13.44 -46.27 -5.86
N VAL B 32 12.57 -46.24 -6.87
CA VAL B 32 11.63 -45.15 -7.05
C VAL B 32 10.29 -45.51 -6.40
N TRP B 33 9.75 -44.59 -5.61
CA TRP B 33 8.40 -44.70 -5.04
C TRP B 33 7.49 -43.83 -5.89
N ILE B 34 6.61 -44.45 -6.65
CA ILE B 34 5.75 -43.75 -7.59
C ILE B 34 4.48 -43.34 -6.85
N ASN B 35 4.27 -42.05 -6.68
CA ASN B 35 3.06 -41.59 -6.05
C ASN B 35 1.92 -41.50 -7.06
N TYR B 36 0.72 -41.87 -6.58
CA TYR B 36 -0.52 -41.51 -7.25
C TYR B 36 -1.60 -41.13 -6.23
N ARG B 37 -2.63 -40.50 -6.77
CA ARG B 37 -3.74 -39.98 -5.97
C ARG B 37 -5.02 -40.77 -6.18
N SER B 38 -5.41 -41.01 -7.42
CA SER B 38 -6.71 -41.59 -7.74
C SER B 38 -6.62 -43.01 -8.25
N ASN B 39 -6.74 -43.18 -9.56
CA ASN B 39 -6.81 -44.51 -10.15
C ASN B 39 -5.41 -45.12 -10.19
N ALA B 40 -5.28 -46.29 -9.58
CA ALA B 40 -3.98 -46.92 -9.50
C ALA B 40 -3.48 -47.44 -10.84
N GLU B 41 -4.38 -47.98 -11.69
CA GLU B 41 -3.99 -48.79 -12.85
C GLU B 41 -2.77 -48.24 -13.60
N VAL B 42 -2.75 -46.93 -13.85
CA VAL B 42 -1.68 -46.34 -14.65
C VAL B 42 -0.37 -46.37 -13.85
N ALA B 43 -0.45 -46.12 -12.54
CA ALA B 43 0.68 -46.28 -11.66
C ALA B 43 1.17 -47.72 -11.55
N ASP B 44 0.25 -48.71 -11.56
CA ASP B 44 0.80 -50.02 -11.31
C ASP B 44 1.43 -50.53 -12.61
N ALA B 45 0.89 -50.08 -13.74
CA ALA B 45 1.51 -50.33 -15.04
C ALA B 45 2.93 -49.74 -15.10
N LEU B 46 3.11 -48.52 -14.60
CA LEU B 46 4.45 -47.95 -14.58
C LEU B 46 5.37 -48.78 -13.67
N LYS B 47 4.90 -49.16 -12.48
CA LYS B 47 5.72 -49.98 -11.59
C LYS B 47 6.13 -51.28 -12.27
N ASN B 48 5.18 -51.94 -12.95
CA ASN B 48 5.47 -53.21 -13.62
C ASN B 48 6.46 -53.01 -14.76
N GLU B 49 6.30 -51.94 -15.55
CA GLU B 49 7.26 -51.68 -16.61
C GLU B 49 8.66 -51.49 -16.05
N LEU B 50 8.80 -50.76 -14.94
CA LEU B 50 10.12 -50.55 -14.39
C LEU B 50 10.71 -51.85 -13.82
N GLU B 51 9.88 -52.66 -13.17
CA GLU B 51 10.40 -53.90 -12.61
C GLU B 51 10.75 -54.90 -13.71
N GLU B 52 10.06 -54.79 -14.82
CA GLU B 52 10.41 -55.73 -15.88
C GLU B 52 11.78 -55.35 -16.38
N LYS B 53 12.03 -54.06 -16.54
CA LYS B 53 13.33 -53.61 -17.04
C LYS B 53 14.46 -53.86 -16.04
N GLY B 54 14.21 -54.57 -14.95
CA GLY B 54 15.25 -54.92 -14.00
C GLY B 54 15.45 -53.96 -12.86
N TYR B 55 14.62 -52.92 -12.75
CA TYR B 55 14.80 -51.84 -11.78
C TYR B 55 13.91 -52.06 -10.56
N LYS B 56 14.19 -51.30 -9.50
CA LYS B 56 13.42 -51.32 -8.28
C LYS B 56 12.35 -50.22 -8.32
N ALA B 57 11.12 -50.57 -7.97
CA ALA B 57 10.02 -49.62 -8.02
C ALA B 57 8.89 -50.11 -7.11
N ALA B 58 8.22 -49.15 -6.47
CA ALA B 58 7.01 -49.42 -5.71
C ALA B 58 6.03 -48.28 -5.97
N VAL B 59 4.74 -48.52 -5.70
CA VAL B 59 3.73 -47.48 -5.79
C VAL B 59 3.23 -47.13 -4.39
N ILE B 60 2.72 -45.91 -4.26
CA ILE B 60 2.22 -45.42 -2.98
C ILE B 60 1.15 -44.37 -3.25
N LYS B 61 0.01 -44.51 -2.58
CA LYS B 61 -1.16 -43.68 -2.81
C LYS B 61 -1.32 -42.70 -1.65
N PHE B 62 -1.51 -41.42 -1.99
CA PHE B 62 -1.62 -40.41 -0.94
C PHE B 62 -1.94 -39.10 -1.68
N ASP B 63 -2.51 -38.12 -1.01
CA ASP B 63 -2.82 -36.84 -1.64
C ASP B 63 -1.76 -35.84 -1.19
N ALA B 64 -0.90 -35.42 -2.14
CA ALA B 64 0.24 -34.57 -1.78
C ALA B 64 -0.20 -33.26 -1.15
N ALA B 65 -1.44 -32.83 -1.37
CA ALA B 65 -1.95 -31.63 -0.72
C ALA B 65 -2.51 -31.88 0.66
N SER B 66 -2.47 -33.12 1.16
CA SER B 66 -2.98 -33.45 2.48
C SER B 66 -1.81 -33.67 3.43
N GLU B 67 -1.75 -32.87 4.49
CA GLU B 67 -0.59 -32.93 5.39
C GLU B 67 -0.46 -34.32 6.01
N SER B 68 -1.57 -34.89 6.46
CA SER B 68 -1.54 -36.17 7.17
C SER B 68 -1.15 -37.31 6.24
N ASP B 69 -1.77 -37.38 5.06
CA ASP B 69 -1.45 -38.43 4.10
C ASP B 69 0.03 -38.43 3.74
N PHE B 70 0.58 -37.25 3.46
CA PHE B 70 1.91 -37.11 2.92
C PHE B 70 2.95 -37.36 4.02
N VAL B 71 2.67 -36.88 5.24
CA VAL B 71 3.43 -37.28 6.42
C VAL B 71 3.47 -38.81 6.55
N GLU B 72 2.29 -39.43 6.56
CA GLU B 72 2.21 -40.85 6.88
C GLU B 72 2.86 -41.69 5.79
N ALA B 73 2.73 -41.29 4.53
CA ALA B 73 3.41 -41.99 3.46
C ALA B 73 4.93 -41.91 3.60
N ILE B 74 5.46 -40.72 3.93
CA ILE B 74 6.90 -40.63 4.12
C ILE B 74 7.33 -41.53 5.29
N GLN B 75 6.52 -41.59 6.34
CA GLN B 75 6.84 -42.47 7.48
C GLN B 75 6.85 -43.94 7.07
N ALA B 76 5.89 -44.34 6.22
CA ALA B 76 5.84 -45.70 5.72
C ALA B 76 7.06 -46.05 4.89
N ILE B 77 7.50 -45.12 4.02
CA ILE B 77 8.69 -45.37 3.22
C ILE B 77 9.92 -45.48 4.12
N VAL B 78 10.01 -44.61 5.12
CA VAL B 78 11.13 -44.71 6.05
C VAL B 78 11.15 -46.08 6.72
N GLN B 79 9.98 -46.67 6.94
CA GLN B 79 10.00 -47.95 7.66
C GLN B 79 10.19 -49.16 6.74
N SER B 80 9.75 -49.07 5.49
CA SER B 80 10.07 -50.11 4.51
C SER B 80 11.56 -50.09 4.12
N ASP B 81 12.13 -48.90 4.08
CA ASP B 81 13.34 -48.59 3.34
C ASP B 81 14.54 -48.31 4.24
N GLY B 82 14.31 -47.91 5.50
CA GLY B 82 15.35 -47.43 6.37
C GLY B 82 15.50 -45.93 6.38
N GLY B 83 14.82 -45.25 5.47
CA GLY B 83 14.97 -43.81 5.33
C GLY B 83 14.54 -43.37 3.95
N LEU B 84 14.83 -42.10 3.66
CA LEU B 84 14.49 -41.53 2.35
C LEU B 84 15.59 -40.54 1.95
N SER B 85 16.29 -40.84 0.85
CA SER B 85 17.41 -40.00 0.45
C SER B 85 16.96 -38.83 -0.42
N TYR B 86 16.03 -39.06 -1.35
CA TYR B 86 15.71 -38.06 -2.36
C TYR B 86 14.21 -37.82 -2.46
N LEU B 87 13.85 -36.57 -2.73
CA LEU B 87 12.44 -36.23 -2.90
C LEU B 87 12.27 -35.32 -4.11
N VAL B 88 11.22 -35.58 -4.89
CA VAL B 88 10.90 -34.77 -6.06
C VAL B 88 9.44 -34.33 -5.94
N ASN B 89 9.25 -33.03 -5.67
CA ASN B 89 7.90 -32.46 -5.59
C ASN B 89 7.46 -32.12 -7.01
N ASN B 90 6.77 -33.06 -7.64
CA ASN B 90 6.33 -32.91 -9.00
C ASN B 90 4.82 -32.71 -9.12
N ALA B 91 4.05 -33.07 -8.09
CA ALA B 91 2.59 -32.89 -8.13
C ALA B 91 2.26 -31.44 -8.45
N GLY B 92 1.39 -31.25 -9.43
CA GLY B 92 0.90 -29.92 -9.77
C GLY B 92 -0.33 -30.00 -10.67
N VAL B 93 -1.20 -28.98 -10.59
CA VAL B 93 -2.37 -28.91 -11.46
C VAL B 93 -2.38 -27.56 -12.16
N VAL B 94 -3.12 -27.49 -13.25
CA VAL B 94 -3.41 -26.25 -13.95
C VAL B 94 -4.92 -26.03 -13.97
N ARG B 95 -5.32 -24.74 -13.82
CA ARG B 95 -6.70 -24.29 -14.06
C ARG B 95 -6.58 -22.90 -14.72
N ASP B 96 -6.17 -22.92 -15.98
CA ASP B 96 -5.96 -21.66 -16.67
C ASP B 96 -7.28 -20.95 -16.99
N LYS B 97 -7.37 -19.65 -16.72
CA LYS B 97 -8.47 -18.83 -17.24
C LYS B 97 -7.94 -17.45 -17.19
N LEU B 98 -8.61 -16.46 -17.83
CA LEU B 98 -8.28 -15.05 -17.55
C LEU B 98 -8.68 -14.64 -16.12
N ALA B 99 -7.97 -13.66 -15.54
CA ALA B 99 -8.15 -13.36 -14.10
C ALA B 99 -9.56 -12.83 -13.80
N ILE B 100 -10.09 -12.00 -14.70
CA ILE B 100 -11.42 -11.47 -14.48
C ILE B 100 -12.50 -12.54 -14.52
N LYS B 101 -12.16 -13.72 -15.02
CA LYS B 101 -13.05 -14.87 -15.03
C LYS B 101 -12.74 -15.83 -13.88
N MET B 102 -11.72 -15.55 -13.08
CA MET B 102 -11.21 -16.49 -12.08
C MET B 102 -11.76 -16.17 -10.71
N LYS B 103 -12.48 -17.12 -10.14
CA LYS B 103 -12.91 -16.93 -8.77
C LYS B 103 -11.69 -17.10 -7.88
N THR B 104 -11.85 -16.75 -6.60
CA THR B 104 -10.80 -17.07 -5.62
C THR B 104 -10.76 -18.55 -5.30
N GLU B 105 -11.90 -19.23 -5.37
CA GLU B 105 -11.89 -20.67 -5.48
C GLU B 105 -10.84 -21.15 -6.49
N ASP B 106 -10.83 -20.54 -7.68
CA ASP B 106 -10.06 -21.18 -8.73
C ASP B 106 -8.59 -20.87 -8.43
N PHE B 107 -8.37 -19.89 -7.54
CA PHE B 107 -7.03 -19.49 -7.13
C PHE B 107 -6.48 -20.38 -6.00
N HIS B 108 -7.27 -20.56 -5.00
CA HIS B 108 -6.82 -21.42 -3.91
C HIS B 108 -6.63 -22.84 -4.37
N HIS B 109 -7.49 -23.34 -5.27
CA HIS B 109 -7.31 -24.74 -5.64
C HIS B 109 -5.89 -24.97 -6.14
N VAL B 110 -5.45 -24.13 -7.09
CA VAL B 110 -4.12 -24.26 -7.66
C VAL B 110 -3.03 -23.92 -6.63
N ILE B 111 -3.29 -22.99 -5.71
CA ILE B 111 -2.28 -22.65 -4.71
C ILE B 111 -2.11 -23.79 -3.71
N ASP B 112 -3.22 -24.14 -3.07
CA ASP B 112 -3.37 -25.20 -2.03
C ASP B 112 -2.78 -26.50 -2.62
N ASN B 113 -2.91 -26.75 -3.92
CA ASN B 113 -2.45 -27.97 -4.55
C ASN B 113 -1.05 -27.92 -5.17
N ASN B 114 -0.57 -26.76 -5.59
CA ASN B 114 0.78 -26.74 -6.17
C ASN B 114 1.86 -26.28 -5.20
N LEU B 115 1.54 -25.38 -4.26
CA LEU B 115 2.53 -24.87 -3.32
C LEU B 115 2.55 -25.57 -1.97
N THR B 116 1.38 -25.66 -1.32
CA THR B 116 1.30 -26.27 0.00
C THR B 116 1.84 -27.69 -0.03
N SER B 117 1.58 -28.43 -1.12
CA SER B 117 2.09 -29.78 -1.27
C SER B 117 3.61 -29.80 -1.26
N ALA B 118 4.22 -28.90 -2.04
CA ALA B 118 5.68 -28.76 -2.00
C ALA B 118 6.15 -28.34 -0.60
N PHE B 119 5.38 -27.49 0.08
CA PHE B 119 5.78 -27.08 1.44
C PHE B 119 5.85 -28.29 2.37
N ILE B 120 4.79 -29.11 2.36
CA ILE B 120 4.77 -30.32 3.18
C ILE B 120 5.93 -31.24 2.81
N GLY B 121 6.14 -31.45 1.50
CA GLY B 121 7.22 -32.31 1.05
C GLY B 121 8.57 -31.86 1.57
N CYS B 122 8.89 -30.58 1.42
CA CYS B 122 10.19 -30.08 1.81
C CYS B 122 10.36 -30.12 3.32
N ARG B 123 9.29 -29.86 4.07
CA ARG B 123 9.39 -29.87 5.54
C ARG B 123 9.60 -31.29 6.06
N GLU B 124 8.90 -32.26 5.48
CA GLU B 124 9.10 -33.66 5.86
C GLU B 124 10.47 -34.17 5.42
N ALA B 125 10.94 -33.71 4.27
CA ALA B 125 12.31 -34.02 3.84
C ALA B 125 13.32 -33.52 4.87
N LEU B 126 13.20 -32.26 5.31
CA LEU B 126 14.08 -31.75 6.36
C LEU B 126 14.11 -32.71 7.54
N LYS B 127 12.92 -33.04 8.04
CA LYS B 127 12.79 -33.97 9.18
C LYS B 127 13.54 -35.29 8.94
N VAL B 128 13.14 -36.04 7.91
CA VAL B 128 13.62 -37.41 7.75
C VAL B 128 15.04 -37.52 7.21
N MET B 129 15.62 -36.43 6.70
CA MET B 129 16.98 -36.47 6.21
C MET B 129 18.00 -35.82 7.14
N SER B 130 17.54 -35.12 8.19
CA SER B 130 18.48 -34.41 9.06
C SER B 130 19.51 -35.35 9.72
N LYS B 131 19.04 -36.44 10.34
CA LYS B 131 19.95 -37.30 11.12
C LYS B 131 21.14 -37.79 10.29
N SER B 132 20.86 -38.32 9.10
CA SER B 132 21.90 -38.87 8.25
C SER B 132 22.75 -37.81 7.56
N ARG B 133 22.48 -36.52 7.79
CA ARG B 133 23.31 -35.43 7.24
C ARG B 133 23.44 -35.52 5.72
N PHE B 134 22.37 -35.95 5.06
CA PHE B 134 22.40 -36.13 3.60
C PHE B 134 20.98 -36.09 3.05
N GLY B 135 20.82 -35.48 1.88
CA GLY B 135 19.53 -35.38 1.23
C GLY B 135 19.48 -34.42 0.06
N SER B 136 18.60 -34.69 -0.90
CA SER B 136 18.45 -33.82 -2.05
C SER B 136 16.98 -33.78 -2.45
N VAL B 137 16.45 -32.57 -2.63
CA VAL B 137 15.05 -32.34 -2.95
C VAL B 137 14.98 -31.42 -4.17
N VAL B 138 14.23 -31.85 -5.19
CA VAL B 138 14.00 -31.05 -6.40
C VAL B 138 12.52 -30.68 -6.48
N ASN B 139 12.24 -29.41 -6.74
CA ASN B 139 10.87 -28.89 -6.86
C ASN B 139 10.61 -28.56 -8.33
N ILE B 140 9.65 -29.27 -8.93
CA ILE B 140 9.37 -29.09 -10.36
C ILE B 140 8.56 -27.80 -10.50
N ALA B 141 9.23 -26.71 -10.84
CA ALA B 141 8.54 -25.45 -11.04
C ALA B 141 8.17 -25.28 -12.50
N SER B 142 8.19 -24.05 -13.02
CA SER B 142 7.84 -23.81 -14.41
C SER B 142 8.47 -22.51 -14.88
N ILE B 143 8.66 -22.39 -16.20
CA ILE B 143 9.03 -21.11 -16.78
C ILE B 143 7.96 -20.05 -16.48
N ILE B 144 6.71 -20.47 -16.34
CA ILE B 144 5.64 -19.53 -16.00
C ILE B 144 5.91 -18.89 -14.65
N GLY B 145 6.49 -19.64 -13.72
CA GLY B 145 6.85 -19.06 -12.43
C GLY B 145 7.95 -18.02 -12.52
N GLU B 146 8.75 -18.06 -13.58
CA GLU B 146 9.81 -17.06 -13.73
C GLU B 146 9.33 -15.85 -14.52
N ARG B 147 8.53 -16.08 -15.56
CA ARG B 147 8.22 -15.07 -16.54
C ARG B 147 6.76 -14.60 -16.51
N GLY B 148 5.87 -15.34 -15.87
CA GLY B 148 4.45 -14.99 -15.88
C GLY B 148 3.81 -15.25 -17.24
N ASN B 149 2.49 -15.42 -17.25
CA ASN B 149 1.82 -15.74 -18.50
C ASN B 149 0.36 -15.31 -18.44
N MET B 150 -0.14 -14.82 -19.57
CA MET B 150 -1.57 -14.57 -19.72
C MET B 150 -2.38 -15.79 -19.35
N GLY B 151 -3.48 -15.56 -18.64
CA GLY B 151 -4.35 -16.61 -18.19
C GLY B 151 -3.82 -17.49 -17.07
N GLN B 152 -2.60 -17.24 -16.58
CA GLN B 152 -2.00 -18.13 -15.60
C GLN B 152 -1.53 -17.36 -14.37
N THR B 153 -2.35 -16.42 -13.90
CA THR B 153 -2.07 -15.77 -12.63
C THR B 153 -1.97 -16.78 -11.49
N ASN B 154 -2.91 -17.75 -11.42
CA ASN B 154 -2.84 -18.71 -10.32
C ASN B 154 -1.62 -19.63 -10.45
N TYR B 155 -1.39 -20.19 -11.64
CA TYR B 155 -0.27 -21.11 -11.82
C TYR B 155 1.07 -20.42 -11.59
N SER B 156 1.27 -19.24 -12.20
CA SER B 156 2.51 -18.50 -12.00
C SER B 156 2.68 -18.10 -10.54
N ALA B 157 1.59 -17.77 -9.85
CA ALA B 157 1.72 -17.50 -8.43
C ALA B 157 2.27 -18.72 -7.70
N SER B 158 1.70 -19.90 -7.98
CA SER B 158 2.14 -21.11 -7.28
C SER B 158 3.59 -21.46 -7.61
N LYS B 159 3.98 -21.32 -8.88
CA LYS B 159 5.34 -21.75 -9.23
C LYS B 159 6.40 -20.74 -8.81
N GLY B 160 6.12 -19.44 -8.89
CA GLY B 160 7.05 -18.46 -8.35
C GLY B 160 7.19 -18.56 -6.84
N GLY B 161 6.07 -18.85 -6.16
CA GLY B 161 6.14 -19.13 -4.73
C GLY B 161 7.00 -20.34 -4.43
N MET B 162 6.83 -21.41 -5.22
CA MET B 162 7.64 -22.61 -5.06
C MET B 162 9.12 -22.29 -5.22
N ILE B 163 9.46 -21.54 -6.26
CA ILE B 163 10.86 -21.18 -6.53
C ILE B 163 11.47 -20.44 -5.34
N ALA B 164 10.73 -19.50 -4.75
CA ALA B 164 11.34 -18.73 -3.64
C ALA B 164 11.36 -19.52 -2.33
N MET B 165 10.26 -20.24 -2.05
CA MET B 165 10.21 -21.12 -0.89
C MET B 165 11.33 -22.16 -0.92
N SER B 166 11.65 -22.65 -2.11
CA SER B 166 12.69 -23.66 -2.23
C SER B 166 14.04 -23.09 -1.78
N LYS B 167 14.29 -21.81 -2.08
CA LYS B 167 15.52 -21.16 -1.61
C LYS B 167 15.54 -21.04 -0.09
N SER B 168 14.42 -20.63 0.51
CA SER B 168 14.39 -20.65 1.99
C SER B 168 14.66 -22.05 2.56
N PHE B 169 14.12 -23.09 1.92
CA PHE B 169 14.39 -24.43 2.40
C PHE B 169 15.87 -24.78 2.24
N ALA B 170 16.50 -24.34 1.15
CA ALA B 170 17.94 -24.53 1.01
C ALA B 170 18.67 -23.92 2.20
N TYR B 171 18.22 -22.73 2.62
CA TYR B 171 18.84 -22.10 3.78
C TYR B 171 18.73 -22.98 5.02
N GLU B 172 17.55 -23.56 5.23
CA GLU B 172 17.39 -24.29 6.48
C GLU B 172 18.03 -25.67 6.45
N GLY B 173 18.16 -26.28 5.28
CA GLY B 173 18.74 -27.58 5.13
C GLY B 173 20.22 -27.61 4.86
N ALA B 174 20.83 -26.44 4.61
CA ALA B 174 22.21 -26.40 4.15
C ALA B 174 23.22 -26.89 5.19
N LEU B 175 22.93 -26.76 6.49
CA LEU B 175 23.92 -27.18 7.49
C LEU B 175 23.95 -28.69 7.68
N ARG B 176 22.84 -29.40 7.46
CA ARG B 176 22.81 -30.85 7.47
C ARG B 176 22.96 -31.44 6.07
N ASN B 177 23.62 -30.72 5.14
CA ASN B 177 23.86 -31.22 3.79
C ASN B 177 22.58 -31.71 3.12
N ILE B 178 21.51 -30.95 3.28
CA ILE B 178 20.22 -31.27 2.67
C ILE B 178 19.96 -30.19 1.63
N ARG B 179 20.18 -30.50 0.36
CA ARG B 179 20.12 -29.51 -0.69
C ARG B 179 18.69 -29.38 -1.22
N PHE B 180 18.32 -28.17 -1.63
CA PHE B 180 17.03 -27.87 -2.23
C PHE B 180 17.24 -27.08 -3.51
N ASN B 181 16.68 -27.56 -4.61
CA ASN B 181 16.83 -26.91 -5.90
C ASN B 181 15.52 -27.02 -6.66
N SER B 182 15.41 -26.21 -7.71
CA SER B 182 14.24 -26.13 -8.54
C SER B 182 14.62 -26.34 -10.00
N VAL B 183 13.69 -26.93 -10.75
CA VAL B 183 13.78 -27.07 -12.20
C VAL B 183 12.63 -26.26 -12.78
N THR B 184 12.90 -25.48 -13.84
CA THR B 184 11.86 -24.70 -14.51
C THR B 184 11.76 -25.12 -15.97
N PRO B 185 11.04 -26.20 -16.25
CA PRO B 185 10.86 -26.61 -17.65
C PRO B 185 10.20 -25.50 -18.47
N GLY B 186 10.49 -25.49 -19.76
CA GLY B 186 9.75 -24.65 -20.68
C GLY B 186 8.54 -25.38 -21.22
N PHE B 187 8.44 -25.42 -22.53
CA PHE B 187 7.33 -26.13 -23.21
C PHE B 187 7.80 -27.55 -23.50
N ILE B 188 7.19 -28.54 -22.87
CA ILE B 188 7.64 -29.96 -23.00
C ILE B 188 6.66 -30.76 -23.85
N GLU B 189 7.15 -31.62 -24.75
CA GLU B 189 6.26 -32.43 -25.62
C GLU B 189 5.39 -33.38 -24.81
N THR B 190 4.17 -33.63 -25.28
CA THR B 190 3.25 -34.51 -24.53
C THR B 190 2.87 -35.73 -25.37
N ALA B 202 2.38 -26.06 -33.47
CA ALA B 202 3.81 -25.71 -33.50
C ALA B 202 3.90 -24.19 -33.62
N ASP B 203 2.92 -23.49 -33.06
CA ASP B 203 2.95 -22.02 -33.03
C ASP B 203 4.11 -21.60 -32.15
N TYR B 204 4.14 -22.21 -30.97
CA TYR B 204 5.10 -21.86 -29.90
C TYR B 204 6.54 -22.14 -30.30
N VAL B 205 6.82 -23.26 -30.95
CA VAL B 205 8.22 -23.62 -31.29
C VAL B 205 8.90 -22.47 -32.01
N LYS B 206 8.11 -21.50 -32.48
CA LYS B 206 8.74 -20.29 -32.99
C LYS B 206 9.74 -19.70 -32.02
N ASN B 207 9.28 -19.40 -30.80
CA ASN B 207 10.09 -18.59 -29.91
C ASN B 207 11.13 -19.40 -29.16
N ILE B 208 11.30 -20.67 -29.46
CA ILE B 208 12.32 -21.52 -28.83
C ILE B 208 13.50 -21.56 -29.74
N PRO B 209 14.67 -21.05 -29.35
CA PRO B 209 15.86 -21.12 -30.21
C PRO B 209 16.21 -22.53 -30.67
N LEU B 210 16.12 -23.54 -29.80
CA LEU B 210 16.37 -24.91 -30.22
C LEU B 210 15.30 -25.46 -31.17
N ASN B 211 14.24 -24.68 -31.41
CA ASN B 211 13.28 -24.94 -32.49
C ASN B 211 12.54 -26.26 -32.31
N ARG B 212 12.37 -26.71 -31.07
CA ARG B 212 11.65 -27.94 -30.82
C ARG B 212 11.09 -27.89 -29.40
N LEU B 213 10.04 -28.66 -29.17
CA LEU B 213 9.63 -28.89 -27.80
C LEU B 213 10.70 -29.73 -27.11
N GLY B 214 10.71 -29.66 -25.79
CA GLY B 214 11.55 -30.54 -25.03
C GLY B 214 10.90 -31.89 -24.85
N ALA B 215 11.73 -32.91 -24.66
CA ALA B 215 11.27 -34.23 -24.26
C ALA B 215 11.16 -34.30 -22.75
N ALA B 216 10.23 -35.12 -22.26
CA ALA B 216 10.13 -35.32 -20.83
C ALA B 216 11.44 -35.83 -20.25
N LYS B 217 12.21 -36.60 -21.03
CA LYS B 217 13.44 -37.17 -20.48
C LYS B 217 14.52 -36.11 -20.23
N GLU B 218 14.50 -35.02 -21.00
CA GLU B 218 15.47 -33.95 -20.77
C GLU B 218 15.24 -33.29 -19.41
N VAL B 219 13.96 -33.00 -19.08
CA VAL B 219 13.61 -32.57 -17.73
C VAL B 219 14.07 -33.61 -16.71
N ALA B 220 13.80 -34.89 -16.98
CA ALA B 220 14.07 -35.92 -15.98
C ALA B 220 15.57 -36.02 -15.65
N GLU B 221 16.42 -36.14 -16.65
CA GLU B 221 17.86 -35.92 -16.49
C GLU B 221 18.32 -34.61 -15.84
N ALA B 222 17.66 -33.47 -16.07
CA ALA B 222 18.06 -32.33 -15.22
C ALA B 222 17.76 -32.62 -13.75
N VAL B 223 16.60 -33.23 -13.48
CA VAL B 223 16.24 -33.58 -12.09
C VAL B 223 17.27 -34.54 -11.50
N ALA B 224 17.62 -35.57 -12.27
CA ALA B 224 18.65 -36.51 -11.83
C ALA B 224 19.93 -35.78 -11.47
N PHE B 225 20.39 -34.88 -12.35
CA PHE B 225 21.60 -34.13 -12.03
C PHE B 225 21.45 -33.40 -10.69
N LEU B 226 20.33 -32.72 -10.49
CA LEU B 226 20.17 -31.97 -9.23
C LEU B 226 20.02 -32.89 -8.02
N LEU B 227 19.59 -34.14 -8.22
CA LEU B 227 19.62 -35.12 -7.13
C LEU B 227 21.00 -35.75 -6.94
N SER B 228 21.74 -36.02 -8.03
CA SER B 228 22.97 -36.79 -7.99
C SER B 228 24.07 -36.12 -7.16
N ASP B 229 25.15 -36.88 -6.93
CA ASP B 229 26.32 -36.38 -6.22
C ASP B 229 27.05 -35.29 -7.00
N HIS B 230 26.94 -35.30 -8.33
CA HIS B 230 27.62 -34.33 -9.19
C HIS B 230 27.22 -32.88 -8.88
N SER B 231 26.07 -32.67 -8.26
CA SER B 231 25.63 -31.33 -7.88
C SER B 231 25.79 -31.08 -6.39
N SER B 232 26.77 -31.71 -5.75
CA SER B 232 26.91 -31.63 -4.30
C SER B 232 27.16 -30.21 -3.77
N TYR B 233 27.55 -29.25 -4.61
CA TYR B 233 27.74 -27.88 -4.15
C TYR B 233 26.67 -26.92 -4.66
N ILE B 234 25.64 -27.42 -5.32
CA ILE B 234 24.60 -26.60 -5.92
C ILE B 234 23.36 -26.69 -5.04
N THR B 235 23.03 -25.61 -4.35
CA THR B 235 21.81 -25.56 -3.55
C THR B 235 21.17 -24.19 -3.70
N GLY B 236 19.85 -24.16 -3.68
CA GLY B 236 19.13 -22.91 -3.83
C GLY B 236 19.02 -22.43 -5.26
N GLU B 237 19.41 -23.23 -6.22
CA GLU B 237 19.45 -22.82 -7.62
C GLU B 237 18.15 -23.21 -8.33
N THR B 238 17.90 -22.53 -9.45
CA THR B 238 16.74 -22.77 -10.30
C THR B 238 17.27 -23.08 -11.69
N LEU B 239 17.16 -24.33 -12.11
CA LEU B 239 17.78 -24.79 -13.34
C LEU B 239 16.76 -24.74 -14.49
N LYS B 240 17.04 -23.89 -15.47
CA LYS B 240 16.13 -23.64 -16.58
C LYS B 240 16.27 -24.72 -17.65
N VAL B 241 15.18 -25.41 -17.94
CA VAL B 241 15.15 -26.43 -18.99
C VAL B 241 14.09 -25.97 -20.00
N ASN B 242 14.52 -25.16 -20.97
CA ASN B 242 13.54 -24.56 -21.88
C ASN B 242 14.14 -24.29 -23.26
N GLY B 243 15.32 -24.82 -23.58
CA GLY B 243 15.86 -24.69 -24.92
C GLY B 243 16.10 -23.28 -25.37
N GLY B 244 16.32 -22.35 -24.44
CA GLY B 244 16.56 -20.96 -24.79
C GLY B 244 15.33 -20.08 -24.83
N LEU B 245 14.13 -20.63 -24.55
CA LEU B 245 12.92 -19.81 -24.59
C LEU B 245 13.02 -18.64 -23.61
N TYR B 246 13.73 -18.83 -22.49
CA TYR B 246 13.92 -17.77 -21.50
C TYR B 246 15.32 -17.90 -20.91
N MET B 247 16.08 -16.80 -20.99
CA MET B 247 17.42 -16.72 -20.39
C MET B 247 17.48 -15.59 -19.38
N MET C 1 28.76 -39.57 -16.36
CA MET C 1 27.79 -38.94 -17.25
C MET C 1 27.98 -39.46 -18.67
N GLN C 2 26.98 -39.21 -19.50
CA GLN C 2 26.95 -39.67 -20.88
C GLN C 2 27.39 -38.56 -21.82
N PHE C 3 28.31 -38.87 -22.73
CA PHE C 3 28.78 -37.92 -23.72
C PHE C 3 28.65 -38.54 -25.11
N THR C 4 27.91 -37.87 -25.99
CA THR C 4 27.96 -38.21 -27.42
C THR C 4 29.26 -37.71 -28.04
N GLY C 5 29.77 -36.59 -27.56
CA GLY C 5 31.03 -36.05 -28.03
C GLY C 5 32.21 -36.85 -27.52
N LYS C 6 33.39 -36.43 -27.97
CA LYS C 6 34.58 -37.27 -28.00
C LYS C 6 35.81 -36.61 -27.37
N ASN C 7 35.90 -35.29 -27.49
CA ASN C 7 37.08 -34.55 -27.04
C ASN C 7 36.66 -33.15 -26.64
N VAL C 8 37.48 -32.53 -25.79
CA VAL C 8 37.22 -31.22 -25.24
C VAL C 8 38.51 -30.42 -25.18
N LEU C 9 38.42 -29.13 -25.45
CA LEU C 9 39.52 -28.20 -25.18
C LEU C 9 39.19 -27.34 -23.97
N ILE C 10 40.10 -27.26 -23.02
CA ILE C 10 39.94 -26.47 -21.80
C ILE C 10 41.05 -25.45 -21.77
N THR C 11 40.71 -24.18 -21.92
CA THR C 11 41.73 -23.15 -21.83
C THR C 11 42.15 -22.97 -20.38
N GLY C 12 43.43 -22.65 -20.18
CA GLY C 12 43.96 -22.46 -18.84
C GLY C 12 43.81 -23.66 -17.93
N ALA C 13 44.03 -24.86 -18.46
CA ALA C 13 43.77 -26.12 -17.77
C ALA C 13 44.95 -26.69 -17.01
N SER C 14 45.97 -25.87 -16.72
CA SER C 14 47.20 -26.44 -16.15
C SER C 14 47.11 -26.67 -14.65
N LYS C 15 46.39 -25.80 -13.94
CA LYS C 15 46.16 -26.02 -12.52
C LYS C 15 44.78 -25.54 -12.13
N GLY C 16 44.49 -25.69 -10.83
CA GLY C 16 43.27 -25.19 -10.23
C GLY C 16 42.03 -25.78 -10.85
N ILE C 17 41.01 -24.94 -10.98
CA ILE C 17 39.72 -25.38 -11.50
C ILE C 17 39.86 -25.93 -12.90
N GLY C 18 40.76 -25.35 -13.71
CA GLY C 18 40.93 -25.87 -15.05
C GLY C 18 41.51 -27.28 -15.07
N ALA C 19 42.56 -27.54 -14.28
CA ALA C 19 43.16 -28.87 -14.22
C ALA C 19 42.18 -29.90 -13.68
N GLU C 20 41.39 -29.52 -12.67
CA GLU C 20 40.51 -30.54 -12.03
C GLU C 20 39.23 -30.73 -12.80
N ILE C 21 38.83 -29.73 -13.56
CA ILE C 21 37.93 -29.99 -14.69
C ILE C 21 38.53 -31.03 -15.62
N ALA C 22 39.83 -30.89 -15.93
CA ALA C 22 40.44 -31.78 -16.92
C ALA C 22 40.43 -33.22 -16.44
N ARG C 23 40.88 -33.44 -15.20
CA ARG C 23 40.76 -34.73 -14.54
C ARG C 23 39.34 -35.27 -14.66
N THR C 24 38.35 -34.44 -14.26
CA THR C 24 36.97 -34.89 -14.30
C THR C 24 36.54 -35.43 -15.68
N LEU C 25 36.71 -34.65 -16.72
CA LEU C 25 36.16 -35.11 -18.01
C LEU C 25 36.99 -36.27 -18.59
N ALA C 26 38.27 -36.31 -18.27
CA ALA C 26 39.06 -37.44 -18.69
C ALA C 26 38.51 -38.71 -18.06
N SER C 27 38.21 -38.66 -16.75
CA SER C 27 37.69 -39.83 -16.04
C SER C 27 36.39 -40.34 -16.61
N MET C 28 35.62 -39.51 -17.32
CA MET C 28 34.38 -39.92 -17.93
C MET C 28 34.54 -40.30 -19.40
N GLY C 29 35.77 -40.49 -19.86
CA GLY C 29 36.02 -41.05 -21.18
C GLY C 29 36.31 -40.05 -22.28
N LEU C 30 36.37 -38.76 -21.96
CA LEU C 30 36.65 -37.76 -22.98
C LEU C 30 38.16 -37.59 -23.15
N LYS C 31 38.55 -37.29 -24.38
CA LYS C 31 39.92 -36.85 -24.64
C LYS C 31 40.05 -35.37 -24.30
N VAL C 32 40.91 -35.07 -23.34
CA VAL C 32 41.07 -33.70 -22.86
C VAL C 32 42.28 -33.10 -23.56
N TRP C 33 42.23 -31.82 -23.86
CA TRP C 33 43.38 -31.08 -24.43
C TRP C 33 43.75 -29.93 -23.49
N ILE C 34 44.69 -30.11 -22.57
CA ILE C 34 45.08 -28.99 -21.67
C ILE C 34 45.70 -27.88 -22.49
N ASN C 35 45.37 -26.63 -22.21
CA ASN C 35 45.94 -25.47 -22.93
C ASN C 35 46.76 -24.70 -21.92
N TYR C 36 47.90 -24.19 -22.32
CA TYR C 36 48.78 -23.49 -21.36
C TYR C 36 49.44 -22.33 -22.08
N ARG C 37 50.01 -21.40 -21.31
CA ARG C 37 50.68 -20.28 -21.99
C ARG C 37 52.16 -20.31 -21.66
N SER C 38 52.50 -20.43 -20.38
CA SER C 38 53.90 -20.34 -19.89
C SER C 38 54.63 -21.68 -19.76
N ASN C 39 54.88 -22.10 -18.51
CA ASN C 39 55.61 -23.34 -18.21
C ASN C 39 54.82 -24.56 -18.63
N ALA C 40 55.48 -25.60 -19.09
CA ALA C 40 54.74 -26.82 -19.45
C ALA C 40 54.99 -27.88 -18.38
N GLU C 41 55.60 -27.47 -17.28
CA GLU C 41 55.95 -28.37 -16.15
C GLU C 41 54.68 -28.93 -15.50
N VAL C 42 53.69 -28.09 -15.26
CA VAL C 42 52.52 -28.63 -14.54
C VAL C 42 51.60 -29.22 -15.58
N ALA C 43 51.56 -28.61 -16.74
CA ALA C 43 50.66 -29.18 -17.73
C ALA C 43 51.08 -30.59 -18.11
N ASP C 44 52.38 -30.79 -18.34
CA ASP C 44 52.88 -32.13 -18.67
C ASP C 44 52.65 -33.11 -17.53
N ALA C 45 52.90 -32.67 -16.29
CA ALA C 45 52.64 -33.49 -15.12
C ALA C 45 51.17 -33.90 -15.06
N LEU C 46 50.26 -32.96 -15.31
CA LEU C 46 48.85 -33.30 -15.36
C LEU C 46 48.60 -34.33 -16.45
N LYS C 47 49.14 -34.06 -17.63
CA LYS C 47 48.86 -34.92 -18.75
C LYS C 47 49.27 -36.36 -18.40
N ASN C 48 50.47 -36.50 -17.82
CA ASN C 48 50.98 -37.82 -17.43
C ASN C 48 50.09 -38.47 -16.35
N GLU C 49 49.73 -37.72 -15.29
CA GLU C 49 48.81 -38.25 -14.29
C GLU C 49 47.55 -38.82 -14.94
N LEU C 50 47.02 -38.12 -15.94
CA LEU C 50 45.79 -38.54 -16.59
C LEU C 50 45.99 -39.76 -17.47
N GLU C 51 47.15 -39.89 -18.11
CA GLU C 51 47.43 -41.09 -18.90
C GLU C 51 47.80 -42.31 -18.05
N GLU C 52 48.44 -42.12 -16.86
CA GLU C 52 48.72 -43.29 -15.95
C GLU C 52 47.32 -43.79 -15.58
N LYS C 53 46.41 -42.92 -15.12
CA LYS C 53 45.13 -43.41 -14.62
C LYS C 53 44.29 -44.05 -15.72
N GLY C 54 44.84 -44.19 -16.92
CA GLY C 54 44.17 -44.85 -18.02
C GLY C 54 43.34 -43.97 -18.93
N TYR C 55 43.48 -42.65 -18.84
CA TYR C 55 42.63 -41.73 -19.59
C TYR C 55 43.40 -41.10 -20.75
N LYS C 56 42.63 -40.54 -21.69
CA LYS C 56 43.15 -39.87 -22.89
C LYS C 56 43.40 -38.40 -22.58
N ALA C 57 44.64 -37.95 -22.74
CA ALA C 57 44.98 -36.56 -22.46
C ALA C 57 46.13 -36.12 -23.34
N ALA C 58 46.08 -34.85 -23.76
CA ALA C 58 47.17 -34.23 -24.52
C ALA C 58 47.30 -32.79 -24.06
N VAL C 59 48.33 -32.09 -24.55
CA VAL C 59 48.42 -30.62 -24.28
C VAL C 59 48.50 -29.86 -25.61
N ILE C 60 48.40 -28.51 -25.58
CA ILE C 60 48.44 -27.64 -26.81
C ILE C 60 48.77 -26.21 -26.39
N LYS C 61 49.30 -25.37 -27.28
CA LYS C 61 49.73 -24.00 -26.90
C LYS C 61 49.19 -22.83 -27.65
N PHE C 62 48.72 -21.89 -26.85
CA PHE C 62 48.39 -20.53 -27.29
C PHE C 62 48.13 -19.66 -26.09
N ASP C 63 48.04 -18.39 -26.38
CA ASP C 63 47.62 -17.37 -25.41
C ASP C 63 46.16 -17.31 -25.77
N ALA C 64 45.30 -17.88 -24.94
CA ALA C 64 43.89 -17.89 -25.33
C ALA C 64 43.37 -16.49 -25.67
N ALA C 65 44.02 -15.43 -25.19
CA ALA C 65 43.65 -14.07 -25.56
C ALA C 65 44.14 -13.69 -26.95
N SER C 66 45.02 -14.49 -27.56
CA SER C 66 45.55 -14.20 -28.89
C SER C 66 44.65 -14.87 -29.94
N GLU C 67 44.09 -14.06 -30.83
CA GLU C 67 43.19 -14.59 -31.86
C GLU C 67 43.88 -15.64 -32.71
N SER C 68 44.94 -15.25 -33.42
CA SER C 68 45.66 -16.21 -34.24
C SER C 68 45.99 -17.47 -33.45
N ASP C 69 46.70 -17.32 -32.32
CA ASP C 69 47.13 -18.48 -31.54
C ASP C 69 45.96 -19.41 -31.21
N PHE C 70 44.84 -18.83 -30.74
CA PHE C 70 43.68 -19.65 -30.37
C PHE C 70 43.17 -20.43 -31.55
N VAL C 71 42.89 -19.71 -32.64
CA VAL C 71 42.33 -20.31 -33.82
C VAL C 71 43.18 -21.50 -34.23
N GLU C 72 44.46 -21.30 -34.40
CA GLU C 72 45.43 -22.20 -35.00
C GLU C 72 45.57 -23.46 -34.16
N ALA C 73 45.50 -23.34 -32.83
CA ALA C 73 45.42 -24.56 -32.04
C ALA C 73 44.11 -25.31 -32.30
N ILE C 74 43.01 -24.57 -32.55
CA ILE C 74 41.76 -25.30 -32.79
C ILE C 74 41.83 -26.08 -34.12
N GLN C 75 42.45 -25.53 -35.15
CA GLN C 75 42.68 -26.36 -36.34
C GLN C 75 43.60 -27.53 -36.06
N ALA C 76 44.65 -27.30 -35.28
CA ALA C 76 45.52 -28.41 -34.92
C ALA C 76 44.73 -29.53 -34.28
N ILE C 77 43.79 -29.19 -33.40
CA ILE C 77 43.05 -30.23 -32.69
C ILE C 77 42.03 -30.90 -33.63
N VAL C 78 41.45 -30.12 -34.54
CA VAL C 78 40.54 -30.70 -35.53
C VAL C 78 41.29 -31.66 -36.46
N GLN C 79 42.52 -31.30 -36.82
CA GLN C 79 43.32 -32.15 -37.70
C GLN C 79 43.77 -33.42 -36.98
N SER C 80 44.13 -33.30 -35.70
CA SER C 80 44.55 -34.47 -34.94
C SER C 80 43.38 -35.43 -34.69
N ASP C 81 42.25 -34.93 -34.19
CA ASP C 81 41.15 -35.79 -33.75
C ASP C 81 40.02 -35.92 -34.75
N GLY C 82 40.04 -35.16 -35.84
CA GLY C 82 38.94 -35.16 -36.78
C GLY C 82 37.82 -34.19 -36.42
N GLY C 83 37.91 -33.51 -35.28
CA GLY C 83 36.88 -32.59 -34.87
C GLY C 83 37.11 -32.14 -33.45
N LEU C 84 36.19 -31.28 -32.99
CA LEU C 84 36.18 -30.80 -31.61
C LEU C 84 34.73 -30.79 -31.13
N SER C 85 34.40 -31.67 -30.19
CA SER C 85 33.05 -31.72 -29.68
C SER C 85 32.79 -30.61 -28.68
N TYR C 86 33.67 -30.44 -27.69
CA TYR C 86 33.36 -29.64 -26.52
C TYR C 86 34.43 -28.58 -26.25
N LEU C 87 33.98 -27.43 -25.75
CA LEU C 87 34.93 -26.40 -25.37
C LEU C 87 34.58 -25.82 -24.00
N VAL C 88 35.61 -25.53 -23.20
CA VAL C 88 35.47 -24.89 -21.91
C VAL C 88 36.36 -23.66 -21.89
N ASN C 89 35.75 -22.48 -21.86
CA ASN C 89 36.50 -21.23 -21.74
C ASN C 89 36.72 -20.95 -20.26
N ASN C 90 37.84 -21.46 -19.74
CA ASN C 90 38.22 -21.32 -18.35
C ASN C 90 39.30 -20.27 -18.11
N ALA C 91 40.10 -19.93 -19.14
CA ALA C 91 41.24 -19.03 -18.95
C ALA C 91 40.78 -17.69 -18.40
N GLY C 92 41.48 -17.22 -17.36
CA GLY C 92 41.13 -15.95 -16.72
C GLY C 92 42.10 -15.53 -15.65
N VAL C 93 42.26 -14.22 -15.42
CA VAL C 93 43.15 -13.71 -14.38
C VAL C 93 42.35 -12.81 -13.46
N VAL C 94 42.95 -12.50 -12.33
CA VAL C 94 42.44 -11.45 -11.46
C VAL C 94 43.54 -10.41 -11.27
N ARG C 95 43.12 -9.15 -11.11
CA ARG C 95 44.00 -8.06 -10.72
C ARG C 95 43.14 -7.14 -9.86
N ASP C 96 42.90 -7.56 -8.62
CA ASP C 96 42.02 -6.85 -7.72
C ASP C 96 42.72 -5.60 -7.17
N LYS C 97 41.90 -4.57 -6.93
CA LYS C 97 42.39 -3.24 -6.63
C LYS C 97 41.16 -2.33 -6.59
N LEU C 98 41.04 -1.46 -5.60
CA LEU C 98 39.95 -0.50 -5.63
C LEU C 98 40.01 0.31 -6.92
N ALA C 99 38.83 0.74 -7.38
CA ALA C 99 38.73 1.33 -8.70
C ALA C 99 39.58 2.61 -8.81
N ILE C 100 39.56 3.44 -7.77
CA ILE C 100 40.33 4.70 -7.75
C ILE C 100 41.84 4.47 -7.82
N LYS C 101 42.33 3.27 -7.55
CA LYS C 101 43.75 2.98 -7.68
C LYS C 101 44.07 2.21 -8.95
N MET C 102 43.16 2.22 -9.91
CA MET C 102 43.21 1.26 -11.01
C MET C 102 43.39 2.04 -12.31
N LYS C 103 44.56 1.89 -12.94
CA LYS C 103 44.76 2.47 -14.26
C LYS C 103 43.89 1.73 -15.26
N THR C 104 43.46 2.44 -16.31
CA THR C 104 42.79 1.77 -17.42
C THR C 104 43.65 0.68 -18.04
N GLU C 105 44.97 0.72 -17.82
CA GLU C 105 45.82 -0.41 -18.14
C GLU C 105 45.35 -1.65 -17.39
N ASP C 106 45.16 -1.52 -16.07
CA ASP C 106 44.78 -2.68 -15.26
C ASP C 106 43.38 -3.16 -15.61
N PHE C 107 42.55 -2.29 -16.18
CA PHE C 107 41.21 -2.65 -16.62
C PHE C 107 41.25 -3.36 -17.98
N HIS C 108 41.99 -2.82 -18.92
CA HIS C 108 42.08 -3.49 -20.23
C HIS C 108 42.74 -4.86 -20.09
N HIS C 109 43.80 -5.01 -19.30
CA HIS C 109 44.44 -6.32 -19.19
C HIS C 109 43.39 -7.38 -18.84
N VAL C 110 42.56 -7.09 -17.84
CA VAL C 110 41.60 -8.08 -17.35
C VAL C 110 40.48 -8.29 -18.37
N ILE C 111 39.94 -7.21 -18.94
CA ILE C 111 38.93 -7.36 -20.00
C ILE C 111 39.46 -8.17 -21.17
N ASP C 112 40.63 -7.78 -21.69
CA ASP C 112 41.17 -8.44 -22.87
C ASP C 112 41.44 -9.91 -22.60
N ASN C 113 41.96 -10.24 -21.41
CA ASN C 113 42.34 -11.62 -21.14
C ASN C 113 41.12 -12.50 -20.85
N ASN C 114 40.16 -11.99 -20.05
CA ASN C 114 39.10 -12.85 -19.52
C ASN C 114 37.90 -12.98 -20.44
N LEU C 115 37.60 -11.95 -21.23
CA LEU C 115 36.42 -11.96 -22.07
C LEU C 115 36.66 -11.90 -23.57
N THR C 116 37.69 -11.21 -24.05
CA THR C 116 38.01 -11.37 -25.46
C THR C 116 38.34 -12.83 -25.78
N SER C 117 39.14 -13.46 -24.91
CA SER C 117 39.49 -14.87 -25.03
C SER C 117 38.24 -15.75 -25.18
N ALA C 118 37.28 -15.58 -24.28
CA ALA C 118 36.03 -16.34 -24.38
C ALA C 118 35.31 -16.04 -25.69
N PHE C 119 35.45 -14.82 -26.20
CA PHE C 119 34.85 -14.49 -27.49
C PHE C 119 35.50 -15.30 -28.62
N ILE C 120 36.85 -15.35 -28.66
CA ILE C 120 37.48 -16.13 -29.72
C ILE C 120 37.06 -17.58 -29.61
N GLY C 121 37.11 -18.12 -28.39
CA GLY C 121 36.74 -19.51 -28.17
C GLY C 121 35.34 -19.82 -28.67
N CYS C 122 34.38 -18.95 -28.34
CA CYS C 122 32.98 -19.23 -28.67
C CYS C 122 32.76 -19.10 -30.17
N ARG C 123 33.28 -18.04 -30.78
CA ARG C 123 33.12 -17.81 -32.20
C ARG C 123 33.74 -18.97 -33.00
N GLU C 124 34.95 -19.42 -32.61
CA GLU C 124 35.52 -20.60 -33.25
C GLU C 124 34.82 -21.90 -32.95
N ALA C 125 34.27 -22.09 -31.74
CA ALA C 125 33.40 -23.24 -31.49
C ALA C 125 32.25 -23.27 -32.50
N LEU C 126 31.59 -22.12 -32.67
CA LEU C 126 30.58 -21.99 -33.70
C LEU C 126 31.09 -22.47 -35.03
N LYS C 127 32.30 -22.04 -35.41
CA LYS C 127 32.81 -22.45 -36.72
C LYS C 127 33.06 -23.96 -36.79
N VAL C 128 33.82 -24.53 -35.88
CA VAL C 128 34.18 -25.94 -36.05
C VAL C 128 33.05 -26.93 -35.74
N MET C 129 32.02 -26.55 -35.01
CA MET C 129 30.97 -27.48 -34.63
C MET C 129 29.71 -27.40 -35.50
N SER C 130 29.67 -26.49 -36.46
CA SER C 130 28.44 -26.24 -37.21
C SER C 130 28.14 -27.38 -38.20
N LYS C 131 29.14 -27.76 -38.99
CA LYS C 131 29.09 -28.90 -39.90
C LYS C 131 28.32 -30.08 -39.33
N SER C 132 28.80 -30.58 -38.18
CA SER C 132 28.38 -31.82 -37.56
C SER C 132 27.14 -31.66 -36.73
N ARG C 133 26.59 -30.44 -36.64
CA ARG C 133 25.29 -30.23 -36.04
C ARG C 133 25.31 -30.57 -34.56
N PHE C 134 26.44 -30.41 -33.90
CA PHE C 134 26.58 -30.86 -32.51
C PHE C 134 27.69 -30.09 -31.83
N GLY C 135 27.45 -29.73 -30.56
CA GLY C 135 28.48 -29.07 -29.77
C GLY C 135 28.02 -28.63 -28.40
N SER C 136 28.96 -28.38 -27.49
CA SER C 136 28.63 -27.84 -26.17
C SER C 136 29.82 -27.05 -25.66
N VAL C 137 29.54 -25.81 -25.25
CA VAL C 137 30.56 -24.87 -24.80
C VAL C 137 30.13 -24.39 -23.43
N VAL C 138 31.06 -24.39 -22.48
CA VAL C 138 30.82 -23.89 -21.14
C VAL C 138 31.83 -22.78 -20.85
N ASN C 139 31.32 -21.61 -20.45
CA ASN C 139 32.16 -20.49 -20.09
C ASN C 139 32.22 -20.43 -18.57
N ILE C 140 33.43 -20.38 -18.01
CA ILE C 140 33.61 -20.38 -16.56
C ILE C 140 33.56 -18.92 -16.11
N ALA C 141 32.41 -18.50 -15.59
CA ALA C 141 32.26 -17.14 -15.10
C ALA C 141 32.50 -17.13 -13.60
N SER C 142 31.71 -16.36 -12.86
CA SER C 142 31.90 -16.22 -11.42
C SER C 142 30.66 -15.60 -10.79
N ILE C 143 30.49 -15.85 -9.49
CA ILE C 143 29.47 -15.16 -8.72
C ILE C 143 29.70 -13.65 -8.78
N ILE C 144 30.96 -13.22 -8.89
CA ILE C 144 31.26 -11.80 -8.94
C ILE C 144 30.62 -11.16 -10.16
N GLY C 145 30.62 -11.85 -11.30
CA GLY C 145 29.93 -11.36 -12.48
C GLY C 145 28.42 -11.24 -12.33
N GLU C 146 27.83 -11.89 -11.33
CA GLU C 146 26.39 -11.82 -11.09
C GLU C 146 26.01 -10.78 -10.06
N ARG C 147 26.87 -10.59 -9.05
CA ARG C 147 26.56 -9.75 -7.91
C ARG C 147 27.51 -8.58 -7.75
N GLY C 148 28.68 -8.61 -8.38
CA GLY C 148 29.65 -7.54 -8.21
C GLY C 148 30.36 -7.60 -6.87
N ASN C 149 31.47 -6.90 -6.76
CA ASN C 149 32.25 -6.96 -5.53
C ASN C 149 33.10 -5.70 -5.41
N MET C 150 33.35 -5.30 -4.18
CA MET C 150 34.26 -4.19 -3.94
C MET C 150 35.68 -4.62 -4.27
N GLY C 151 36.39 -3.77 -5.02
CA GLY C 151 37.73 -4.07 -5.48
C GLY C 151 37.80 -4.91 -6.73
N GLN C 152 36.67 -5.17 -7.38
CA GLN C 152 36.63 -6.08 -8.52
C GLN C 152 35.78 -5.51 -9.65
N THR C 153 35.92 -4.21 -9.92
CA THR C 153 35.25 -3.61 -11.07
C THR C 153 35.67 -4.27 -12.38
N ASN C 154 36.99 -4.45 -12.59
CA ASN C 154 37.47 -5.11 -13.78
C ASN C 154 37.00 -6.57 -13.87
N TYR C 155 37.15 -7.33 -12.79
CA TYR C 155 36.79 -8.75 -12.85
C TYR C 155 35.29 -8.91 -13.06
N SER C 156 34.49 -8.11 -12.33
CA SER C 156 33.03 -8.23 -12.46
C SER C 156 32.55 -7.80 -13.84
N ALA C 157 33.17 -6.76 -14.41
CA ALA C 157 32.84 -6.38 -15.79
C ALA C 157 33.12 -7.53 -16.74
N SER C 158 34.31 -8.13 -16.65
CA SER C 158 34.67 -9.23 -17.55
C SER C 158 33.70 -10.41 -17.40
N LYS C 159 33.44 -10.83 -16.17
CA LYS C 159 32.64 -12.04 -16.01
C LYS C 159 31.17 -11.80 -16.33
N GLY C 160 30.63 -10.63 -15.97
CA GLY C 160 29.25 -10.32 -16.34
C GLY C 160 29.08 -10.21 -17.84
N GLY C 161 30.05 -9.58 -18.52
CA GLY C 161 30.03 -9.56 -19.97
C GLY C 161 30.09 -10.96 -20.56
N MET C 162 30.88 -11.84 -19.95
CA MET C 162 30.89 -13.21 -20.43
C MET C 162 29.50 -13.82 -20.34
N ILE C 163 28.89 -13.73 -19.16
CA ILE C 163 27.58 -14.35 -18.94
C ILE C 163 26.57 -13.88 -19.99
N ALA C 164 26.58 -12.58 -20.32
CA ALA C 164 25.63 -12.10 -21.33
C ALA C 164 26.02 -12.52 -22.76
N MET C 165 27.33 -12.43 -23.08
CA MET C 165 27.80 -12.84 -24.39
C MET C 165 27.46 -14.30 -24.64
N SER C 166 27.63 -15.13 -23.62
CA SER C 166 27.27 -16.54 -23.69
C SER C 166 25.85 -16.72 -24.19
N LYS C 167 24.92 -15.90 -23.70
CA LYS C 167 23.54 -15.99 -24.13
C LYS C 167 23.40 -15.64 -25.61
N SER C 168 24.07 -14.57 -26.03
CA SER C 168 24.03 -14.22 -27.46
C SER C 168 24.54 -15.36 -28.33
N PHE C 169 25.63 -15.99 -27.90
CA PHE C 169 26.19 -17.13 -28.63
C PHE C 169 25.21 -18.29 -28.67
N ALA C 170 24.57 -18.59 -27.53
CA ALA C 170 23.52 -19.61 -27.50
C ALA C 170 22.47 -19.35 -28.56
N TYR C 171 22.06 -18.09 -28.70
CA TYR C 171 21.14 -17.75 -29.78
C TYR C 171 21.71 -18.11 -31.14
N GLU C 172 22.99 -17.76 -31.37
CA GLU C 172 23.53 -17.94 -32.71
C GLU C 172 23.80 -19.41 -33.05
N GLY C 173 23.99 -20.26 -32.05
CA GLY C 173 24.32 -21.66 -32.31
C GLY C 173 23.21 -22.63 -32.01
N ALA C 174 22.04 -22.12 -31.59
CA ALA C 174 20.97 -23.01 -31.17
C ALA C 174 20.39 -23.80 -32.33
N LEU C 175 20.26 -23.17 -33.50
CA LEU C 175 19.63 -23.85 -34.63
C LEU C 175 20.44 -25.03 -35.13
N ARG C 176 21.73 -25.10 -34.78
CA ARG C 176 22.64 -26.15 -35.20
C ARG C 176 23.07 -27.03 -34.03
N ASN C 177 22.32 -27.00 -32.93
CA ASN C 177 22.56 -27.86 -31.77
C ASN C 177 23.93 -27.59 -31.14
N ILE C 178 24.42 -26.35 -31.21
CA ILE C 178 25.62 -25.94 -30.48
C ILE C 178 25.14 -25.18 -29.25
N ARG C 179 25.30 -25.76 -28.07
CA ARG C 179 24.76 -25.19 -26.86
C ARG C 179 25.84 -24.39 -26.14
N PHE C 180 25.44 -23.27 -25.56
CA PHE C 180 26.32 -22.38 -24.83
C PHE C 180 25.73 -22.18 -23.45
N ASN C 181 26.56 -22.30 -22.42
CA ASN C 181 26.12 -22.16 -21.04
C ASN C 181 27.26 -21.64 -20.21
N SER C 182 26.93 -21.03 -19.07
CA SER C 182 27.94 -20.51 -18.14
C SER C 182 27.82 -21.21 -16.80
N VAL C 183 28.92 -21.19 -16.05
CA VAL C 183 28.96 -21.63 -14.66
C VAL C 183 29.48 -20.47 -13.83
N THR C 184 28.84 -20.23 -12.68
CA THR C 184 29.24 -19.15 -11.78
C THR C 184 29.61 -19.74 -10.42
N PRO C 185 30.86 -20.20 -10.27
CA PRO C 185 31.31 -20.69 -8.97
C PRO C 185 31.27 -19.60 -7.90
N GLY C 186 31.18 -20.04 -6.65
CA GLY C 186 31.31 -19.15 -5.51
C GLY C 186 32.74 -19.13 -5.02
N PHE C 187 32.94 -19.33 -3.73
CA PHE C 187 34.27 -19.40 -3.12
C PHE C 187 34.72 -20.85 -3.13
N ILE C 188 35.73 -21.15 -3.94
CA ILE C 188 36.25 -22.51 -4.17
C ILE C 188 37.65 -22.60 -3.53
N GLU C 189 37.96 -23.58 -2.62
CA GLU C 189 39.26 -23.60 -2.09
C GLU C 189 40.36 -23.65 -3.07
N ALA C 202 37.18 -18.44 7.14
CA ALA C 202 36.32 -18.56 8.33
C ALA C 202 35.32 -17.41 8.31
N ASP C 203 35.80 -16.20 8.18
CA ASP C 203 34.82 -15.11 8.08
C ASP C 203 34.14 -15.24 6.72
N TYR C 204 34.89 -15.61 5.68
CA TYR C 204 34.30 -15.81 4.35
C TYR C 204 33.21 -16.88 4.42
N VAL C 205 33.47 -17.98 5.13
CA VAL C 205 32.53 -19.12 5.20
C VAL C 205 31.28 -18.82 6.01
N LYS C 206 31.25 -17.74 6.76
CA LYS C 206 30.06 -17.33 7.54
C LYS C 206 28.86 -17.12 6.62
N ASN C 207 29.02 -16.60 5.39
CA ASN C 207 27.87 -16.28 4.51
C ASN C 207 27.54 -17.37 3.48
N ILE C 208 28.10 -18.55 3.56
CA ILE C 208 27.81 -19.66 2.68
C ILE C 208 26.84 -20.64 3.48
N PRO C 209 25.64 -20.82 2.99
CA PRO C 209 24.72 -21.71 3.77
C PRO C 209 25.30 -23.10 3.98
N LEU C 210 25.89 -23.71 2.96
CA LEU C 210 26.51 -25.01 3.14
C LEU C 210 27.71 -24.97 4.10
N ASN C 211 28.14 -23.78 4.53
CA ASN C 211 29.12 -23.63 5.61
C ASN C 211 30.47 -24.21 5.25
N ARG C 212 30.84 -24.17 3.98
CA ARG C 212 32.14 -24.68 3.55
C ARG C 212 32.49 -24.07 2.21
N LEU C 213 33.77 -24.17 1.86
CA LEU C 213 34.22 -23.76 0.55
C LEU C 213 33.89 -24.87 -0.44
N GLY C 214 33.75 -24.51 -1.71
CA GLY C 214 33.52 -25.52 -2.71
C GLY C 214 34.81 -26.20 -3.12
N ALA C 215 34.72 -27.47 -3.45
CA ALA C 215 35.86 -28.14 -4.05
C ALA C 215 35.91 -27.78 -5.52
N ALA C 216 37.13 -27.68 -6.07
CA ALA C 216 37.26 -27.44 -7.50
C ALA C 216 36.51 -28.51 -8.29
N LYS C 217 36.36 -29.68 -7.68
CA LYS C 217 35.76 -30.83 -8.32
C LYS C 217 34.23 -30.69 -8.50
N GLU C 218 33.54 -30.03 -7.55
CA GLU C 218 32.11 -29.77 -7.73
C GLU C 218 31.86 -28.85 -8.92
N VAL C 219 32.68 -27.79 -9.07
CA VAL C 219 32.63 -26.96 -10.27
C VAL C 219 32.86 -27.79 -11.53
N ALA C 220 33.88 -28.66 -11.49
CA ALA C 220 34.16 -29.51 -12.65
C ALA C 220 32.97 -30.38 -13.02
N GLU C 221 32.29 -30.95 -12.02
CA GLU C 221 31.14 -31.81 -12.33
C GLU C 221 29.96 -31.02 -12.88
N ALA C 222 29.73 -29.80 -12.40
CA ALA C 222 28.72 -28.97 -13.04
C ALA C 222 29.07 -28.71 -14.50
N VAL C 223 30.34 -28.43 -14.78
CA VAL C 223 30.79 -28.24 -16.16
C VAL C 223 30.52 -29.48 -17.00
N ALA C 224 30.85 -30.66 -16.44
CA ALA C 224 30.58 -31.92 -17.12
C ALA C 224 29.10 -32.06 -17.44
N PHE C 225 28.21 -31.77 -16.48
CA PHE C 225 26.77 -31.82 -16.75
C PHE C 225 26.42 -30.93 -17.93
N LEU C 226 26.87 -29.67 -17.91
CA LEU C 226 26.47 -28.79 -19.01
C LEU C 226 27.06 -29.24 -20.35
N LEU C 227 28.16 -30.01 -20.32
CA LEU C 227 28.71 -30.56 -21.56
C LEU C 227 28.03 -31.88 -21.98
N SER C 228 27.53 -32.66 -21.03
CA SER C 228 27.03 -34.00 -21.33
C SER C 228 25.73 -33.94 -22.15
N ASP C 229 25.22 -35.12 -22.52
CA ASP C 229 23.94 -35.23 -23.20
C ASP C 229 22.76 -34.98 -22.27
N HIS C 230 22.99 -35.01 -20.96
CA HIS C 230 21.91 -34.87 -20.00
C HIS C 230 21.33 -33.46 -19.98
N SER C 231 22.08 -32.47 -20.50
CA SER C 231 21.63 -31.09 -20.62
C SER C 231 21.29 -30.71 -22.04
N SER C 232 20.74 -31.65 -22.82
CA SER C 232 20.58 -31.42 -24.24
C SER C 232 19.53 -30.36 -24.56
N TYR C 233 18.68 -30.00 -23.60
CA TYR C 233 17.68 -28.96 -23.80
C TYR C 233 18.02 -27.69 -23.02
N ILE C 234 19.25 -27.54 -22.56
CA ILE C 234 19.66 -26.41 -21.72
C ILE C 234 20.67 -25.59 -22.50
N THR C 235 20.28 -24.42 -22.96
CA THR C 235 21.20 -23.50 -23.62
C THR C 235 20.89 -22.07 -23.18
N GLY C 236 21.94 -21.26 -23.05
CA GLY C 236 21.75 -19.91 -22.56
C GLY C 236 21.55 -19.80 -21.07
N GLU C 237 21.86 -20.84 -20.31
CA GLU C 237 21.67 -20.87 -18.87
C GLU C 237 22.97 -20.56 -18.14
N THR C 238 22.82 -20.07 -16.91
CA THR C 238 23.91 -19.70 -16.01
C THR C 238 23.72 -20.51 -14.74
N LEU C 239 24.63 -21.45 -14.48
CA LEU C 239 24.42 -22.47 -13.47
C LEU C 239 25.24 -22.14 -12.22
N LYS C 240 24.56 -21.83 -11.12
CA LYS C 240 25.24 -21.30 -9.93
C LYS C 240 25.79 -22.43 -9.07
N VAL C 241 27.11 -22.40 -8.87
CA VAL C 241 27.81 -23.37 -8.03
C VAL C 241 28.47 -22.60 -6.89
N ASN C 242 27.68 -22.21 -5.88
CA ASN C 242 28.19 -21.36 -4.81
C ASN C 242 27.75 -21.80 -3.43
N GLY C 243 27.26 -23.03 -3.27
CA GLY C 243 26.79 -23.49 -1.97
C GLY C 243 25.71 -22.65 -1.31
N GLY C 244 24.97 -21.85 -2.08
CA GLY C 244 23.90 -21.03 -1.55
C GLY C 244 24.28 -19.60 -1.26
N LEU C 245 25.53 -19.22 -1.51
CA LEU C 245 26.00 -17.86 -1.24
C LEU C 245 25.16 -16.82 -1.96
N TYR C 246 24.70 -17.12 -3.18
CA TYR C 246 23.87 -16.21 -3.96
C TYR C 246 22.73 -16.99 -4.61
N MET C 247 21.51 -16.52 -4.41
CA MET C 247 20.33 -17.13 -5.02
C MET C 247 19.51 -16.11 -5.79
N MET D 1 10.25 16.26 -10.65
CA MET D 1 10.91 15.50 -9.59
C MET D 1 11.85 16.41 -8.80
N GLN D 2 12.31 15.89 -7.66
CA GLN D 2 13.02 16.66 -6.66
C GLN D 2 14.49 16.27 -6.62
N PHE D 3 15.38 17.24 -6.80
CA PHE D 3 16.82 17.00 -6.81
C PHE D 3 17.52 17.87 -5.78
N THR D 4 18.21 17.22 -4.84
CA THR D 4 19.16 17.93 -3.97
C THR D 4 20.38 18.42 -4.72
N GLY D 5 20.86 17.67 -5.70
CA GLY D 5 21.98 18.11 -6.49
C GLY D 5 21.62 19.27 -7.39
N LYS D 6 22.64 19.84 -8.03
CA LYS D 6 22.47 21.02 -8.87
C LYS D 6 22.88 20.81 -10.33
N ASN D 7 23.79 19.88 -10.62
CA ASN D 7 24.25 19.73 -11.99
C ASN D 7 24.47 18.26 -12.33
N VAL D 8 24.54 18.01 -13.64
CA VAL D 8 24.60 16.66 -14.17
C VAL D 8 25.42 16.68 -15.44
N LEU D 9 26.31 15.69 -15.60
CA LEU D 9 27.05 15.50 -16.84
C LEU D 9 26.52 14.28 -17.57
N ILE D 10 26.23 14.41 -18.87
CA ILE D 10 25.68 13.35 -19.69
C ILE D 10 26.62 13.10 -20.87
N THR D 11 27.24 11.92 -20.88
CA THR D 11 28.14 11.57 -21.97
C THR D 11 27.34 11.20 -23.20
N GLY D 12 27.87 11.57 -24.38
CA GLY D 12 27.23 11.33 -25.65
C GLY D 12 25.82 11.86 -25.76
N ALA D 13 25.62 13.15 -25.48
CA ALA D 13 24.29 13.71 -25.25
C ALA D 13 23.82 14.66 -26.35
N SER D 14 24.52 14.74 -27.48
CA SER D 14 24.16 15.71 -28.50
C SER D 14 22.89 15.34 -29.27
N LYS D 15 22.50 14.06 -29.30
CA LYS D 15 21.30 13.67 -30.03
C LYS D 15 20.69 12.41 -29.39
N GLY D 16 19.52 12.04 -29.89
CA GLY D 16 18.89 10.79 -29.47
C GLY D 16 18.52 10.76 -28.00
N ILE D 17 18.75 9.60 -27.38
CA ILE D 17 18.35 9.39 -25.99
C ILE D 17 19.15 10.31 -25.07
N GLY D 18 20.44 10.52 -25.36
CA GLY D 18 21.23 11.42 -24.55
C GLY D 18 20.70 12.85 -24.59
N ALA D 19 20.35 13.32 -25.80
CA ALA D 19 19.75 14.64 -25.91
C ALA D 19 18.46 14.73 -25.13
N GLU D 20 17.63 13.70 -25.20
CA GLU D 20 16.37 13.75 -24.49
C GLU D 20 16.57 13.71 -22.98
N ILE D 21 17.56 12.97 -22.50
CA ILE D 21 17.89 13.02 -21.07
C ILE D 21 18.31 14.43 -20.68
N ALA D 22 19.14 15.06 -21.51
CA ALA D 22 19.54 16.45 -21.26
C ALA D 22 18.32 17.36 -21.16
N ARG D 23 17.40 17.23 -22.11
CA ARG D 23 16.20 18.05 -22.16
C ARG D 23 15.36 17.87 -20.90
N THR D 24 15.15 16.61 -20.50
CA THR D 24 14.33 16.27 -19.34
C THR D 24 14.95 16.80 -18.05
N LEU D 25 16.24 16.53 -17.86
CA LEU D 25 16.90 16.97 -16.64
C LEU D 25 16.98 18.50 -16.56
N ALA D 26 17.17 19.18 -17.70
CA ALA D 26 17.22 20.64 -17.64
C ALA D 26 15.84 21.21 -17.38
N SER D 27 14.79 20.59 -17.92
CA SER D 27 13.45 21.04 -17.59
C SER D 27 13.10 20.78 -16.13
N MET D 28 13.83 19.90 -15.45
CA MET D 28 13.65 19.73 -14.01
C MET D 28 14.63 20.57 -13.18
N GLY D 29 15.33 21.53 -13.79
CA GLY D 29 16.05 22.54 -13.03
C GLY D 29 17.50 22.25 -12.77
N LEU D 30 18.04 21.16 -13.30
CA LEU D 30 19.47 20.89 -13.19
C LEU D 30 20.20 21.62 -14.31
N LYS D 31 21.42 22.06 -14.01
CA LYS D 31 22.32 22.50 -15.06
C LYS D 31 22.88 21.26 -15.75
N VAL D 32 22.59 21.11 -17.03
CA VAL D 32 23.04 19.97 -17.80
C VAL D 32 24.32 20.33 -18.54
N TRP D 33 25.30 19.44 -18.48
CA TRP D 33 26.50 19.52 -19.29
C TRP D 33 26.37 18.48 -20.39
N ILE D 34 26.36 18.93 -21.63
CA ILE D 34 26.08 18.08 -22.79
C ILE D 34 27.40 17.75 -23.44
N ASN D 35 27.86 16.51 -23.25
CA ASN D 35 29.03 16.00 -23.94
C ASN D 35 28.82 15.75 -25.42
N TYR D 36 29.84 16.12 -26.18
CA TYR D 36 29.97 15.68 -27.56
C TYR D 36 31.43 15.42 -27.84
N ARG D 37 31.70 14.61 -28.88
CA ARG D 37 33.06 14.27 -29.25
C ARG D 37 33.49 14.95 -30.55
N SER D 38 32.68 14.85 -31.60
CA SER D 38 33.09 15.33 -32.92
C SER D 38 32.53 16.71 -33.27
N ASN D 39 31.57 16.77 -34.22
CA ASN D 39 31.03 18.05 -34.67
C ASN D 39 30.21 18.69 -33.56
N ALA D 40 30.40 19.99 -33.36
CA ALA D 40 29.78 20.72 -32.26
C ALA D 40 28.48 21.41 -32.65
N GLU D 41 28.10 21.36 -33.93
CA GLU D 41 26.91 22.09 -34.35
C GLU D 41 25.68 21.60 -33.58
N VAL D 42 25.54 20.28 -33.41
CA VAL D 42 24.28 19.73 -32.92
C VAL D 42 24.20 19.90 -31.41
N ALA D 43 25.35 19.77 -30.73
CA ALA D 43 25.43 20.06 -29.31
C ALA D 43 25.15 21.53 -29.03
N ASP D 44 25.74 22.44 -29.82
CA ASP D 44 25.48 23.86 -29.64
C ASP D 44 24.00 24.17 -29.89
N ALA D 45 23.41 23.53 -30.88
CA ALA D 45 21.99 23.71 -31.17
C ALA D 45 21.13 23.26 -29.99
N LEU D 46 21.45 22.11 -29.40
CA LEU D 46 20.70 21.64 -28.25
C LEU D 46 20.87 22.57 -27.05
N LYS D 47 22.10 23.05 -26.81
CA LYS D 47 22.34 23.97 -25.71
C LYS D 47 21.58 25.28 -25.91
N ASN D 48 21.53 25.77 -27.15
CA ASN D 48 20.77 26.96 -27.45
C ASN D 48 19.28 26.73 -27.20
N GLU D 49 18.73 25.61 -27.69
CA GLU D 49 17.33 25.28 -27.39
C GLU D 49 17.05 25.30 -25.89
N LEU D 50 17.92 24.63 -25.11
CA LEU D 50 17.66 24.48 -23.68
C LEU D 50 17.77 25.80 -22.94
N GLU D 51 18.73 26.66 -23.30
CA GLU D 51 18.73 27.98 -22.68
C GLU D 51 17.50 28.76 -23.10
N GLU D 52 17.06 28.60 -24.35
CA GLU D 52 15.98 29.44 -24.86
C GLU D 52 14.64 29.08 -24.27
N LYS D 53 14.51 27.87 -23.72
CA LYS D 53 13.36 27.51 -22.90
C LYS D 53 13.52 27.98 -21.46
N GLY D 54 14.60 28.70 -21.13
CA GLY D 54 14.82 29.18 -19.77
C GLY D 54 15.69 28.30 -18.88
N TYR D 55 16.29 27.24 -19.41
CA TYR D 55 17.01 26.28 -18.59
C TYR D 55 18.50 26.59 -18.56
N LYS D 56 19.22 25.84 -17.72
CA LYS D 56 20.67 25.95 -17.59
C LYS D 56 21.33 24.83 -18.39
N ALA D 57 22.19 25.21 -19.34
CA ALA D 57 22.88 24.24 -20.18
C ALA D 57 24.26 24.74 -20.56
N ALA D 58 25.21 23.81 -20.63
CA ALA D 58 26.52 24.08 -21.17
C ALA D 58 26.94 22.89 -22.03
N VAL D 59 27.91 23.12 -22.91
CA VAL D 59 28.41 22.06 -23.77
C VAL D 59 29.85 21.78 -23.37
N ILE D 60 30.29 20.53 -23.54
CA ILE D 60 31.67 20.19 -23.26
C ILE D 60 32.11 19.08 -24.21
N LYS D 61 33.33 19.22 -24.72
CA LYS D 61 33.87 18.33 -25.74
C LYS D 61 34.92 17.43 -25.12
N PHE D 62 34.72 16.12 -25.22
CA PHE D 62 35.74 15.14 -24.84
C PHE D 62 35.31 13.80 -25.40
N ASP D 63 36.28 12.92 -25.52
CA ASP D 63 36.05 11.52 -25.88
C ASP D 63 35.89 10.75 -24.57
N ALA D 64 34.70 10.16 -24.37
CA ALA D 64 34.44 9.47 -23.10
C ALA D 64 35.22 8.17 -22.98
N ALA D 65 35.77 7.65 -24.08
CA ALA D 65 36.62 6.47 -24.06
C ALA D 65 38.09 6.80 -23.79
N SER D 66 38.42 8.07 -23.58
CA SER D 66 39.77 8.53 -23.26
C SER D 66 39.84 8.87 -21.78
N GLU D 67 40.73 8.20 -21.05
CA GLU D 67 40.91 8.46 -19.64
C GLU D 67 41.18 9.93 -19.37
N SER D 68 42.38 10.41 -19.72
CA SER D 68 42.78 11.80 -19.50
C SER D 68 41.71 12.79 -19.89
N ASP D 69 41.12 12.58 -21.07
CA ASP D 69 40.20 13.58 -21.62
C ASP D 69 38.99 13.73 -20.74
N PHE D 70 38.50 12.60 -20.22
CA PHE D 70 37.25 12.61 -19.50
C PHE D 70 37.49 12.93 -18.00
N VAL D 71 38.72 12.65 -17.50
CA VAL D 71 39.06 13.12 -16.15
C VAL D 71 39.21 14.64 -16.16
N GLU D 72 39.89 15.20 -17.17
CA GLU D 72 40.09 16.65 -17.22
C GLU D 72 38.79 17.38 -17.43
N ALA D 73 37.86 16.78 -18.18
CA ALA D 73 36.54 17.38 -18.35
C ALA D 73 35.79 17.47 -17.02
N ILE D 74 35.80 16.39 -16.24
CA ILE D 74 35.11 16.45 -14.95
C ILE D 74 35.79 17.46 -14.03
N GLN D 75 37.13 17.57 -14.10
CA GLN D 75 37.82 18.59 -13.31
C GLN D 75 37.39 20.00 -13.72
N ALA D 76 37.23 20.23 -15.03
CA ALA D 76 36.78 21.54 -15.51
C ALA D 76 35.38 21.86 -15.03
N ILE D 77 34.49 20.86 -15.03
CA ILE D 77 33.13 21.09 -14.52
C ILE D 77 33.17 21.39 -13.02
N VAL D 78 33.99 20.65 -12.26
CA VAL D 78 34.14 20.92 -10.83
C VAL D 78 34.60 22.36 -10.62
N GLN D 79 35.55 22.78 -11.43
CA GLN D 79 36.13 24.13 -11.27
C GLN D 79 35.14 25.21 -11.67
N SER D 80 34.25 24.95 -12.62
CA SER D 80 33.25 25.95 -13.03
C SER D 80 32.07 26.03 -12.07
N ASP D 81 31.54 24.87 -11.64
CA ASP D 81 30.32 24.82 -10.85
C ASP D 81 30.56 24.64 -9.36
N GLY D 82 31.71 24.13 -8.94
CA GLY D 82 31.98 23.84 -7.54
C GLY D 82 31.91 22.38 -7.17
N GLY D 83 31.37 21.55 -8.05
CA GLY D 83 31.25 20.13 -7.81
C GLY D 83 30.48 19.47 -8.96
N LEU D 84 30.16 18.19 -8.77
CA LEU D 84 29.32 17.49 -9.74
C LEU D 84 28.37 16.58 -8.98
N SER D 85 27.07 16.88 -9.05
CA SER D 85 26.08 16.07 -8.34
C SER D 85 25.79 14.75 -9.05
N TYR D 86 25.64 14.78 -10.37
CA TYR D 86 25.06 13.67 -11.10
C TYR D 86 25.87 13.32 -12.35
N LEU D 87 25.92 12.02 -12.65
CA LEU D 87 26.50 11.57 -13.91
C LEU D 87 25.62 10.55 -14.60
N VAL D 88 25.54 10.66 -15.93
CA VAL D 88 24.82 9.73 -16.77
C VAL D 88 25.81 9.23 -17.80
N ASN D 89 26.20 7.96 -17.71
CA ASN D 89 27.06 7.34 -18.71
C ASN D 89 26.17 6.82 -19.82
N ASN D 90 26.06 7.61 -20.90
CA ASN D 90 25.23 7.30 -22.04
C ASN D 90 26.01 7.06 -23.32
N ALA D 91 27.26 7.50 -23.39
CA ALA D 91 28.08 7.27 -24.58
C ALA D 91 28.10 5.80 -24.94
N GLY D 92 27.85 5.49 -26.21
CA GLY D 92 27.82 4.13 -26.68
C GLY D 92 27.66 4.04 -28.17
N VAL D 93 28.22 3.00 -28.79
CA VAL D 93 28.11 2.77 -30.22
C VAL D 93 27.63 1.34 -30.44
N VAL D 94 27.26 1.04 -31.68
CA VAL D 94 26.94 -0.32 -32.12
C VAL D 94 27.73 -0.62 -33.38
N ARG D 95 28.24 -1.86 -33.47
CA ARG D 95 28.84 -2.40 -34.70
C ARG D 95 28.37 -3.86 -34.79
N ASP D 96 27.14 -4.05 -35.27
CA ASP D 96 26.54 -5.37 -35.34
C ASP D 96 27.06 -6.16 -36.55
N LYS D 97 27.56 -7.36 -36.29
CA LYS D 97 27.66 -8.42 -37.29
C LYS D 97 27.38 -9.75 -36.60
N LEU D 98 27.22 -10.79 -37.42
CA LEU D 98 27.34 -12.14 -36.88
C LEU D 98 28.78 -12.36 -36.42
N ALA D 99 28.94 -13.24 -35.43
CA ALA D 99 30.23 -13.34 -34.74
C ALA D 99 31.32 -13.88 -35.67
N ILE D 100 30.95 -14.86 -36.50
CA ILE D 100 31.85 -15.42 -37.48
C ILE D 100 32.35 -14.41 -38.50
N LYS D 101 31.72 -13.24 -38.58
CA LYS D 101 32.14 -12.16 -39.47
C LYS D 101 32.81 -11.02 -38.72
N MET D 102 33.09 -11.20 -37.44
CA MET D 102 33.53 -10.13 -36.55
C MET D 102 34.98 -10.35 -36.16
N LYS D 103 35.86 -9.45 -36.62
CA LYS D 103 37.24 -9.46 -36.16
C LYS D 103 37.28 -9.02 -34.70
N THR D 104 38.28 -9.54 -33.96
CA THR D 104 38.50 -9.06 -32.60
C THR D 104 38.64 -7.53 -32.56
N GLU D 105 39.04 -6.91 -33.67
CA GLU D 105 39.04 -5.45 -33.79
C GLU D 105 37.64 -4.89 -33.58
N ASP D 106 36.66 -5.45 -34.30
CA ASP D 106 35.26 -5.01 -34.17
C ASP D 106 34.72 -5.28 -32.77
N PHE D 107 35.30 -6.26 -32.06
CA PHE D 107 34.89 -6.52 -30.69
C PHE D 107 35.53 -5.53 -29.73
N HIS D 108 36.83 -5.27 -29.90
CA HIS D 108 37.58 -4.40 -29.00
C HIS D 108 37.07 -2.98 -29.09
N HIS D 109 36.73 -2.51 -30.30
CA HIS D 109 36.20 -1.16 -30.45
C HIS D 109 34.95 -0.97 -29.58
N VAL D 110 33.97 -1.85 -29.76
CA VAL D 110 32.72 -1.75 -29.02
C VAL D 110 32.96 -1.93 -27.53
N ILE D 111 33.83 -2.86 -27.14
CA ILE D 111 34.06 -3.09 -25.72
C ILE D 111 34.68 -1.86 -25.07
N ASP D 112 35.84 -1.42 -25.59
CA ASP D 112 36.48 -0.21 -25.08
C ASP D 112 35.48 0.92 -24.96
N ASN D 113 34.93 1.35 -26.10
CA ASN D 113 34.09 2.53 -26.19
C ASN D 113 32.77 2.41 -25.44
N ASN D 114 32.28 1.21 -25.13
CA ASN D 114 31.04 1.14 -24.37
C ASN D 114 31.23 0.83 -22.89
N LEU D 115 32.22 0.03 -22.51
CA LEU D 115 32.47 -0.30 -21.11
C LEU D 115 33.51 0.59 -20.44
N THR D 116 34.68 0.78 -21.06
CA THR D 116 35.73 1.52 -20.37
C THR D 116 35.34 2.98 -20.16
N SER D 117 34.55 3.55 -21.09
CA SER D 117 34.00 4.88 -20.88
C SER D 117 33.16 4.93 -19.59
N ALA D 118 32.30 3.92 -19.40
CA ALA D 118 31.49 3.89 -18.21
C ALA D 118 32.34 3.66 -16.96
N PHE D 119 33.42 2.89 -17.10
CA PHE D 119 34.32 2.68 -15.97
C PHE D 119 35.01 3.98 -15.55
N ILE D 120 35.52 4.73 -16.54
CA ILE D 120 36.14 6.02 -16.26
C ILE D 120 35.16 6.93 -15.56
N GLY D 121 33.96 7.06 -16.13
CA GLY D 121 32.94 7.91 -15.54
C GLY D 121 32.60 7.53 -14.12
N CYS D 122 32.42 6.24 -13.85
CA CYS D 122 32.02 5.83 -12.50
C CYS D 122 33.14 6.04 -11.50
N ARG D 123 34.39 5.76 -11.89
CA ARG D 123 35.51 6.00 -10.99
C ARG D 123 35.69 7.50 -10.69
N GLU D 124 35.58 8.34 -11.71
CA GLU D 124 35.71 9.76 -11.48
C GLU D 124 34.54 10.30 -10.65
N ALA D 125 33.35 9.74 -10.83
CA ALA D 125 32.24 10.08 -9.96
C ALA D 125 32.56 9.74 -8.51
N LEU D 126 33.14 8.55 -8.28
CA LEU D 126 33.56 8.18 -6.94
C LEU D 126 34.51 9.23 -6.36
N LYS D 127 35.44 9.72 -7.17
CA LYS D 127 36.41 10.70 -6.68
C LYS D 127 35.75 12.03 -6.34
N VAL D 128 34.99 12.60 -7.28
CA VAL D 128 34.48 13.96 -7.11
C VAL D 128 33.24 14.04 -6.22
N MET D 129 32.56 12.93 -5.97
CA MET D 129 31.33 12.96 -5.18
C MET D 129 31.55 12.56 -3.73
N SER D 130 32.74 12.03 -3.40
CA SER D 130 32.95 11.44 -2.08
C SER D 130 32.94 12.47 -0.96
N LYS D 131 33.53 13.64 -1.18
CA LYS D 131 33.66 14.61 -0.09
C LYS D 131 32.31 15.07 0.41
N SER D 132 31.35 15.28 -0.50
CA SER D 132 30.05 15.85 -0.15
C SER D 132 29.03 14.83 0.32
N ARG D 133 29.41 13.54 0.43
CA ARG D 133 28.50 12.46 0.82
C ARG D 133 27.20 12.51 0.00
N PHE D 134 27.33 12.69 -1.30
CA PHE D 134 26.14 12.80 -2.12
C PHE D 134 26.50 12.60 -3.57
N GLY D 135 25.79 11.70 -4.25
CA GLY D 135 25.86 11.65 -5.69
C GLY D 135 24.99 10.55 -6.28
N SER D 136 24.66 10.65 -7.56
CA SER D 136 23.94 9.60 -8.25
C SER D 136 24.50 9.45 -9.64
N VAL D 137 24.62 8.19 -10.05
CA VAL D 137 25.19 7.85 -11.35
C VAL D 137 24.27 6.83 -11.99
N VAL D 138 23.95 7.06 -13.26
CA VAL D 138 23.08 6.16 -14.02
C VAL D 138 23.84 5.71 -15.25
N ASN D 139 23.90 4.41 -15.45
CA ASN D 139 24.53 3.82 -16.62
C ASN D 139 23.41 3.40 -17.56
N ILE D 140 23.36 4.00 -18.75
CA ILE D 140 22.36 3.60 -19.73
C ILE D 140 22.77 2.24 -20.28
N ALA D 141 22.09 1.19 -19.83
CA ALA D 141 22.41 -0.15 -20.32
C ALA D 141 21.49 -0.48 -21.50
N SER D 142 21.18 -1.75 -21.72
CA SER D 142 20.25 -2.17 -22.76
C SER D 142 19.56 -3.47 -22.39
N ILE D 143 18.44 -3.74 -23.07
CA ILE D 143 17.81 -5.05 -22.93
C ILE D 143 18.71 -6.14 -23.48
N ILE D 144 19.51 -5.81 -24.50
CA ILE D 144 20.47 -6.74 -25.06
C ILE D 144 21.47 -7.19 -24.01
N GLY D 145 21.81 -6.30 -23.07
CA GLY D 145 22.73 -6.65 -22.01
C GLY D 145 22.18 -7.65 -21.03
N GLU D 146 20.86 -7.83 -20.97
CA GLU D 146 20.27 -8.79 -20.06
C GLU D 146 19.93 -10.13 -20.70
N ARG D 147 19.59 -10.13 -21.99
CA ARG D 147 19.20 -11.35 -22.67
C ARG D 147 20.14 -11.77 -23.78
N GLY D 148 20.81 -10.83 -24.43
CA GLY D 148 21.63 -11.13 -25.58
C GLY D 148 20.81 -11.15 -26.86
N ASN D 149 21.51 -11.15 -27.98
CA ASN D 149 20.86 -11.05 -29.29
C ASN D 149 21.77 -11.66 -30.34
N MET D 150 21.16 -12.16 -31.41
CA MET D 150 21.88 -12.52 -32.61
C MET D 150 22.57 -11.31 -33.23
N GLY D 151 23.81 -11.49 -33.66
CA GLY D 151 24.53 -10.41 -34.29
C GLY D 151 24.98 -9.33 -33.34
N GLN D 152 24.80 -9.52 -32.04
CA GLN D 152 25.19 -8.51 -31.06
C GLN D 152 25.96 -9.14 -29.92
N THR D 153 26.98 -9.94 -30.27
CA THR D 153 27.84 -10.49 -29.24
C THR D 153 28.66 -9.39 -28.57
N ASN D 154 29.21 -8.47 -29.36
CA ASN D 154 30.01 -7.39 -28.79
C ASN D 154 29.15 -6.46 -27.92
N TYR D 155 28.04 -5.96 -28.49
CA TYR D 155 27.21 -5.00 -27.77
C TYR D 155 26.66 -5.60 -26.48
N SER D 156 26.14 -6.83 -26.57
CA SER D 156 25.62 -7.51 -25.40
C SER D 156 26.70 -7.78 -24.37
N ALA D 157 27.93 -8.09 -24.83
CA ALA D 157 29.03 -8.18 -23.88
C ALA D 157 29.22 -6.86 -23.13
N SER D 158 29.23 -5.75 -23.88
CA SER D 158 29.55 -4.47 -23.26
C SER D 158 28.49 -4.07 -22.24
N LYS D 159 27.22 -4.27 -22.57
CA LYS D 159 26.16 -3.76 -21.74
C LYS D 159 25.77 -4.74 -20.62
N GLY D 160 26.06 -6.04 -20.77
CA GLY D 160 26.04 -6.92 -19.60
C GLY D 160 27.17 -6.64 -18.63
N GLY D 161 28.37 -6.39 -19.16
CA GLY D 161 29.46 -5.97 -18.30
C GLY D 161 29.17 -4.66 -17.60
N MET D 162 28.49 -3.74 -18.27
CA MET D 162 28.10 -2.48 -17.64
C MET D 162 27.13 -2.74 -16.50
N ILE D 163 26.16 -3.63 -16.72
CA ILE D 163 25.20 -3.93 -15.64
C ILE D 163 25.92 -4.48 -14.40
N ALA D 164 26.88 -5.41 -14.59
CA ALA D 164 27.57 -6.00 -13.42
C ALA D 164 28.59 -5.04 -12.78
N MET D 165 29.33 -4.31 -13.61
CA MET D 165 30.28 -3.33 -13.08
C MET D 165 29.57 -2.27 -12.26
N SER D 166 28.39 -1.82 -12.73
CA SER D 166 27.66 -0.79 -11.99
C SER D 166 27.32 -1.26 -10.59
N LYS D 167 26.99 -2.53 -10.41
CA LYS D 167 26.73 -3.05 -9.07
C LYS D 167 27.99 -3.01 -8.21
N SER D 168 29.14 -3.39 -8.79
CA SER D 168 30.40 -3.25 -8.05
C SER D 168 30.62 -1.82 -7.57
N PHE D 169 30.38 -0.86 -8.47
CA PHE D 169 30.51 0.54 -8.09
C PHE D 169 29.52 0.93 -7.00
N ALA D 170 28.31 0.38 -7.06
CA ALA D 170 27.33 0.68 -6.01
C ALA D 170 27.88 0.24 -4.67
N TYR D 171 28.46 -0.97 -4.62
CA TYR D 171 29.11 -1.44 -3.40
C TYR D 171 30.17 -0.47 -2.92
N GLU D 172 30.96 0.08 -3.85
CA GLU D 172 32.07 0.92 -3.41
C GLU D 172 31.63 2.34 -3.00
N GLY D 173 30.58 2.86 -3.61
CA GLY D 173 30.15 4.21 -3.30
C GLY D 173 29.10 4.32 -2.21
N ALA D 174 28.52 3.18 -1.79
CA ALA D 174 27.31 3.25 -0.97
C ALA D 174 27.56 3.85 0.40
N LEU D 175 28.75 3.67 0.95
CA LEU D 175 28.97 4.21 2.29
C LEU D 175 29.19 5.72 2.29
N ARG D 176 29.34 6.34 1.13
CA ARG D 176 29.32 7.79 1.10
C ARG D 176 28.15 8.34 0.29
N ASN D 177 27.05 7.58 0.27
CA ASN D 177 25.80 8.04 -0.35
C ASN D 177 26.00 8.40 -1.81
N ILE D 178 26.85 7.63 -2.50
CA ILE D 178 27.01 7.74 -3.93
C ILE D 178 26.37 6.51 -4.55
N ARG D 179 25.24 6.71 -5.21
CA ARG D 179 24.41 5.63 -5.73
C ARG D 179 24.73 5.38 -7.20
N PHE D 180 24.71 4.10 -7.58
CA PHE D 180 24.91 3.70 -8.97
C PHE D 180 23.77 2.78 -9.41
N ASN D 181 23.24 3.01 -10.61
CA ASN D 181 22.18 2.18 -11.15
C ASN D 181 22.27 2.14 -12.67
N SER D 182 21.63 1.11 -13.23
CA SER D 182 21.53 0.93 -14.67
C SER D 182 20.08 1.09 -15.11
N VAL D 183 19.90 1.54 -16.34
CA VAL D 183 18.63 1.54 -17.03
C VAL D 183 18.78 0.67 -18.26
N THR D 184 17.87 -0.27 -18.46
CA THR D 184 17.92 -1.08 -19.66
C THR D 184 16.75 -0.72 -20.57
N PRO D 185 16.93 0.19 -21.52
CA PRO D 185 15.86 0.45 -22.50
C PRO D 185 15.62 -0.79 -23.34
N GLY D 186 14.40 -0.90 -23.85
CA GLY D 186 14.08 -1.89 -24.85
C GLY D 186 14.22 -1.31 -26.23
N PHE D 187 13.22 -1.49 -27.07
CA PHE D 187 13.22 -0.90 -28.40
C PHE D 187 12.70 0.53 -28.28
N ILE D 188 13.56 1.50 -28.54
CA ILE D 188 13.23 2.92 -28.45
C ILE D 188 13.27 3.52 -29.86
N GLU D 189 12.40 4.52 -30.10
CA GLU D 189 12.02 4.94 -31.46
C GLU D 189 12.89 6.06 -31.91
N ASP D 203 6.34 -5.25 -36.42
CA ASP D 203 7.28 -6.36 -36.57
C ASP D 203 8.07 -6.63 -35.27
N TYR D 204 9.06 -5.79 -34.96
CA TYR D 204 9.54 -5.70 -33.58
C TYR D 204 8.45 -5.32 -32.59
N VAL D 205 7.48 -4.50 -33.02
CA VAL D 205 6.40 -4.08 -32.13
C VAL D 205 5.52 -5.26 -31.73
N LYS D 206 5.55 -6.34 -32.51
CA LYS D 206 4.76 -7.53 -32.22
C LYS D 206 4.95 -7.99 -30.78
N ASN D 207 6.19 -8.31 -30.41
CA ASN D 207 6.51 -8.94 -29.12
C ASN D 207 6.40 -7.99 -27.94
N ILE D 208 6.20 -6.69 -28.16
CA ILE D 208 6.08 -5.72 -27.08
C ILE D 208 4.63 -5.76 -26.60
N PRO D 209 4.36 -6.16 -25.35
CA PRO D 209 2.96 -6.16 -24.87
C PRO D 209 2.27 -4.81 -24.95
N LEU D 210 3.00 -3.71 -24.73
CA LEU D 210 2.43 -2.38 -24.83
C LEU D 210 2.21 -1.94 -26.27
N ASN D 211 2.69 -2.74 -27.22
CA ASN D 211 2.32 -2.63 -28.63
C ASN D 211 2.78 -1.30 -29.23
N ARG D 212 3.94 -0.81 -28.78
CA ARG D 212 4.52 0.40 -29.35
C ARG D 212 5.98 0.48 -28.94
N LEU D 213 6.75 1.21 -29.75
CA LEU D 213 8.11 1.52 -29.34
C LEU D 213 8.07 2.45 -28.14
N GLY D 214 9.16 2.48 -27.40
CA GLY D 214 9.29 3.49 -26.36
C GLY D 214 9.79 4.81 -26.90
N ALA D 215 9.29 5.89 -26.31
CA ALA D 215 9.82 7.20 -26.63
C ALA D 215 11.11 7.44 -25.85
N ALA D 216 12.00 8.25 -26.41
CA ALA D 216 13.21 8.60 -25.68
C ALA D 216 12.90 9.23 -24.33
N LYS D 217 11.81 10.00 -24.25
CA LYS D 217 11.43 10.69 -23.00
C LYS D 217 11.11 9.70 -21.89
N GLU D 218 10.54 8.54 -22.23
CA GLU D 218 10.24 7.55 -21.20
C GLU D 218 11.52 7.03 -20.56
N VAL D 219 12.52 6.70 -21.39
CA VAL D 219 13.86 6.42 -20.87
C VAL D 219 14.33 7.58 -20.00
N ALA D 220 14.23 8.80 -20.52
CA ALA D 220 14.82 9.95 -19.84
C ALA D 220 14.22 10.15 -18.46
N GLU D 221 12.92 9.89 -18.32
CA GLU D 221 12.26 10.05 -17.04
C GLU D 221 12.54 8.88 -16.08
N ALA D 222 12.83 7.69 -16.62
CA ALA D 222 13.41 6.66 -15.77
C ALA D 222 14.76 7.11 -15.20
N VAL D 223 15.63 7.63 -16.06
CA VAL D 223 16.92 8.14 -15.59
C VAL D 223 16.69 9.20 -14.52
N ALA D 224 15.79 10.14 -14.79
CA ALA D 224 15.54 11.24 -13.86
C ALA D 224 15.13 10.70 -12.50
N PHE D 225 14.27 9.67 -12.50
CA PHE D 225 13.89 9.08 -11.22
C PHE D 225 15.10 8.51 -10.48
N LEU D 226 15.99 7.82 -11.19
CA LEU D 226 17.12 7.19 -10.49
C LEU D 226 18.15 8.20 -10.00
N LEU D 227 18.30 9.34 -10.69
CA LEU D 227 19.14 10.42 -10.17
C LEU D 227 18.48 11.14 -9.00
N SER D 228 17.14 11.26 -9.01
CA SER D 228 16.42 12.12 -8.08
C SER D 228 16.57 11.65 -6.64
N ASP D 229 16.07 12.49 -5.72
CA ASP D 229 15.99 12.11 -4.31
C ASP D 229 14.96 11.02 -4.06
N HIS D 230 14.01 10.83 -4.98
CA HIS D 230 12.93 9.88 -4.74
C HIS D 230 13.44 8.44 -4.69
N SER D 231 14.63 8.18 -5.23
CA SER D 231 15.26 6.86 -5.26
C SER D 231 16.39 6.76 -4.26
N SER D 232 16.30 7.47 -3.15
CA SER D 232 17.46 7.63 -2.29
C SER D 232 17.82 6.36 -1.53
N TYR D 233 17.00 5.32 -1.61
CA TYR D 233 17.34 4.05 -0.99
C TYR D 233 17.66 2.97 -2.00
N ILE D 234 17.51 3.26 -3.28
CA ILE D 234 17.78 2.32 -4.35
C ILE D 234 19.23 2.51 -4.77
N THR D 235 20.02 1.44 -4.73
CA THR D 235 21.32 1.43 -5.38
C THR D 235 21.69 0.01 -5.77
N GLY D 236 22.39 -0.12 -6.90
CA GLY D 236 22.76 -1.42 -7.40
C GLY D 236 21.70 -2.13 -8.22
N GLU D 237 20.73 -1.39 -8.76
CA GLU D 237 19.53 -1.92 -9.40
C GLU D 237 19.60 -1.72 -10.90
N THR D 238 18.85 -2.55 -11.63
CA THR D 238 18.70 -2.43 -13.08
C THR D 238 17.23 -2.17 -13.37
N LEU D 239 16.93 -1.00 -13.93
CA LEU D 239 15.57 -0.57 -14.20
C LEU D 239 15.23 -0.82 -15.67
N LYS D 240 14.40 -1.84 -15.90
CA LYS D 240 13.95 -2.17 -17.25
C LYS D 240 12.94 -1.15 -17.73
N VAL D 241 13.14 -0.66 -18.95
CA VAL D 241 12.23 0.30 -19.54
C VAL D 241 11.95 -0.24 -20.94
N ASN D 242 11.14 -1.28 -21.03
CA ASN D 242 11.03 -2.01 -22.28
C ASN D 242 9.59 -2.40 -22.61
N GLY D 243 8.60 -1.79 -21.96
CA GLY D 243 7.21 -2.04 -22.26
C GLY D 243 6.76 -3.47 -22.08
N GLY D 244 7.43 -4.24 -21.24
CA GLY D 244 7.08 -5.63 -21.07
C GLY D 244 7.78 -6.62 -21.98
N LEU D 245 8.62 -6.15 -22.92
CA LEU D 245 9.34 -7.04 -23.83
C LEU D 245 10.11 -8.11 -23.08
N TYR D 246 10.59 -7.78 -21.88
CA TYR D 246 11.41 -8.67 -21.08
C TYR D 246 11.13 -8.41 -19.61
N MET D 247 10.58 -9.40 -18.93
CA MET D 247 10.39 -9.35 -17.49
C MET D 247 11.30 -10.36 -16.80
N MET E 1 -23.33 23.61 -5.16
CA MET E 1 -22.34 23.27 -4.14
C MET E 1 -21.97 21.80 -4.35
N GLN E 2 -20.91 21.39 -3.68
CA GLN E 2 -20.41 20.02 -3.70
C GLN E 2 -21.02 19.18 -2.60
N PHE E 3 -21.38 17.93 -2.94
CA PHE E 3 -21.94 17.00 -1.97
C PHE E 3 -21.34 15.61 -2.13
N THR E 4 -20.74 15.08 -1.06
CA THR E 4 -20.20 13.73 -1.10
C THR E 4 -21.30 12.69 -0.95
N GLY E 5 -22.37 13.01 -0.21
CA GLY E 5 -23.51 12.13 -0.05
C GLY E 5 -24.53 12.34 -1.14
N LYS E 6 -25.52 11.45 -1.15
CA LYS E 6 -26.41 11.31 -2.30
C LYS E 6 -27.84 11.75 -2.05
N ASN E 7 -28.34 11.59 -0.84
CA ASN E 7 -29.77 11.78 -0.60
C ASN E 7 -30.00 12.49 0.73
N VAL E 8 -31.17 13.14 0.80
CA VAL E 8 -31.53 13.99 1.93
C VAL E 8 -33.00 13.85 2.23
N LEU E 9 -33.33 13.62 3.50
CA LEU E 9 -34.73 13.68 3.95
C LEU E 9 -35.01 15.06 4.52
N ILE E 10 -36.14 15.62 4.14
CA ILE E 10 -36.55 16.92 4.65
C ILE E 10 -37.94 16.79 5.25
N THR E 11 -38.04 16.90 6.57
CA THR E 11 -39.34 16.84 7.22
C THR E 11 -40.15 18.09 6.90
N GLY E 12 -41.46 17.91 6.80
CA GLY E 12 -42.38 19.03 6.61
C GLY E 12 -42.17 19.81 5.33
N ALA E 13 -41.83 19.13 4.24
CA ALA E 13 -41.27 19.77 3.04
C ALA E 13 -42.29 20.02 1.94
N SER E 14 -43.59 19.91 2.20
CA SER E 14 -44.54 19.99 1.10
C SER E 14 -44.79 21.41 0.63
N LYS E 15 -44.53 22.37 1.49
CA LYS E 15 -44.75 23.78 1.10
C LYS E 15 -43.74 24.69 1.78
N GLY E 16 -43.83 25.99 1.54
CA GLY E 16 -42.99 27.00 2.16
C GLY E 16 -41.50 26.69 2.10
N ILE E 17 -40.83 27.02 3.21
CA ILE E 17 -39.37 26.91 3.27
C ILE E 17 -38.94 25.47 3.03
N GLY E 18 -39.71 24.50 3.53
CA GLY E 18 -39.35 23.12 3.30
C GLY E 18 -39.36 22.76 1.82
N ALA E 19 -40.42 23.19 1.11
CA ALA E 19 -40.49 22.97 -0.32
C ALA E 19 -39.29 23.59 -1.01
N GLU E 20 -38.91 24.80 -0.61
CA GLU E 20 -37.79 25.45 -1.26
C GLU E 20 -36.48 24.73 -0.96
N ILE E 21 -36.34 24.21 0.26
CA ILE E 21 -35.15 23.41 0.57
C ILE E 21 -35.09 22.20 -0.35
N ALA E 22 -36.23 21.51 -0.53
CA ALA E 22 -36.27 20.37 -1.43
C ALA E 22 -35.90 20.79 -2.86
N ARG E 23 -36.51 21.87 -3.34
CA ARG E 23 -36.24 22.34 -4.70
C ARG E 23 -34.76 22.62 -4.90
N THR E 24 -34.17 23.41 -4.01
CA THR E 24 -32.73 23.75 -4.08
C THR E 24 -31.86 22.50 -4.02
N LEU E 25 -32.10 21.63 -3.03
CA LEU E 25 -31.20 20.49 -2.86
C LEU E 25 -31.30 19.52 -4.03
N ALA E 26 -32.48 19.41 -4.64
CA ALA E 26 -32.58 18.57 -5.83
C ALA E 26 -31.84 19.20 -6.99
N SER E 27 -32.09 20.50 -7.24
CA SER E 27 -31.34 21.23 -8.27
C SER E 27 -29.84 21.03 -8.15
N MET E 28 -29.33 20.75 -6.95
CA MET E 28 -27.91 20.47 -6.80
C MET E 28 -27.56 18.99 -6.94
N GLY E 29 -28.48 18.17 -7.43
CA GLY E 29 -28.20 16.78 -7.71
C GLY E 29 -28.41 15.80 -6.58
N LEU E 30 -29.14 16.17 -5.53
CA LEU E 30 -29.42 15.26 -4.44
C LEU E 30 -30.80 14.65 -4.66
N LYS E 31 -30.94 13.35 -4.39
CA LYS E 31 -32.27 12.74 -4.32
C LYS E 31 -32.96 13.15 -3.03
N VAL E 32 -34.08 13.86 -3.19
CA VAL E 32 -34.77 14.49 -2.08
C VAL E 32 -35.98 13.65 -1.71
N TRP E 33 -36.19 13.50 -0.42
CA TRP E 33 -37.35 12.81 0.13
C TRP E 33 -38.24 13.86 0.81
N ILE E 34 -39.34 14.19 0.15
CA ILE E 34 -40.29 15.20 0.62
C ILE E 34 -41.21 14.55 1.64
N ASN E 35 -41.14 14.99 2.88
CA ASN E 35 -42.04 14.49 3.90
C ASN E 35 -43.33 15.28 3.93
N TYR E 36 -44.44 14.57 4.12
CA TYR E 36 -45.72 15.24 4.36
C TYR E 36 -46.55 14.47 5.38
N ARG E 37 -47.47 15.21 5.98
CA ARG E 37 -48.33 14.71 7.07
C ARG E 37 -49.71 14.29 6.57
N SER E 38 -50.46 15.25 6.06
CA SER E 38 -51.85 15.08 5.71
C SER E 38 -52.02 14.90 4.20
N ASN E 39 -52.56 15.93 3.54
CA ASN E 39 -52.90 15.81 2.10
C ASN E 39 -51.67 15.70 1.20
N ALA E 40 -51.65 14.67 0.38
CA ALA E 40 -50.51 14.37 -0.46
C ALA E 40 -50.50 15.18 -1.76
N GLU E 41 -51.62 15.81 -2.11
CA GLU E 41 -51.72 16.52 -3.39
C GLU E 41 -50.56 17.50 -3.57
N VAL E 42 -50.32 18.34 -2.56
CA VAL E 42 -49.27 19.35 -2.69
C VAL E 42 -47.90 18.70 -2.79
N ALA E 43 -47.67 17.63 -2.01
CA ALA E 43 -46.35 17.00 -2.01
C ALA E 43 -46.08 16.29 -3.34
N ASP E 44 -47.11 15.64 -3.89
CA ASP E 44 -47.11 14.98 -5.19
C ASP E 44 -46.86 15.99 -6.31
N ALA E 45 -47.52 17.15 -6.22
CA ALA E 45 -47.27 18.22 -7.18
C ALA E 45 -45.82 18.73 -7.11
N LEU E 46 -45.29 18.90 -5.90
CA LEU E 46 -43.89 19.32 -5.77
C LEU E 46 -42.95 18.29 -6.37
N LYS E 47 -43.18 17.00 -6.08
CA LYS E 47 -42.28 15.95 -6.56
C LYS E 47 -42.36 15.83 -8.09
N ASN E 48 -43.56 16.01 -8.65
CA ASN E 48 -43.70 16.07 -10.09
C ASN E 48 -42.93 17.25 -10.68
N GLU E 49 -43.03 18.43 -10.05
CA GLU E 49 -42.28 19.59 -10.53
C GLU E 49 -40.79 19.30 -10.54
N LEU E 50 -40.28 18.65 -9.49
CA LEU E 50 -38.84 18.40 -9.40
C LEU E 50 -38.38 17.33 -10.38
N GLU E 51 -39.21 16.31 -10.64
CA GLU E 51 -38.84 15.30 -11.62
C GLU E 51 -38.96 15.83 -13.03
N GLU E 52 -39.92 16.72 -13.29
CA GLU E 52 -40.05 17.36 -14.59
C GLU E 52 -38.86 18.26 -14.89
N LYS E 53 -38.27 18.88 -13.86
CA LYS E 53 -37.09 19.71 -14.07
C LYS E 53 -35.83 18.88 -14.26
N GLY E 54 -35.92 17.55 -14.21
CA GLY E 54 -34.78 16.68 -14.39
C GLY E 54 -34.13 16.17 -13.13
N TYR E 55 -34.77 16.30 -11.97
CA TYR E 55 -34.18 16.01 -10.68
C TYR E 55 -34.78 14.75 -10.06
N LYS E 56 -34.09 14.23 -9.04
CA LYS E 56 -34.51 13.04 -8.32
C LYS E 56 -35.35 13.43 -7.11
N ALA E 57 -36.58 12.93 -7.04
CA ALA E 57 -37.48 13.27 -5.94
C ALA E 57 -38.40 12.10 -5.63
N ALA E 58 -38.74 11.97 -4.35
CA ALA E 58 -39.73 11.00 -3.89
C ALA E 58 -40.48 11.63 -2.72
N VAL E 59 -41.73 11.22 -2.52
CA VAL E 59 -42.49 11.66 -1.37
C VAL E 59 -42.56 10.53 -0.35
N ILE E 60 -42.81 10.90 0.90
CA ILE E 60 -42.96 9.93 1.99
C ILE E 60 -43.86 10.55 3.04
N LYS E 61 -44.86 9.79 3.48
CA LYS E 61 -45.84 10.32 4.44
C LYS E 61 -45.60 9.73 5.82
N PHE E 62 -45.21 10.57 6.75
CA PHE E 62 -45.12 10.21 8.16
C PHE E 62 -45.27 11.46 8.98
N ASP E 63 -45.70 11.33 10.22
CA ASP E 63 -45.79 12.54 11.07
C ASP E 63 -44.51 12.52 11.91
N ALA E 64 -43.81 13.63 11.87
CA ALA E 64 -42.46 13.79 12.42
C ALA E 64 -42.44 13.81 13.93
N ALA E 65 -43.58 14.04 14.59
CA ALA E 65 -43.67 14.05 16.04
C ALA E 65 -44.03 12.68 16.63
N SER E 66 -44.30 11.68 15.81
CA SER E 66 -44.49 10.31 16.26
C SER E 66 -43.16 9.58 16.12
N GLU E 67 -42.66 8.95 17.19
CA GLU E 67 -41.35 8.30 17.11
C GLU E 67 -41.31 7.29 15.97
N SER E 68 -42.23 6.32 16.02
CA SER E 68 -42.18 5.12 15.17
C SER E 68 -42.33 5.45 13.69
N ASP E 69 -43.42 6.13 13.29
CA ASP E 69 -43.51 6.48 11.86
C ASP E 69 -42.22 7.13 11.37
N PHE E 70 -41.59 7.94 12.22
CA PHE E 70 -40.33 8.59 11.84
C PHE E 70 -39.27 7.52 11.61
N VAL E 71 -39.13 6.62 12.58
CA VAL E 71 -38.11 5.58 12.55
C VAL E 71 -38.33 4.65 11.36
N GLU E 72 -39.50 3.97 11.32
CA GLU E 72 -40.04 3.40 10.07
C GLU E 72 -39.56 4.07 8.79
N ALA E 73 -39.87 5.35 8.64
CA ALA E 73 -39.66 6.01 7.36
C ALA E 73 -38.17 6.15 7.03
N ILE E 74 -37.33 6.43 8.04
CA ILE E 74 -35.91 6.44 7.76
C ILE E 74 -35.40 5.03 7.45
N GLN E 75 -36.01 4.00 8.07
CA GLN E 75 -35.69 2.63 7.68
C GLN E 75 -36.07 2.36 6.21
N ALA E 76 -37.21 2.88 5.79
CA ALA E 76 -37.66 2.68 4.42
C ALA E 76 -36.71 3.34 3.44
N ILE E 77 -36.30 4.58 3.72
CA ILE E 77 -35.31 5.26 2.88
C ILE E 77 -33.99 4.50 2.88
N VAL E 78 -33.55 3.97 4.03
CA VAL E 78 -32.30 3.21 4.05
C VAL E 78 -32.40 1.98 3.15
N GLN E 79 -33.49 1.22 3.26
CA GLN E 79 -33.69 0.06 2.37
C GLN E 79 -33.83 0.41 0.90
N SER E 80 -34.46 1.54 0.58
CA SER E 80 -34.63 1.90 -0.82
C SER E 80 -33.33 2.41 -1.43
N ASP E 81 -32.66 3.34 -0.75
CA ASP E 81 -31.50 4.02 -1.33
C ASP E 81 -30.17 3.44 -0.88
N GLY E 82 -30.16 2.57 0.11
CA GLY E 82 -28.92 2.03 0.63
C GLY E 82 -28.33 2.79 1.79
N GLY E 83 -28.92 3.93 2.15
CA GLY E 83 -28.44 4.74 3.24
C GLY E 83 -29.14 6.08 3.25
N LEU E 84 -28.72 6.93 4.17
CA LEU E 84 -29.24 8.29 4.23
C LEU E 84 -28.11 9.24 4.61
N SER E 85 -27.78 10.16 3.71
CA SER E 85 -26.63 11.03 3.91
C SER E 85 -26.99 12.31 4.66
N TYR E 86 -28.14 12.92 4.40
CA TYR E 86 -28.44 14.24 4.94
C TYR E 86 -29.83 14.30 5.53
N LEU E 87 -29.98 15.04 6.62
CA LEU E 87 -31.31 15.28 7.17
C LEU E 87 -31.50 16.78 7.33
N VAL E 88 -32.71 17.26 7.06
CA VAL E 88 -33.10 18.62 7.38
C VAL E 88 -34.35 18.57 8.26
N ASN E 89 -34.21 18.90 9.54
CA ASN E 89 -35.36 18.96 10.44
C ASN E 89 -36.04 20.28 10.24
N ASN E 90 -37.07 20.29 9.41
CA ASN E 90 -37.79 21.51 9.10
C ASN E 90 -39.21 21.57 9.65
N ALA E 91 -39.82 20.43 10.02
CA ALA E 91 -41.17 20.44 10.55
C ALA E 91 -41.29 21.42 11.71
N GLY E 92 -42.26 22.31 11.61
CA GLY E 92 -42.54 23.19 12.72
C GLY E 92 -43.89 23.87 12.62
N VAL E 93 -44.51 24.14 13.76
CA VAL E 93 -45.80 24.81 13.80
C VAL E 93 -45.63 26.05 14.69
N VAL E 94 -46.62 26.92 14.63
CA VAL E 94 -46.74 28.05 15.54
C VAL E 94 -48.15 28.03 16.11
N ARG E 95 -48.30 28.46 17.35
CA ARG E 95 -49.62 28.80 17.86
C ARG E 95 -49.34 29.93 18.86
N ASP E 96 -49.35 31.15 18.33
CA ASP E 96 -48.96 32.32 19.09
C ASP E 96 -50.11 32.81 19.93
N LYS E 97 -49.76 33.42 21.07
CA LYS E 97 -50.75 33.75 22.06
C LYS E 97 -50.00 34.33 23.25
N LEU E 98 -50.55 35.34 23.91
CA LEU E 98 -49.96 35.80 25.16
C LEU E 98 -49.99 34.70 26.20
N ALA E 99 -48.95 34.66 27.03
CA ALA E 99 -48.73 33.51 27.92
C ALA E 99 -49.92 33.28 28.83
N ILE E 100 -50.46 34.35 29.41
CA ILE E 100 -51.63 34.28 30.29
C ILE E 100 -52.92 33.85 29.60
N LYS E 101 -52.94 33.79 28.27
CA LYS E 101 -54.03 33.13 27.54
C LYS E 101 -53.63 31.77 27.00
N MET E 102 -52.49 31.23 27.43
CA MET E 102 -51.94 30.01 26.86
C MET E 102 -52.14 28.86 27.83
N LYS E 103 -52.88 27.86 27.39
CA LYS E 103 -53.03 26.69 28.27
C LYS E 103 -51.78 25.83 28.09
N THR E 104 -51.45 25.06 29.09
CA THR E 104 -50.33 24.14 28.97
C THR E 104 -50.52 23.18 27.80
N GLU E 105 -51.76 22.90 27.41
CA GLU E 105 -52.01 22.17 26.18
C GLU E 105 -51.39 22.87 24.98
N ASP E 106 -51.61 24.19 24.88
CA ASP E 106 -51.06 24.99 23.79
C ASP E 106 -49.54 25.12 23.86
N PHE E 107 -48.95 24.85 25.02
CA PHE E 107 -47.50 24.81 25.15
C PHE E 107 -46.95 23.45 24.70
N HIS E 108 -47.46 22.38 25.31
CA HIS E 108 -47.05 21.01 24.98
C HIS E 108 -47.20 20.74 23.49
N HIS E 109 -48.21 21.34 22.89
CA HIS E 109 -48.58 21.09 21.47
C HIS E 109 -47.46 21.54 20.55
N VAL E 110 -46.84 22.64 20.92
CA VAL E 110 -45.74 23.23 20.16
C VAL E 110 -44.41 22.59 20.52
N ILE E 111 -44.17 22.36 21.82
CA ILE E 111 -43.02 21.57 22.26
C ILE E 111 -42.93 20.23 21.54
N ASP E 112 -43.78 19.27 21.92
CA ASP E 112 -43.93 17.98 21.21
C ASP E 112 -43.76 18.06 19.70
N ASN E 113 -44.46 18.98 19.05
CA ASN E 113 -44.48 18.93 17.60
C ASN E 113 -43.17 19.47 17.01
N ASN E 114 -42.63 20.47 17.70
CA ASN E 114 -41.50 21.32 17.24
C ASN E 114 -40.11 20.98 17.77
N LEU E 115 -39.98 20.45 18.99
CA LEU E 115 -38.67 20.08 19.54
C LEU E 115 -38.48 18.57 19.58
N THR E 116 -39.54 17.82 19.90
CA THR E 116 -39.35 16.37 20.01
C THR E 116 -39.06 15.76 18.66
N SER E 117 -39.79 16.19 17.63
CA SER E 117 -39.55 15.74 16.25
C SER E 117 -38.10 15.91 15.84
N ALA E 118 -37.50 17.06 16.15
CA ALA E 118 -36.10 17.25 15.82
C ALA E 118 -35.20 16.32 16.63
N PHE E 119 -35.58 16.00 17.88
CA PHE E 119 -34.88 14.96 18.64
C PHE E 119 -34.95 13.61 17.91
N ILE E 120 -36.15 13.18 17.48
CA ILE E 120 -36.24 11.86 16.84
C ILE E 120 -35.39 11.83 15.59
N GLY E 121 -35.47 12.89 14.78
CA GLY E 121 -34.69 12.94 13.55
C GLY E 121 -33.18 12.92 13.79
N CYS E 122 -32.71 13.77 14.73
CA CYS E 122 -31.27 13.78 15.04
C CYS E 122 -30.79 12.42 15.57
N ARG E 123 -31.61 11.77 16.42
CA ARG E 123 -31.24 10.45 16.95
C ARG E 123 -31.14 9.42 15.84
N GLU E 124 -32.16 9.37 14.99
CA GLU E 124 -32.14 8.39 13.90
C GLU E 124 -31.00 8.68 12.93
N ALA E 125 -30.62 9.95 12.78
CA ALA E 125 -29.47 10.31 11.97
C ALA E 125 -28.20 9.72 12.56
N LEU E 126 -27.97 9.94 13.86
CA LEU E 126 -26.84 9.28 14.51
C LEU E 126 -26.83 7.78 14.26
N LYS E 127 -27.99 7.13 14.30
CA LYS E 127 -28.01 5.68 14.12
C LYS E 127 -27.62 5.29 12.69
N VAL E 128 -28.30 5.88 11.70
CA VAL E 128 -28.12 5.44 10.32
C VAL E 128 -26.91 6.03 9.62
N MET E 129 -26.27 7.05 10.18
CA MET E 129 -25.09 7.66 9.58
C MET E 129 -23.77 7.23 10.23
N SER E 130 -23.83 6.60 11.41
CA SER E 130 -22.59 6.25 12.12
C SER E 130 -21.75 5.25 11.35
N LYS E 131 -22.43 4.28 10.74
CA LYS E 131 -21.75 3.18 10.02
C LYS E 131 -20.74 3.74 9.03
N SER E 132 -21.25 4.49 8.07
CA SER E 132 -20.44 5.08 6.99
C SER E 132 -19.58 6.24 7.45
N ARG E 133 -19.63 6.58 8.74
CA ARG E 133 -18.83 7.67 9.30
C ARG E 133 -18.95 8.93 8.44
N PHE E 134 -20.18 9.23 8.01
CA PHE E 134 -20.42 10.41 7.19
C PHE E 134 -21.89 10.79 7.27
N GLY E 135 -22.15 12.08 7.45
CA GLY E 135 -23.50 12.57 7.46
C GLY E 135 -23.57 14.02 7.88
N SER E 136 -24.66 14.70 7.55
CA SER E 136 -24.83 16.08 7.97
C SER E 136 -26.31 16.42 8.12
N VAL E 137 -26.61 17.18 9.18
CA VAL E 137 -27.97 17.40 9.64
C VAL E 137 -28.15 18.89 9.93
N VAL E 138 -29.22 19.47 9.44
CA VAL E 138 -29.45 20.91 9.67
C VAL E 138 -30.81 21.10 10.30
N ASN E 139 -30.91 21.94 11.30
CA ASN E 139 -32.17 22.17 12.01
C ASN E 139 -32.67 23.57 11.76
N ILE E 140 -33.89 23.72 11.31
CA ILE E 140 -34.36 25.08 11.03
C ILE E 140 -34.93 25.65 12.29
N ALA E 141 -34.23 26.57 12.91
CA ALA E 141 -34.71 27.19 14.16
C ALA E 141 -35.30 28.54 13.79
N SER E 142 -35.13 29.52 14.64
CA SER E 142 -35.70 30.84 14.32
C SER E 142 -34.97 31.89 15.09
N ILE E 143 -35.08 33.12 14.63
CA ILE E 143 -34.45 34.22 15.37
C ILE E 143 -35.25 34.34 16.66
N ILE E 144 -36.44 33.75 16.74
CA ILE E 144 -37.16 33.82 17.99
C ILE E 144 -36.49 32.97 19.07
N GLY E 145 -35.93 31.82 18.69
CA GLY E 145 -35.18 30.99 19.62
C GLY E 145 -33.87 31.61 20.10
N GLU E 146 -33.40 32.65 19.43
CA GLU E 146 -32.20 33.35 19.87
C GLU E 146 -32.51 34.62 20.64
N ARG E 147 -33.69 35.14 20.45
CA ARG E 147 -33.92 36.43 21.12
C ARG E 147 -35.25 36.45 21.86
N GLY E 148 -36.21 35.54 21.60
CA GLY E 148 -37.50 35.61 22.26
C GLY E 148 -38.44 36.63 21.64
N ASN E 149 -39.73 36.48 21.88
CA ASN E 149 -40.69 37.37 21.24
C ASN E 149 -41.99 37.34 22.03
N MET E 150 -42.62 38.50 22.12
CA MET E 150 -43.93 38.59 22.77
C MET E 150 -44.93 37.68 22.09
N GLY E 151 -45.74 37.00 22.89
CA GLY E 151 -46.70 36.05 22.36
C GLY E 151 -46.09 34.79 21.81
N GLN E 152 -44.78 34.58 21.97
CA GLN E 152 -44.11 33.39 21.45
C GLN E 152 -43.26 32.74 22.54
N THR E 153 -43.82 32.61 23.74
CA THR E 153 -43.18 31.80 24.76
C THR E 153 -43.03 30.35 24.30
N ASN E 154 -44.09 29.75 23.73
CA ASN E 154 -43.99 28.35 23.34
C ASN E 154 -43.02 28.17 22.18
N TYR E 155 -43.16 29.02 21.15
CA TYR E 155 -42.34 28.89 19.95
C TYR E 155 -40.86 29.18 20.22
N SER E 156 -40.59 30.19 21.07
CA SER E 156 -39.20 30.48 21.44
C SER E 156 -38.62 29.38 22.31
N ALA E 157 -39.39 28.86 23.27
CA ALA E 157 -38.93 27.69 24.02
C ALA E 157 -38.50 26.59 23.07
N SER E 158 -39.34 26.27 22.08
CA SER E 158 -39.06 25.12 21.22
C SER E 158 -37.84 25.39 20.35
N LYS E 159 -37.68 26.61 19.85
CA LYS E 159 -36.57 26.86 18.93
C LYS E 159 -35.24 27.08 19.67
N GLY E 160 -35.26 27.71 20.85
CA GLY E 160 -34.04 27.77 21.65
C GLY E 160 -33.62 26.41 22.16
N GLY E 161 -34.60 25.58 22.55
CA GLY E 161 -34.29 24.20 22.86
C GLY E 161 -33.65 23.51 21.67
N MET E 162 -34.18 23.77 20.47
CA MET E 162 -33.59 23.15 19.29
C MET E 162 -32.14 23.54 19.14
N ILE E 163 -31.85 24.83 19.28
CA ILE E 163 -30.50 25.33 19.05
C ILE E 163 -29.52 24.71 20.04
N ALA E 164 -29.94 24.48 21.29
CA ALA E 164 -28.98 23.86 22.22
C ALA E 164 -28.86 22.35 22.01
N MET E 165 -30.01 21.69 21.82
CA MET E 165 -30.01 20.26 21.54
C MET E 165 -29.11 19.94 20.35
N SER E 166 -29.09 20.84 19.35
CA SER E 166 -28.31 20.60 18.13
C SER E 166 -26.81 20.61 18.42
N LYS E 167 -26.36 21.44 19.36
CA LYS E 167 -24.95 21.39 19.75
C LYS E 167 -24.62 20.10 20.50
N SER E 168 -25.52 19.68 21.40
CA SER E 168 -25.28 18.39 22.04
C SER E 168 -25.14 17.27 21.01
N PHE E 169 -26.03 17.25 20.02
CA PHE E 169 -25.94 16.23 18.99
C PHE E 169 -24.64 16.34 18.21
N ALA E 170 -24.12 17.56 18.04
CA ALA E 170 -22.83 17.75 17.38
C ALA E 170 -21.70 17.09 18.15
N TYR E 171 -21.70 17.25 19.48
CA TYR E 171 -20.75 16.51 20.30
C TYR E 171 -20.88 15.01 20.07
N GLU E 172 -22.11 14.49 20.11
CA GLU E 172 -22.28 13.05 20.04
C GLU E 172 -21.92 12.49 18.68
N GLY E 173 -22.09 13.28 17.61
CA GLY E 173 -21.87 12.79 16.27
C GLY E 173 -20.51 13.16 15.68
N ALA E 174 -19.74 14.00 16.38
CA ALA E 174 -18.48 14.49 15.81
C ALA E 174 -17.53 13.36 15.44
N LEU E 175 -17.36 12.40 16.34
CA LEU E 175 -16.23 11.50 16.20
C LEU E 175 -16.41 10.54 15.02
N ARG E 176 -17.66 10.32 14.59
CA ARG E 176 -18.01 9.58 13.40
C ARG E 176 -18.34 10.51 12.24
N ASN E 177 -17.84 11.73 12.32
CA ASN E 177 -17.87 12.75 11.27
C ASN E 177 -19.32 13.19 10.94
N ILE E 178 -20.25 13.01 11.86
CA ILE E 178 -21.63 13.42 11.64
C ILE E 178 -21.80 14.83 12.20
N ARG E 179 -22.16 15.77 11.33
CA ARG E 179 -22.20 17.18 11.67
C ARG E 179 -23.64 17.64 11.86
N PHE E 180 -23.87 18.42 12.92
CA PHE E 180 -25.16 18.99 13.24
C PHE E 180 -25.02 20.50 13.31
N ASN E 181 -25.84 21.21 12.56
CA ASN E 181 -25.86 22.66 12.60
C ASN E 181 -27.30 23.12 12.61
N SER E 182 -27.48 24.40 12.91
CA SER E 182 -28.79 25.02 12.92
C SER E 182 -28.79 26.27 12.05
N VAL E 183 -29.96 26.61 11.55
CA VAL E 183 -30.17 27.85 10.80
C VAL E 183 -31.28 28.61 11.51
N THR E 184 -31.07 29.90 11.70
CA THR E 184 -32.04 30.74 12.40
C THR E 184 -32.54 31.81 11.45
N PRO E 185 -33.52 31.49 10.60
CA PRO E 185 -34.08 32.50 9.71
C PRO E 185 -34.67 33.65 10.51
N GLY E 186 -34.73 34.81 9.87
CA GLY E 186 -35.45 35.92 10.47
C GLY E 186 -36.87 35.93 9.95
N PHE E 187 -37.31 37.07 9.40
CA PHE E 187 -38.65 37.19 8.75
C PHE E 187 -38.53 36.78 7.29
N ILE E 188 -39.27 35.77 6.84
CA ILE E 188 -39.30 35.26 5.43
C ILE E 188 -40.76 35.31 4.93
N GLU E 189 -41.06 35.13 3.64
CA GLU E 189 -42.51 35.08 3.27
C GLU E 189 -43.14 33.72 3.62
N ASP E 203 -43.63 47.79 8.15
CA ASP E 203 -44.20 46.96 9.24
C ASP E 203 -43.04 46.30 9.97
N TYR E 204 -42.88 45.00 9.78
CA TYR E 204 -41.76 44.18 10.29
C TYR E 204 -40.47 44.67 9.66
N VAL E 205 -40.54 45.07 8.38
CA VAL E 205 -39.42 45.54 7.52
C VAL E 205 -38.78 46.82 8.01
N LYS E 206 -39.40 47.59 8.88
CA LYS E 206 -38.74 48.82 9.37
C LYS E 206 -37.42 48.48 10.03
N ASN E 207 -37.38 47.45 10.84
CA ASN E 207 -36.18 47.12 11.59
C ASN E 207 -35.19 46.27 10.79
N ILE E 208 -35.42 45.96 9.55
CA ILE E 208 -34.38 45.12 8.89
C ILE E 208 -33.44 46.04 8.15
N PRO E 209 -32.12 45.95 8.37
CA PRO E 209 -31.17 46.79 7.69
C PRO E 209 -31.26 46.62 6.18
N LEU E 210 -31.49 45.42 5.65
CA LEU E 210 -31.61 45.13 4.18
C LEU E 210 -32.94 45.59 3.60
N ASN E 211 -33.86 46.07 4.42
CA ASN E 211 -35.13 46.72 4.07
C ASN E 211 -36.04 45.81 3.27
N ARG E 212 -36.00 44.52 3.54
CA ARG E 212 -36.88 43.58 2.85
C ARG E 212 -36.97 42.30 3.66
N LEU E 213 -37.98 41.49 3.39
CA LEU E 213 -38.07 40.17 4.03
C LEU E 213 -37.19 39.22 3.26
N GLY E 214 -36.90 38.10 3.84
CA GLY E 214 -36.03 37.19 3.12
C GLY E 214 -36.77 36.29 2.19
N ALA E 215 -36.06 35.67 1.30
CA ALA E 215 -36.67 34.68 0.42
C ALA E 215 -36.43 33.28 0.96
N ALA E 216 -37.40 32.38 0.75
CA ALA E 216 -37.23 30.98 1.15
C ALA E 216 -35.97 30.40 0.56
N LYS E 217 -35.66 30.80 -0.68
CA LYS E 217 -34.50 30.22 -1.42
C LYS E 217 -33.18 30.65 -0.79
N GLU E 218 -33.18 31.77 -0.06
CA GLU E 218 -31.95 32.19 0.64
C GLU E 218 -31.70 31.37 1.91
N VAL E 219 -32.79 31.10 2.67
CA VAL E 219 -32.73 30.12 3.75
C VAL E 219 -32.25 28.80 3.20
N ALA E 220 -32.84 28.39 2.07
CA ALA E 220 -32.57 27.06 1.53
C ALA E 220 -31.10 26.93 1.12
N GLU E 221 -30.52 27.99 0.55
CA GLU E 221 -29.09 27.96 0.20
C GLU E 221 -28.18 27.96 1.43
N ALA E 222 -28.57 28.65 2.51
CA ALA E 222 -27.81 28.45 3.75
C ALA E 222 -27.86 26.98 4.18
N VAL E 223 -29.03 26.35 4.05
CA VAL E 223 -29.17 24.92 4.39
C VAL E 223 -28.20 24.08 3.57
N ALA E 224 -28.12 24.32 2.25
CA ALA E 224 -27.19 23.50 1.45
C ALA E 224 -25.77 23.68 1.90
N PHE E 225 -25.37 24.94 2.12
CA PHE E 225 -24.01 25.19 2.59
C PHE E 225 -23.72 24.40 3.84
N LEU E 226 -24.70 24.32 4.75
CA LEU E 226 -24.41 23.54 5.96
C LEU E 226 -24.36 22.05 5.68
N LEU E 227 -25.22 21.55 4.77
CA LEU E 227 -25.14 20.14 4.39
C LEU E 227 -23.86 19.83 3.61
N SER E 228 -23.39 20.77 2.78
CA SER E 228 -22.41 20.47 1.75
C SER E 228 -21.02 20.17 2.33
N ASP E 229 -20.08 19.87 1.45
CA ASP E 229 -18.71 19.54 1.91
C ASP E 229 -17.92 20.83 2.08
N HIS E 230 -18.51 21.92 1.68
CA HIS E 230 -17.85 23.20 1.93
C HIS E 230 -17.79 23.56 3.41
N SER E 231 -18.73 23.06 4.23
CA SER E 231 -18.76 23.32 5.66
C SER E 231 -18.20 22.17 6.48
N SER E 232 -17.28 21.39 5.90
CA SER E 232 -16.90 20.12 6.52
C SER E 232 -16.26 20.30 7.89
N TYR E 233 -15.87 21.53 8.26
CA TYR E 233 -15.27 21.80 9.57
C TYR E 233 -16.20 22.67 10.43
N ILE E 234 -17.49 22.61 10.16
CA ILE E 234 -18.47 23.46 10.80
C ILE E 234 -19.55 22.57 11.41
N THR E 235 -19.54 22.43 12.75
CA THR E 235 -20.54 21.63 13.46
C THR E 235 -20.94 22.38 14.72
N GLY E 236 -22.16 22.13 15.19
CA GLY E 236 -22.63 22.79 16.40
C GLY E 236 -22.67 24.29 16.29
N GLU E 237 -22.89 24.80 15.07
CA GLU E 237 -22.87 26.21 14.81
C GLU E 237 -24.29 26.63 14.44
N THR E 238 -24.59 27.90 14.61
CA THR E 238 -25.94 28.43 14.52
C THR E 238 -25.94 29.58 13.52
N LEU E 239 -26.37 29.34 12.29
CA LEU E 239 -26.11 30.26 11.19
C LEU E 239 -27.28 31.22 10.97
N LYS E 240 -27.05 32.50 11.21
CA LYS E 240 -28.12 33.50 11.18
C LYS E 240 -28.42 33.93 9.75
N VAL E 241 -29.68 33.84 9.36
CA VAL E 241 -30.15 34.23 8.02
C VAL E 241 -31.31 35.20 8.19
N ASN E 242 -31.01 36.41 8.67
CA ASN E 242 -32.05 37.34 9.09
C ASN E 242 -31.84 38.75 8.56
N GLY E 243 -30.96 38.94 7.58
CA GLY E 243 -30.81 40.26 6.98
C GLY E 243 -30.26 41.37 7.87
N GLY E 244 -29.58 41.05 8.97
CA GLY E 244 -29.13 42.09 9.88
C GLY E 244 -30.10 42.42 10.99
N LEU E 245 -31.22 41.69 11.08
CA LEU E 245 -32.22 41.95 12.11
C LEU E 245 -31.66 41.70 13.50
N TYR E 246 -30.73 40.75 13.64
CA TYR E 246 -30.13 40.37 14.90
C TYR E 246 -28.67 40.08 14.61
N MET E 247 -27.79 40.55 15.49
CA MET E 247 -26.37 40.25 15.33
C MET E 247 -25.70 39.93 16.67
N MET F 1 -27.91 43.83 50.29
CA MET F 1 -28.61 44.10 49.00
C MET F 1 -30.03 44.61 49.22
N GLN F 2 -30.43 45.62 48.47
CA GLN F 2 -31.72 46.27 48.70
C GLN F 2 -32.89 45.62 47.93
N PHE F 3 -34.02 45.44 48.61
CA PHE F 3 -35.22 44.84 48.01
C PHE F 3 -36.45 45.68 48.31
N THR F 4 -37.12 46.15 47.25
CA THR F 4 -38.44 46.78 47.41
C THR F 4 -39.50 45.76 47.77
N GLY F 5 -39.43 44.57 47.20
CA GLY F 5 -40.41 43.55 47.50
C GLY F 5 -40.18 42.91 48.86
N LYS F 6 -41.16 42.11 49.27
CA LYS F 6 -41.13 41.52 50.61
C LYS F 6 -41.01 40.01 50.63
N ASN F 7 -41.43 39.32 49.57
CA ASN F 7 -41.47 37.87 49.64
C ASN F 7 -41.12 37.25 48.28
N VAL F 8 -40.75 35.97 48.34
CA VAL F 8 -40.17 35.22 47.23
C VAL F 8 -40.58 33.76 47.31
N LEU F 9 -41.05 33.22 46.19
CA LEU F 9 -41.25 31.77 46.08
C LEU F 9 -40.09 31.17 45.29
N ILE F 10 -39.54 30.07 45.80
CA ILE F 10 -38.43 29.35 45.20
C ILE F 10 -38.86 27.91 44.98
N THR F 11 -39.02 27.50 43.73
CA THR F 11 -39.40 26.12 43.43
C THR F 11 -38.20 25.20 43.62
N GLY F 12 -38.49 23.95 43.98
CA GLY F 12 -37.46 22.96 44.29
C GLY F 12 -36.37 23.44 45.23
N ALA F 13 -36.77 24.01 46.37
CA ALA F 13 -35.85 24.72 47.25
C ALA F 13 -35.45 23.95 48.50
N SER F 14 -35.71 22.63 48.55
CA SER F 14 -35.51 21.89 49.79
C SER F 14 -34.07 21.45 50.03
N LYS F 15 -33.21 21.51 49.01
CA LYS F 15 -31.79 21.20 49.18
C LYS F 15 -30.99 21.89 48.09
N GLY F 16 -29.68 21.65 48.11
CA GLY F 16 -28.78 22.13 47.09
C GLY F 16 -28.88 23.61 46.82
N ILE F 17 -28.80 23.95 45.53
CA ILE F 17 -28.77 25.35 45.12
C ILE F 17 -30.05 26.04 45.55
N GLY F 18 -31.20 25.37 45.41
CA GLY F 18 -32.46 25.97 45.85
C GLY F 18 -32.46 26.34 47.32
N ALA F 19 -32.02 25.41 48.18
CA ALA F 19 -31.92 25.68 49.61
C ALA F 19 -31.00 26.86 49.90
N GLU F 20 -29.86 26.90 49.20
CA GLU F 20 -28.93 28.01 49.45
C GLU F 20 -29.50 29.34 48.99
N ILE F 21 -30.21 29.35 47.85
CA ILE F 21 -30.94 30.55 47.48
C ILE F 21 -31.87 30.97 48.61
N ALA F 22 -32.57 29.99 49.20
CA ALA F 22 -33.53 30.29 50.26
C ALA F 22 -32.84 30.94 51.46
N ARG F 23 -31.78 30.32 51.97
CA ARG F 23 -31.01 30.94 53.04
C ARG F 23 -30.61 32.35 52.68
N THR F 24 -30.07 32.54 51.47
CA THR F 24 -29.43 33.81 51.13
C THR F 24 -30.47 34.93 51.15
N LEU F 25 -31.56 34.72 50.39
CA LEU F 25 -32.66 35.68 50.37
C LEU F 25 -33.26 35.88 51.75
N ALA F 26 -33.35 34.82 52.55
CA ALA F 26 -33.90 34.95 53.90
C ALA F 26 -33.03 35.88 54.76
N SER F 27 -31.71 35.67 54.75
CA SER F 27 -30.83 36.53 55.54
C SER F 27 -30.91 37.96 55.03
N MET F 28 -31.35 38.15 53.80
CA MET F 28 -31.46 39.49 53.23
C MET F 28 -32.80 40.17 53.53
N GLY F 29 -33.63 39.57 54.37
CA GLY F 29 -34.82 40.22 54.84
C GLY F 29 -36.10 39.86 54.12
N LEU F 30 -36.04 38.96 53.15
CA LEU F 30 -37.23 38.51 52.46
C LEU F 30 -37.85 37.33 53.20
N LYS F 31 -39.18 37.21 53.08
CA LYS F 31 -39.87 36.02 53.55
C LYS F 31 -39.85 34.99 52.43
N VAL F 32 -39.20 33.86 52.67
CA VAL F 32 -38.93 32.89 51.62
C VAL F 32 -39.97 31.78 51.72
N TRP F 33 -40.55 31.41 50.59
CA TRP F 33 -41.44 30.26 50.51
C TRP F 33 -40.67 29.11 49.90
N ILE F 34 -40.50 28.03 50.65
CA ILE F 34 -39.63 26.91 50.27
C ILE F 34 -40.53 25.82 49.69
N ASN F 35 -40.56 25.71 48.36
CA ASN F 35 -41.23 24.58 47.70
C ASN F 35 -40.45 23.27 47.77
N TYR F 36 -41.22 22.20 47.93
CA TYR F 36 -40.78 20.82 47.90
C TYR F 36 -41.90 19.97 47.30
N ARG F 37 -41.52 18.84 46.71
CA ARG F 37 -42.49 17.92 46.13
C ARG F 37 -42.84 16.76 47.07
N SER F 38 -41.85 15.95 47.43
CA SER F 38 -42.10 14.68 48.09
C SER F 38 -41.94 14.76 49.61
N ASN F 39 -40.87 14.17 50.14
CA ASN F 39 -40.68 14.15 51.58
C ASN F 39 -40.49 15.57 52.11
N ALA F 40 -41.21 15.89 53.18
CA ALA F 40 -41.18 17.24 53.73
C ALA F 40 -40.04 17.47 54.71
N GLU F 41 -39.48 16.40 55.29
CA GLU F 41 -38.59 16.53 56.43
C GLU F 41 -37.43 17.48 56.15
N VAL F 42 -36.82 17.38 54.97
CA VAL F 42 -35.68 18.25 54.64
C VAL F 42 -36.13 19.71 54.51
N ALA F 43 -37.32 19.93 53.94
CA ALA F 43 -37.85 21.29 53.77
C ALA F 43 -38.23 21.90 55.12
N ASP F 44 -38.88 21.11 55.99
CA ASP F 44 -39.15 21.58 57.34
C ASP F 44 -37.86 21.90 58.09
N ALA F 45 -36.82 21.08 57.92
CA ALA F 45 -35.56 21.34 58.59
C ALA F 45 -34.93 22.65 58.12
N LEU F 46 -34.96 22.90 56.80
CA LEU F 46 -34.47 24.17 56.26
C LEU F 46 -35.25 25.35 56.83
N LYS F 47 -36.59 25.22 56.84
CA LYS F 47 -37.45 26.28 57.35
C LYS F 47 -37.11 26.58 58.81
N ASN F 48 -36.96 25.53 59.62
CA ASN F 48 -36.61 25.68 61.03
C ASN F 48 -35.25 26.34 61.21
N GLU F 49 -34.25 25.90 60.43
CA GLU F 49 -32.93 26.54 60.48
C GLU F 49 -33.02 28.03 60.17
N LEU F 50 -33.67 28.37 59.07
CA LEU F 50 -33.84 29.77 58.71
C LEU F 50 -34.54 30.57 59.81
N GLU F 51 -35.43 29.95 60.59
CA GLU F 51 -36.19 30.78 61.54
C GLU F 51 -35.53 30.85 62.92
N GLU F 52 -34.68 29.89 63.25
CA GLU F 52 -33.88 30.07 64.40
C GLU F 52 -32.83 31.10 64.11
N LYS F 53 -32.45 31.29 62.84
CA LYS F 53 -31.48 32.32 62.57
C LYS F 53 -32.09 33.71 62.64
N GLY F 54 -33.41 33.79 62.81
CA GLY F 54 -34.10 35.07 62.93
C GLY F 54 -34.78 35.56 61.67
N TYR F 55 -35.00 34.71 60.68
CA TYR F 55 -35.47 35.10 59.34
C TYR F 55 -36.91 34.64 59.12
N LYS F 56 -37.53 35.10 58.03
CA LYS F 56 -38.91 34.73 57.74
C LYS F 56 -38.91 33.58 56.74
N ALA F 57 -39.60 32.48 57.06
CA ALA F 57 -39.62 31.36 56.13
C ALA F 57 -40.91 30.57 56.28
N ALA F 58 -41.29 29.89 55.19
CA ALA F 58 -42.44 28.99 55.20
C ALA F 58 -42.26 27.95 54.12
N VAL F 59 -42.86 26.78 54.31
CA VAL F 59 -42.82 25.72 53.32
C VAL F 59 -44.13 25.70 52.55
N ILE F 60 -44.09 25.07 51.37
CA ILE F 60 -45.26 24.86 50.51
C ILE F 60 -45.02 23.62 49.66
N LYS F 61 -46.04 22.79 49.57
CA LYS F 61 -45.99 21.54 48.82
C LYS F 61 -46.69 21.73 47.49
N PHE F 62 -45.96 21.57 46.38
CA PHE F 62 -46.58 21.46 45.07
C PHE F 62 -45.56 20.96 44.06
N ASP F 63 -46.07 20.27 43.05
CA ASP F 63 -45.29 19.81 41.90
C ASP F 63 -45.23 20.94 40.88
N ALA F 64 -44.05 21.51 40.68
CA ALA F 64 -43.93 22.67 39.79
C ALA F 64 -44.29 22.35 38.35
N ALA F 65 -44.29 21.08 37.97
CA ALA F 65 -44.65 20.65 36.62
C ALA F 65 -46.16 20.49 36.43
N SER F 66 -46.97 20.69 37.47
CA SER F 66 -48.42 20.56 37.38
C SER F 66 -49.03 21.96 37.37
N GLU F 67 -49.87 22.23 36.37
CA GLU F 67 -50.42 23.58 36.22
C GLU F 67 -51.33 23.95 37.40
N SER F 68 -52.39 23.16 37.60
CA SER F 68 -53.33 23.43 38.69
C SER F 68 -52.60 23.64 40.01
N ASP F 69 -51.63 22.81 40.29
CA ASP F 69 -50.97 22.73 41.58
C ASP F 69 -50.08 23.95 41.80
N PHE F 70 -49.30 24.31 40.78
CA PHE F 70 -48.46 25.51 40.86
C PHE F 70 -49.35 26.74 41.08
N VAL F 71 -50.42 26.81 40.28
CA VAL F 71 -51.32 27.96 40.28
C VAL F 71 -51.95 28.14 41.66
N GLU F 72 -52.54 27.08 42.20
CA GLU F 72 -53.17 27.16 43.52
C GLU F 72 -52.15 27.48 44.61
N ALA F 73 -50.95 26.90 44.51
CA ALA F 73 -49.87 27.31 45.40
C ALA F 73 -49.68 28.82 45.41
N ILE F 74 -49.53 29.42 44.22
CA ILE F 74 -49.24 30.85 44.24
C ILE F 74 -50.46 31.63 44.75
N GLN F 75 -51.68 31.20 44.40
CA GLN F 75 -52.88 31.84 44.95
C GLN F 75 -52.86 31.83 46.48
N ALA F 76 -52.50 30.69 47.08
CA ALA F 76 -52.36 30.61 48.52
C ALA F 76 -51.34 31.60 49.04
N ILE F 77 -50.19 31.71 48.36
CA ILE F 77 -49.18 32.67 48.77
C ILE F 77 -49.77 34.08 48.76
N VAL F 78 -50.52 34.42 47.70
CA VAL F 78 -50.99 35.80 47.54
C VAL F 78 -52.03 36.11 48.62
N GLN F 79 -52.81 35.10 49.00
CA GLN F 79 -53.82 35.25 50.04
C GLN F 79 -53.16 35.43 51.41
N SER F 80 -52.08 34.67 51.67
CA SER F 80 -51.40 34.73 52.96
C SER F 80 -50.63 36.03 53.14
N ASP F 81 -49.92 36.46 52.10
CA ASP F 81 -48.96 37.55 52.20
C ASP F 81 -49.45 38.85 51.59
N GLY F 82 -50.56 38.83 50.85
CA GLY F 82 -51.05 40.00 50.16
C GLY F 82 -50.58 40.13 48.73
N GLY F 83 -49.58 39.34 48.34
CA GLY F 83 -49.02 39.42 47.00
C GLY F 83 -47.81 38.52 46.89
N LEU F 84 -47.14 38.61 45.75
CA LEU F 84 -45.87 37.91 45.56
C LEU F 84 -44.93 38.81 44.79
N SER F 85 -43.81 39.16 45.44
CA SER F 85 -42.86 40.09 44.84
C SER F 85 -41.90 39.38 43.90
N TYR F 86 -41.37 38.21 44.29
CA TYR F 86 -40.26 37.59 43.59
C TYR F 86 -40.51 36.11 43.35
N LEU F 87 -40.07 35.63 42.18
CA LEU F 87 -40.13 34.20 41.88
C LEU F 87 -38.80 33.70 41.33
N VAL F 88 -38.38 32.54 41.80
CA VAL F 88 -37.16 31.87 41.35
C VAL F 88 -37.56 30.48 40.87
N ASN F 89 -37.53 30.26 39.55
CA ASN F 89 -37.81 28.95 38.98
C ASN F 89 -36.52 28.14 39.01
N ASN F 90 -36.42 27.29 40.04
CA ASN F 90 -35.24 26.48 40.26
C ASN F 90 -35.49 25.00 40.04
N ALA F 91 -36.74 24.55 40.09
CA ALA F 91 -37.04 23.13 39.94
C ALA F 91 -36.49 22.58 38.64
N GLY F 92 -35.74 21.51 38.75
CA GLY F 92 -35.20 20.83 37.58
C GLY F 92 -34.67 19.45 37.91
N VAL F 93 -34.68 18.57 36.93
CA VAL F 93 -34.09 17.25 37.09
C VAL F 93 -33.13 17.01 35.94
N VAL F 94 -32.37 15.94 36.07
CA VAL F 94 -31.39 15.50 35.10
C VAL F 94 -31.59 14.02 34.84
N ARG F 95 -31.52 13.61 33.58
CA ARG F 95 -31.51 12.21 33.20
C ARG F 95 -30.53 12.08 32.01
N ASP F 96 -29.24 12.13 32.31
CA ASP F 96 -28.19 12.08 31.30
C ASP F 96 -28.06 10.69 30.72
N LYS F 97 -28.04 10.63 29.38
CA LYS F 97 -27.76 9.44 28.60
C LYS F 97 -27.36 9.86 27.20
N LEU F 98 -26.52 9.06 26.55
CA LEU F 98 -26.25 9.28 25.14
C LEU F 98 -27.55 9.21 24.35
N ALA F 99 -27.64 10.03 23.30
CA ALA F 99 -28.92 10.22 22.61
C ALA F 99 -29.45 8.90 22.04
N ILE F 100 -28.57 8.04 21.53
CA ILE F 100 -29.01 6.80 20.93
C ILE F 100 -29.56 5.80 21.94
N LYS F 101 -29.22 5.96 23.23
CA LYS F 101 -29.80 5.16 24.30
C LYS F 101 -31.02 5.83 24.90
N MET F 102 -31.48 6.94 24.34
CA MET F 102 -32.45 7.81 24.99
C MET F 102 -33.84 7.59 24.41
N LYS F 103 -34.79 7.21 25.27
CA LYS F 103 -36.20 7.09 24.91
C LYS F 103 -36.78 8.48 24.71
N THR F 104 -37.75 8.58 23.81
CA THR F 104 -38.48 9.84 23.77
C THR F 104 -39.14 10.13 25.11
N GLU F 105 -39.47 9.08 25.86
CA GLU F 105 -39.95 9.24 27.24
C GLU F 105 -38.94 9.99 28.09
N ASP F 106 -37.66 9.61 27.99
CA ASP F 106 -36.60 10.26 28.74
C ASP F 106 -36.35 11.69 28.26
N PHE F 107 -36.74 11.99 27.02
CA PHE F 107 -36.70 13.37 26.57
C PHE F 107 -37.87 14.17 27.15
N HIS F 108 -39.09 13.62 27.03
CA HIS F 108 -40.27 14.29 27.56
C HIS F 108 -40.14 14.57 29.04
N HIS F 109 -39.67 13.60 29.81
CA HIS F 109 -39.65 13.80 31.26
C HIS F 109 -38.83 15.03 31.62
N VAL F 110 -37.63 15.14 31.04
CA VAL F 110 -36.78 16.28 31.33
C VAL F 110 -37.38 17.57 30.79
N ILE F 111 -37.95 17.54 29.58
CA ILE F 111 -38.55 18.74 29.01
C ILE F 111 -39.71 19.22 29.89
N ASP F 112 -40.68 18.35 30.14
CA ASP F 112 -41.85 18.72 30.92
C ASP F 112 -41.44 19.21 32.30
N ASN F 113 -40.50 18.52 32.94
CA ASN F 113 -40.18 18.89 34.32
C ASN F 113 -39.37 20.17 34.40
N ASN F 114 -38.48 20.43 33.44
CA ASN F 114 -37.56 21.56 33.56
C ASN F 114 -38.03 22.81 32.86
N LEU F 115 -38.79 22.66 31.76
CA LEU F 115 -39.16 23.80 30.95
C LEU F 115 -40.62 24.20 31.11
N THR F 116 -41.53 23.22 31.14
CA THR F 116 -42.93 23.54 31.39
C THR F 116 -43.11 24.19 32.75
N SER F 117 -42.42 23.67 33.77
CA SER F 117 -42.51 24.25 35.11
C SER F 117 -42.15 25.73 35.10
N ALA F 118 -41.05 26.09 34.44
CA ALA F 118 -40.68 27.49 34.37
C ALA F 118 -41.74 28.30 33.62
N PHE F 119 -42.36 27.70 32.59
CA PHE F 119 -43.40 28.41 31.87
C PHE F 119 -44.57 28.75 32.80
N ILE F 120 -45.03 27.76 33.56
CA ILE F 120 -46.13 28.02 34.50
C ILE F 120 -45.73 29.09 35.50
N GLY F 121 -44.54 28.95 36.09
CA GLY F 121 -44.06 29.95 37.04
C GLY F 121 -44.09 31.34 36.47
N CYS F 122 -43.50 31.51 35.28
CA CYS F 122 -43.42 32.84 34.69
C CYS F 122 -44.80 33.39 34.35
N ARG F 123 -45.70 32.51 33.86
CA ARG F 123 -47.05 32.96 33.49
C ARG F 123 -47.81 33.45 34.71
N GLU F 124 -47.79 32.67 35.79
CA GLU F 124 -48.45 33.09 37.02
C GLU F 124 -47.82 34.33 37.63
N ALA F 125 -46.49 34.48 37.53
CA ALA F 125 -45.88 35.72 37.99
C ALA F 125 -46.40 36.91 37.19
N LEU F 126 -46.54 36.76 35.87
CA LEU F 126 -47.15 37.82 35.08
C LEU F 126 -48.51 38.20 35.65
N LYS F 127 -49.32 37.17 35.95
CA LYS F 127 -50.66 37.39 36.48
C LYS F 127 -50.65 38.16 37.79
N VAL F 128 -49.87 37.70 38.77
CA VAL F 128 -49.97 38.23 40.14
C VAL F 128 -49.10 39.45 40.41
N MET F 129 -48.16 39.78 39.52
CA MET F 129 -47.29 40.94 39.71
C MET F 129 -47.71 42.12 38.84
N SER F 130 -48.56 41.89 37.83
CA SER F 130 -48.96 42.95 36.94
C SER F 130 -49.64 44.06 37.70
N LYS F 131 -50.29 43.72 38.80
CA LYS F 131 -51.28 44.67 39.30
C LYS F 131 -50.61 45.78 40.12
N SER F 132 -49.48 45.45 40.76
CA SER F 132 -48.67 46.41 41.51
C SER F 132 -47.56 47.05 40.67
N ARG F 133 -47.57 46.86 39.35
CA ARG F 133 -46.44 47.29 38.52
C ARG F 133 -45.08 46.94 39.09
N PHE F 134 -44.90 45.76 39.68
CA PHE F 134 -43.60 45.44 40.26
C PHE F 134 -43.40 43.94 40.36
N GLY F 135 -42.20 43.49 40.01
CA GLY F 135 -41.82 42.09 40.18
C GLY F 135 -40.51 41.69 39.54
N SER F 136 -39.92 40.61 40.04
CA SER F 136 -38.69 40.08 39.48
C SER F 136 -38.72 38.56 39.50
N VAL F 137 -38.40 37.98 38.35
CA VAL F 137 -38.36 36.54 38.17
C VAL F 137 -36.99 36.13 37.68
N VAL F 138 -36.49 35.01 38.20
CA VAL F 138 -35.16 34.52 37.85
C VAL F 138 -35.27 33.04 37.54
N ASN F 139 -34.80 32.65 36.37
CA ASN F 139 -34.83 31.26 35.94
C ASN F 139 -33.44 30.67 36.14
N ILE F 140 -33.36 29.55 36.84
CA ILE F 140 -32.08 28.89 37.03
C ILE F 140 -31.85 28.01 35.80
N ALA F 141 -30.97 28.46 34.91
CA ALA F 141 -30.65 27.66 33.73
C ALA F 141 -29.33 26.91 33.96
N SER F 142 -28.43 26.93 32.98
CA SER F 142 -27.19 26.16 33.05
C SER F 142 -26.24 26.58 31.93
N ILE F 143 -24.96 26.31 32.15
CA ILE F 143 -23.98 26.43 31.07
C ILE F 143 -24.27 25.41 29.99
N ILE F 144 -24.89 24.28 30.34
CA ILE F 144 -25.24 23.28 29.34
C ILE F 144 -26.27 23.86 28.37
N GLY F 145 -27.12 24.77 28.85
CA GLY F 145 -28.07 25.43 27.99
C GLY F 145 -27.46 26.37 26.97
N GLU F 146 -26.32 26.99 27.28
CA GLU F 146 -25.68 27.84 26.29
C GLU F 146 -24.74 27.05 25.39
N ARG F 147 -23.99 26.10 25.95
CA ARG F 147 -22.93 25.45 25.22
C ARG F 147 -23.30 24.08 24.69
N GLY F 148 -24.26 23.40 25.32
CA GLY F 148 -24.55 22.02 24.98
C GLY F 148 -23.55 21.10 25.65
N ASN F 149 -23.81 19.80 25.60
CA ASN F 149 -22.95 18.82 26.24
C ASN F 149 -23.33 17.46 25.69
N MET F 150 -22.33 16.60 25.56
CA MET F 150 -22.55 15.23 25.14
C MET F 150 -23.27 14.45 26.24
N GLY F 151 -24.28 13.67 25.84
CA GLY F 151 -25.10 12.94 26.78
C GLY F 151 -26.24 13.73 27.37
N GLN F 152 -26.36 15.03 27.07
CA GLN F 152 -27.35 15.90 27.68
C GLN F 152 -28.17 16.64 26.62
N THR F 153 -28.49 15.96 25.52
CA THR F 153 -29.45 16.52 24.56
C THR F 153 -30.73 17.00 25.26
N ASN F 154 -31.30 16.18 26.16
CA ASN F 154 -32.55 16.57 26.82
C ASN F 154 -32.34 17.77 27.73
N TYR F 155 -31.38 17.67 28.65
CA TYR F 155 -31.15 18.78 29.59
C TYR F 155 -30.78 20.05 28.83
N SER F 156 -29.91 19.94 27.82
CA SER F 156 -29.55 21.13 27.08
C SER F 156 -30.74 21.72 26.34
N ALA F 157 -31.60 20.87 25.75
CA ALA F 157 -32.81 21.40 25.13
C ALA F 157 -33.66 22.15 26.14
N SER F 158 -33.84 21.59 27.33
CA SER F 158 -34.75 22.20 28.30
C SER F 158 -34.20 23.55 28.79
N LYS F 159 -32.90 23.59 29.08
CA LYS F 159 -32.33 24.83 29.61
C LYS F 159 -32.13 25.90 28.53
N GLY F 160 -31.76 25.51 27.31
CA GLY F 160 -31.73 26.48 26.23
C GLY F 160 -33.11 27.03 25.94
N GLY F 161 -34.12 26.15 25.89
CA GLY F 161 -35.50 26.62 25.81
C GLY F 161 -35.84 27.62 26.89
N MET F 162 -35.38 27.36 28.11
CA MET F 162 -35.69 28.25 29.22
C MET F 162 -35.03 29.62 29.04
N ILE F 163 -33.78 29.64 28.57
CA ILE F 163 -33.08 30.90 28.34
C ILE F 163 -33.82 31.76 27.31
N ALA F 164 -34.33 31.13 26.25
CA ALA F 164 -35.05 31.90 25.22
C ALA F 164 -36.47 32.30 25.67
N MET F 165 -37.15 31.40 26.38
CA MET F 165 -38.48 31.70 26.88
C MET F 165 -38.44 32.85 27.87
N SER F 166 -37.42 32.87 28.72
CA SER F 166 -37.30 33.94 29.71
C SER F 166 -37.19 35.30 29.04
N LYS F 167 -36.52 35.36 27.87
CA LYS F 167 -36.46 36.63 27.14
C LYS F 167 -37.83 37.02 26.60
N SER F 168 -38.57 36.05 26.05
CA SER F 168 -39.96 36.35 25.66
C SER F 168 -40.78 36.92 26.83
N PHE F 169 -40.65 36.31 28.00
CA PHE F 169 -41.38 36.78 29.18
C PHE F 169 -40.91 38.17 29.61
N ALA F 170 -39.62 38.45 29.44
CA ALA F 170 -39.12 39.80 29.70
C ALA F 170 -39.84 40.81 28.82
N TYR F 171 -40.00 40.48 27.54
CA TYR F 171 -40.74 41.38 26.65
C TYR F 171 -42.16 41.60 27.14
N GLU F 172 -42.80 40.53 27.61
CA GLU F 172 -44.21 40.63 27.98
C GLU F 172 -44.42 41.33 29.32
N GLY F 173 -43.46 41.27 30.22
CA GLY F 173 -43.63 41.90 31.52
C GLY F 173 -42.99 43.27 31.62
N ALA F 174 -42.23 43.66 30.61
CA ALA F 174 -41.43 44.88 30.72
C ALA F 174 -42.29 46.11 30.99
N LEU F 175 -43.43 46.22 30.31
CA LEU F 175 -44.23 47.44 30.44
C LEU F 175 -44.78 47.59 31.85
N ARG F 176 -44.90 46.49 32.60
CA ARG F 176 -45.51 46.55 33.91
C ARG F 176 -44.44 46.53 35.00
N ASN F 177 -43.17 46.77 34.65
CA ASN F 177 -42.04 46.69 35.59
C ASN F 177 -41.91 45.30 36.22
N ILE F 178 -42.10 44.26 35.41
CA ILE F 178 -41.83 42.89 35.81
C ILE F 178 -40.61 42.41 35.01
N ARG F 179 -39.51 42.13 35.70
CA ARG F 179 -38.27 41.76 35.05
C ARG F 179 -38.07 40.25 35.06
N PHE F 180 -37.53 39.72 33.96
CA PHE F 180 -37.22 38.30 33.82
C PHE F 180 -35.76 38.17 33.39
N ASN F 181 -35.03 37.29 34.07
CA ASN F 181 -33.63 37.06 33.76
C ASN F 181 -33.30 35.61 34.07
N SER F 182 -32.19 35.13 33.51
CA SER F 182 -31.71 33.78 33.75
C SER F 182 -30.34 33.83 34.41
N VAL F 183 -30.05 32.78 35.17
CA VAL F 183 -28.70 32.50 35.65
C VAL F 183 -28.24 31.19 35.04
N THR F 184 -27.00 31.14 34.54
CA THR F 184 -26.41 29.91 34.00
C THR F 184 -25.20 29.51 34.83
N PRO F 185 -25.40 28.75 35.90
CA PRO F 185 -24.26 28.25 36.67
C PRO F 185 -23.41 27.30 35.84
N GLY F 186 -22.11 27.31 36.12
CA GLY F 186 -21.24 26.30 35.55
C GLY F 186 -21.27 24.99 36.33
N PHE F 187 -20.13 24.59 36.85
CA PHE F 187 -20.03 23.37 37.70
C PHE F 187 -20.12 23.78 39.15
N ILE F 188 -21.08 23.27 39.86
CA ILE F 188 -21.25 23.73 41.26
C ILE F 188 -21.04 22.56 42.19
N GLU F 189 -20.32 22.75 43.29
CA GLU F 189 -20.05 21.63 44.22
C GLU F 189 -21.35 21.13 44.83
N THR F 190 -21.49 19.81 44.93
CA THR F 190 -22.66 19.06 45.44
C THR F 190 -23.44 19.83 46.51
N ASP F 203 -10.08 17.70 37.65
CA ASP F 203 -10.48 17.03 36.42
C ASP F 203 -11.35 17.98 35.62
N TYR F 204 -12.62 18.12 36.01
CA TYR F 204 -13.43 19.20 35.47
C TYR F 204 -12.87 20.56 35.86
N VAL F 205 -12.10 20.59 36.95
CA VAL F 205 -11.63 21.86 37.47
C VAL F 205 -10.54 22.43 36.58
N LYS F 206 -9.98 21.59 35.69
CA LYS F 206 -8.89 22.01 34.81
C LYS F 206 -9.29 23.17 33.92
N ASN F 207 -10.48 23.08 33.30
CA ASN F 207 -10.95 24.05 32.31
C ASN F 207 -11.61 25.25 32.94
N ILE F 208 -11.75 25.32 34.27
CA ILE F 208 -12.24 26.43 34.97
C ILE F 208 -11.08 27.40 35.25
N PRO F 209 -11.00 28.57 34.65
CA PRO F 209 -9.91 29.50 34.99
C PRO F 209 -9.74 29.72 36.48
N LEU F 210 -10.81 30.12 37.19
CA LEU F 210 -10.73 30.32 38.64
C LEU F 210 -10.26 29.08 39.38
N ASN F 211 -10.23 27.92 38.72
CA ASN F 211 -9.55 26.73 39.20
C ASN F 211 -10.20 26.15 40.47
N ARG F 212 -11.53 26.19 40.52
CA ARG F 212 -12.29 25.59 41.61
C ARG F 212 -13.73 25.42 41.15
N LEU F 213 -14.46 24.54 41.84
CA LEU F 213 -15.90 24.51 41.66
C LEU F 213 -16.56 25.70 42.36
N GLY F 214 -17.77 26.02 41.93
CA GLY F 214 -18.47 27.15 42.50
C GLY F 214 -19.27 26.77 43.72
N ALA F 215 -19.34 27.70 44.67
CA ALA F 215 -20.19 27.49 45.81
C ALA F 215 -21.64 27.78 45.44
N ALA F 216 -22.56 26.98 46.01
CA ALA F 216 -23.97 27.27 45.81
C ALA F 216 -24.31 28.68 46.27
N LYS F 217 -23.58 29.19 47.24
CA LYS F 217 -23.81 30.54 47.67
C LYS F 217 -23.51 31.55 46.57
N GLU F 218 -22.47 31.28 45.75
CA GLU F 218 -22.11 32.22 44.68
C GLU F 218 -23.16 32.28 43.58
N VAL F 219 -23.91 31.18 43.38
CA VAL F 219 -25.08 31.23 42.52
C VAL F 219 -26.20 32.02 43.19
N ALA F 220 -26.43 31.75 44.48
CA ALA F 220 -27.56 32.35 45.19
C ALA F 220 -27.43 33.87 45.27
N GLU F 221 -26.22 34.38 45.41
CA GLU F 221 -26.04 35.83 45.45
C GLU F 221 -26.23 36.47 44.08
N ALA F 222 -25.96 35.73 43.00
CA ALA F 222 -26.29 36.23 41.67
C ALA F 222 -27.81 36.30 41.48
N VAL F 223 -28.49 35.22 41.85
CA VAL F 223 -29.96 35.24 41.86
C VAL F 223 -30.45 36.45 42.66
N ALA F 224 -29.88 36.63 43.85
CA ALA F 224 -30.29 37.73 44.71
C ALA F 224 -30.09 39.08 44.03
N PHE F 225 -28.94 39.28 43.36
CA PHE F 225 -28.71 40.50 42.60
C PHE F 225 -29.81 40.73 41.56
N LEU F 226 -30.17 39.67 40.83
CA LEU F 226 -31.14 39.84 39.77
C LEU F 226 -32.53 40.13 40.30
N LEU F 227 -32.84 39.65 41.52
CA LEU F 227 -34.11 40.03 42.17
C LEU F 227 -34.05 41.44 42.76
N SER F 228 -32.90 41.83 43.31
CA SER F 228 -32.80 43.06 44.09
C SER F 228 -33.15 44.29 43.25
N ASP F 229 -33.27 45.42 43.93
CA ASP F 229 -33.47 46.71 43.27
C ASP F 229 -32.25 47.15 42.48
N HIS F 230 -31.10 46.52 42.73
CA HIS F 230 -29.86 46.95 42.11
C HIS F 230 -29.81 46.66 40.62
N SER F 231 -30.55 45.64 40.17
CA SER F 231 -30.62 45.30 38.75
C SER F 231 -31.89 45.83 38.10
N SER F 232 -32.36 47.01 38.53
CA SER F 232 -33.67 47.50 38.11
C SER F 232 -33.73 47.82 36.62
N TYR F 233 -32.60 48.08 35.96
CA TYR F 233 -32.59 48.32 34.53
C TYR F 233 -32.09 47.12 33.73
N ILE F 234 -32.12 45.93 34.34
CA ILE F 234 -31.63 44.71 33.71
C ILE F 234 -32.79 43.74 33.56
N THR F 235 -33.20 43.49 32.32
CA THR F 235 -34.19 42.46 32.05
C THR F 235 -33.82 41.72 30.76
N GLY F 236 -34.23 40.46 30.68
CA GLY F 236 -33.91 39.66 29.51
C GLY F 236 -32.47 39.22 29.40
N GLU F 237 -31.71 39.30 30.48
CA GLU F 237 -30.30 38.98 30.49
C GLU F 237 -30.08 37.54 30.95
N THR F 238 -28.94 36.98 30.51
CA THR F 238 -28.44 35.68 30.98
C THR F 238 -27.11 35.91 31.67
N LEU F 239 -27.07 35.66 32.98
CA LEU F 239 -25.89 35.95 33.80
C LEU F 239 -25.12 34.66 34.05
N LYS F 240 -23.92 34.58 33.47
CA LYS F 240 -23.10 33.37 33.58
C LYS F 240 -22.36 33.37 34.91
N VAL F 241 -22.51 32.30 35.67
CA VAL F 241 -21.81 32.09 36.93
C VAL F 241 -21.05 30.79 36.81
N ASN F 242 -19.91 30.83 36.10
CA ASN F 242 -19.21 29.59 35.77
C ASN F 242 -17.71 29.66 36.00
N GLY F 243 -17.21 30.71 36.67
CA GLY F 243 -15.79 30.83 36.92
C GLY F 243 -14.94 30.96 35.69
N GLY F 244 -15.50 31.49 34.60
CA GLY F 244 -14.76 31.64 33.36
C GLY F 244 -14.75 30.40 32.48
N LEU F 245 -15.45 29.34 32.88
CA LEU F 245 -15.53 28.11 32.10
C LEU F 245 -16.12 28.34 30.71
N TYR F 246 -16.92 29.39 30.55
CA TYR F 246 -17.53 29.73 29.27
C TYR F 246 -17.70 31.24 29.20
N MET F 247 -17.09 31.88 28.21
CA MET F 247 -17.28 33.31 28.04
C MET F 247 -17.81 33.68 26.65
#